data_7XT4
#
_entry.id   7XT4
#
_cell.length_a   1.00
_cell.length_b   1.00
_cell.length_c   1.00
_cell.angle_alpha   90.00
_cell.angle_beta   90.00
_cell.angle_gamma   90.00
#
_symmetry.space_group_name_H-M   'P 1'
#
loop_
_entity.id
_entity.type
_entity.pdbx_description
1 polymer 'CHAT domain protein'
2 polymer "RNA (5'-R(P*GP*GP*GP*GP*CP*AP*GP*AP*AP*AP*AP*UP*UP*GP*GP*GP*UP*AP*CP*CP*G)-3')"
3 polymer 'RAMP superfamily protein'
4 polymer 'RNA (34-MER)'
5 non-polymer 'ZINC ION'
#
loop_
_entity_poly.entity_id
_entity_poly.type
_entity_poly.pdbx_seq_one_letter_code
_entity_poly.pdbx_strand_id
1 'polypeptide(L)'
;MNNTEENIDRIQEPTREDIDRKEAERLLDEAFNPRTKPVDRKKIINSALKILIGLYKEKKDDLTSASFISIARAYYLVSI
TILPKGTTIPEKKKEALRKGIEFIDRAINKFNGSILDSQRAFRIKSVLSIEFNRIDREKCDNIKLKNLLNEAVDKGCTDF
DTYEWDIQIAIRLCELGVDMEGHFDNLIKSNKANDLQKAKAYYFIKKDDHKAKEHMDKCTASLKYTPCSHRLWDETVGFI
ERLKGDSSTLWRDFAIKTYRSCRVQEKETGTLRLRWYWSRHRVLYDMAFLAVKEQADDEEPDVNVKQAKIKKLAEISDSL
KSRFSLRLSDMEKMPKSDDESNHEFKKFLDKCVTAYQDGYVINRSEDKEGQGENKSTTSKQPEPRPQAKLLELTQVPEGW
VVVHFYLNKLEGMGNAIVFDKCANSWQYKEFQYKELFEVFLTWQANYNLYKENAAEHLVTLCKKIGETMPFLFCDNFIPN
GKDVLFVPHDFLHRLPLHGSIENKTNGKLFLENHSCCYLPAWSFASEKEASTSDEYVLLKNFDQGHFETLQNNQIWGTQS
VKDGASSDDLENIRNNPRLLTILCHGEANMSNPFRSMLKLANGGITYLEILNSVKGLKGSQVILGACETDLVPPLSDVMD
EHYSVATALLLIGAAGVVGTMWKVRSNKTKSLIEWKLENIEYKLNEWQKETGGAAYKDHPPTFYRSIAFRSIGFPL
;
C
2 'polyribonucleotide' CUCUAGUAACAGCCGUGGAGUCCGGGGCAGAAAAUUGGGUACCGUG a
3 'polypeptide(L)'
;MKSNDMNITVELTFFEPYRLVEWFDWDARKKSHSAMRGQAFAQWTWKGKGRTAGKSFITGTLVRSAVIKAVEELLSLNNG
KWEGVPCCNGSFQTDESKGKKPSFLRKRHTLQWQANNKNICDKEEACPFCILLGRFDNAGKVHERNKDYDIHFSNFDLDH
KQEKNDLRLVDIASGRILNRVDFDTGKAKDYFRTWEADYETYGTYTGRITLRNEHAKKLLLASLGFVDKLCGALCRIEVI
KKSESPLPSDTKEQSYTKDDTVEVLSEDHNDELRKQAEVIVEAFKQNDKLEKIRILADAIRTLRLHGEGVIEKDELPDGK
EERDKGHHLWDIKVQGTALRTKLKELWQSNKDIGWRKFTEMLGSNLYLIYKKETGGVSTRFRILGDTEYYSKAHDSEGSD
LFIPVTPPEGIETKEWIIVGRLKAATPFYFGVQQPSDSIPGKEKKSEDSLVINEHTSFNILLDKENRYRIPRSALRGALR
RDLRTAFGSGCNVSLGGQILCNCKVCIEMRRITLKDSVSDFSEPPEIRYRIAKNPGTATVEDGSLFDIEVGPEGLTFPFV
LRYRGHKFPEQLSSVIRYWEENDGKNGMAWLGGLDSTGKGRFALKDIKIFEWDLNQKINEYIKERGMRGKEKELLEMGES
SLPDGLIPYKFFEERECLFPYKENLKPQWSEVQYTIEVGSPLLTADTISALTEPGNRDAIAYKKRVYNDGNNAIEPEPRF
AVKSETHRGIFRTAVGRRTGDLGKEDHEDCTCDMCIIFGNEHESSKIRFEDLELINGNEFEKLEKHIDHVAIDRFTGGAL
DKAKFDTYPLAGSPKKPLKLKGRFWIKKGFSGDHKLLITTALSDIRDGLYPLGSKGGVGYGWVAGISIDDNVPDDFKEMI
NKTEMPLPEEVEESNNGPINNDYVHPGHQSPKQDHKNKNIYYPHYFLDSGSKVYREKDIITHEEFTEELLSGKINCKLET
LTPLIIPDTSDENGLKLQGNKPGHKNYKFFNINGELMIPGSELRGMLRTHFEALTKSCFAIFGEDSTLSWRMNADEKDYK
IDSNSIRKMESQRNPKYRIPDELQKELRNSGNGLFNRLYTSERRFWSDVSNKFENSIDYKREILRCAGRPKNYKGGIIRQ
RKDSLMAEELKVHRLPLYDNFDIPDSAYKANDHCRKSATCSTSRGCRERFTCGIKVRDKNRVFLNAANNNRQYLNNIKKS
NHDLYLQYLKGEKKIRFNSKVITGSERSPIDVIAELNERGRQTGFIKLSGLNNSNKSQGNTGTTFNSGWDRFELNILLDD
LETRPSKSDYPRPRLLFTKDQYEYNITKRCERVFEIDKGNKTGYPVDDQIKKNYEDILDSYDGIKDQEVAERFDTFTRGS
KLKVGDLVYFHIDGDNKIDSLIPVRISRKCASKTLGGKLDKALHPCTGLSDGLCPGCHLFGTTDYKGRVKFGFAKYENGP
EWLITRGNNPERSLTLGVLESPRPAFSIPDDESEIPGRKFYLHHNGWRIIRQKQLEIRETVQPERNVTTEVMDKGNVFSF
DVRFENLREWELGLLLQSLDPGKNIAHKLGKGKPYGFGSVKIKIDSLHTFKINSNNDKIKRVPQSDIREYINKGYQKLIE
WSGNNSIQKGNVLPQWHVIPHIDKLYKLLWVPFLNDSKLEPDVRYPVLNEESKGYIEGSDYTYKKLGDKDNLPYKTRVKG
LTTPWSPWNPFQVIAEHEEQEVNVTGSRPSVTDKIERDGKMV
;
B
4 'polyribonucleotide' GACUUAAUGUCACGGUACCCAAUUUUCUGCCCCGGACUCCACGGCUGUUACUAGAG r
#
loop_
_chem_comp.id
_chem_comp.type
_chem_comp.name
_chem_comp.formula
A RNA linking ADENOSINE-5'-MONOPHOSPHATE 'C10 H14 N5 O7 P'
C RNA linking CYTIDINE-5'-MONOPHOSPHATE 'C9 H14 N3 O8 P'
G RNA linking GUANOSINE-5'-MONOPHOSPHATE 'C10 H14 N5 O8 P'
U RNA linking URIDINE-5'-MONOPHOSPHATE 'C9 H13 N2 O9 P'
ZN non-polymer 'ZINC ION' 'Zn 2'
#
# COMPACT_ATOMS: atom_id res chain seq x y z
N THR A 15 38.97 5.42 14.28
CA THR A 15 38.30 5.98 15.45
C THR A 15 36.87 6.38 15.09
N ARG A 16 36.57 6.43 13.80
CA ARG A 16 35.18 6.59 13.36
C ARG A 16 34.38 5.33 13.65
N GLU A 17 35.00 4.17 13.46
CA GLU A 17 34.37 2.90 13.81
C GLU A 17 34.13 2.81 15.32
N ASP A 18 35.06 3.36 16.11
CA ASP A 18 34.92 3.36 17.56
C ASP A 18 33.71 4.18 18.00
N ILE A 19 33.55 5.39 17.44
CA ILE A 19 32.47 6.26 17.91
C ILE A 19 31.13 5.80 17.34
N ASP A 20 31.13 5.24 16.13
CA ASP A 20 29.90 4.64 15.60
C ASP A 20 29.48 3.41 16.40
N ARG A 21 30.44 2.60 16.82
CA ARG A 21 30.14 1.44 17.64
C ARG A 21 29.67 1.83 19.03
N LYS A 22 30.20 2.94 19.56
CA LYS A 22 29.75 3.40 20.87
C LYS A 22 28.35 4.00 20.81
N GLU A 23 28.02 4.72 19.73
CA GLU A 23 26.66 5.21 19.56
C GLU A 23 25.67 4.08 19.28
N ALA A 24 26.13 2.98 18.69
CA ALA A 24 25.27 1.80 18.56
C ALA A 24 25.15 1.04 19.88
N GLU A 25 26.21 0.99 20.68
CA GLU A 25 26.17 0.24 21.93
C GLU A 25 25.37 0.99 22.99
N ARG A 26 25.32 2.31 22.91
CA ARG A 26 24.45 3.07 23.81
C ARG A 26 22.99 2.79 23.50
N LEU A 27 22.65 2.74 22.20
CA LEU A 27 21.27 2.46 21.79
C LEU A 27 20.88 1.02 22.12
N LEU A 28 21.83 0.09 21.99
CA LEU A 28 21.57 -1.31 22.34
C LEU A 28 21.28 -1.48 23.82
N ASP A 29 22.06 -0.81 24.67
CA ASP A 29 21.85 -0.92 26.11
C ASP A 29 20.64 -0.14 26.58
N GLU A 30 20.24 0.90 25.83
CA GLU A 30 18.99 1.58 26.16
C GLU A 30 17.78 0.74 25.73
N ALA A 31 17.92 -0.03 24.65
CA ALA A 31 16.86 -0.95 24.25
C ALA A 31 16.80 -2.17 25.17
N PHE A 32 17.93 -2.48 25.81
CA PHE A 32 18.02 -3.60 26.75
C PHE A 32 17.69 -3.17 28.18
N ASN A 33 16.93 -2.09 28.33
CA ASN A 33 16.57 -1.56 29.63
C ASN A 33 15.15 -2.01 29.95
N PRO A 34 14.91 -2.64 31.12
CA PRO A 34 13.55 -3.08 31.45
C PRO A 34 12.55 -1.99 31.83
N ARG A 35 12.93 -0.72 31.67
CA ARG A 35 11.98 0.37 31.84
C ARG A 35 11.59 0.99 30.51
N THR A 36 11.87 0.31 29.40
CA THR A 36 11.55 0.80 28.06
C THR A 36 10.34 0.03 27.53
N LYS A 37 9.41 0.75 26.93
CA LYS A 37 8.27 0.11 26.28
C LYS A 37 8.75 -0.62 25.02
N PRO A 38 8.13 -1.74 24.66
CA PRO A 38 8.60 -2.51 23.48
C PRO A 38 8.40 -1.78 22.16
N VAL A 39 7.41 -0.90 22.07
CA VAL A 39 7.18 -0.13 20.84
C VAL A 39 8.33 0.84 20.60
N ASP A 40 8.94 1.35 21.66
CA ASP A 40 10.16 2.14 21.51
C ASP A 40 11.36 1.23 21.26
N ARG A 41 11.34 0.03 21.86
CA ARG A 41 12.48 -0.87 21.81
C ARG A 41 12.75 -1.36 20.40
N LYS A 42 11.68 -1.63 19.64
CA LYS A 42 11.83 -2.08 18.26
C LYS A 42 12.50 -1.02 17.39
N LYS A 43 12.04 0.23 17.51
CA LYS A 43 12.60 1.32 16.70
C LYS A 43 14.03 1.63 17.08
N ILE A 44 14.33 1.64 18.39
CA ILE A 44 15.68 1.92 18.86
C ILE A 44 16.65 0.84 18.40
N ILE A 45 16.24 -0.43 18.50
CA ILE A 45 17.17 -1.50 18.18
C ILE A 45 17.31 -1.64 16.66
N ASN A 46 16.28 -1.24 15.90
CA ASN A 46 16.41 -1.22 14.45
C ASN A 46 17.27 -0.06 13.97
N SER A 47 17.28 1.07 14.68
CA SER A 47 18.19 2.15 14.33
C SER A 47 19.64 1.77 14.62
N ALA A 48 19.88 1.12 15.76
CA ALA A 48 21.23 0.66 16.09
C ALA A 48 21.72 -0.40 15.09
N LEU A 49 20.84 -1.34 14.73
CA LEU A 49 21.21 -2.33 13.72
C LEU A 49 21.40 -1.68 12.36
N LYS A 50 20.67 -0.60 12.07
CA LYS A 50 20.85 0.13 10.82
C LYS A 50 22.23 0.77 10.74
N ILE A 51 22.67 1.41 11.83
CA ILE A 51 23.97 2.10 11.76
C ILE A 51 25.12 1.10 11.77
N LEU A 52 24.94 -0.05 12.46
CA LEU A 52 25.96 -1.10 12.39
C LEU A 52 26.01 -1.73 11.00
N ILE A 53 24.85 -1.90 10.37
CA ILE A 53 24.79 -2.49 9.03
C ILE A 53 25.37 -1.54 8.00
N GLY A 54 25.17 -0.23 8.18
CA GLY A 54 25.79 0.74 7.30
C GLY A 54 27.30 0.80 7.45
N LEU A 55 27.79 0.65 8.69
CA LEU A 55 29.23 0.51 8.92
C LEU A 55 29.77 -0.71 8.21
N TYR A 56 29.05 -1.84 8.27
CA TYR A 56 29.44 -3.04 7.55
C TYR A 56 29.44 -2.81 6.03
N LYS A 57 28.43 -2.10 5.53
CA LYS A 57 28.30 -1.86 4.09
C LYS A 57 29.45 -1.03 3.57
N GLU A 58 29.90 -0.03 4.34
CA GLU A 58 31.02 0.78 3.88
C GLU A 58 32.37 0.08 4.15
N LYS A 59 32.58 -0.73 5.19
CA LYS A 59 33.91 -1.38 5.56
C LYS A 59 33.73 -2.85 5.51
N LYS A 60 33.13 -3.38 4.48
CA LYS A 60 32.61 -4.76 4.32
C LYS A 60 33.43 -5.87 4.97
N ASP A 61 34.74 -5.96 4.76
CA ASP A 61 35.49 -7.10 5.28
C ASP A 61 36.56 -6.69 6.29
N ASP A 62 36.68 -5.39 6.57
CA ASP A 62 37.71 -4.88 7.46
C ASP A 62 37.20 -4.55 8.85
N LEU A 63 36.03 -5.05 9.22
CA LEU A 63 35.49 -4.77 10.55
C LEU A 63 36.30 -5.48 11.62
N THR A 64 36.44 -4.84 12.78
CA THR A 64 37.02 -5.52 13.92
C THR A 64 35.99 -6.44 14.55
N SER A 65 36.48 -7.32 15.44
CA SER A 65 35.58 -8.25 16.13
C SER A 65 34.67 -7.52 17.11
N ALA A 66 35.13 -6.36 17.62
CA ALA A 66 34.36 -5.61 18.60
C ALA A 66 33.05 -5.07 18.01
N SER A 67 33.04 -4.79 16.70
CA SER A 67 31.79 -4.41 16.04
C SER A 67 30.96 -5.62 15.64
N PHE A 68 31.62 -6.74 15.37
CA PHE A 68 30.91 -7.97 15.01
C PHE A 68 30.08 -8.49 16.16
N ILE A 69 30.62 -8.38 17.39
CA ILE A 69 29.86 -8.77 18.59
C ILE A 69 28.65 -7.86 18.77
N SER A 70 28.78 -6.58 18.41
CA SER A 70 27.64 -5.66 18.51
C SER A 70 26.56 -6.01 17.49
N ILE A 71 26.98 -6.40 16.27
CA ILE A 71 26.02 -6.83 15.24
C ILE A 71 25.30 -8.10 15.69
N ALA A 72 26.03 -9.03 16.30
CA ALA A 72 25.42 -10.28 16.74
C ALA A 72 24.48 -10.06 17.93
N ARG A 73 24.82 -9.12 18.81
CA ARG A 73 23.93 -8.80 19.92
C ARG A 73 22.67 -8.10 19.44
N ALA A 74 22.78 -7.24 18.42
CA ALA A 74 21.60 -6.64 17.81
C ALA A 74 20.73 -7.68 17.14
N TYR A 75 21.34 -8.70 16.53
CA TYR A 75 20.56 -9.78 15.92
C TYR A 75 19.86 -10.63 16.97
N TYR A 76 20.51 -10.86 18.11
CA TYR A 76 19.86 -11.53 19.23
C TYR A 76 18.68 -10.72 19.75
N LEU A 77 18.84 -9.40 19.84
CA LEU A 77 17.78 -8.57 20.41
C LEU A 77 16.60 -8.41 19.45
N VAL A 78 16.84 -8.38 18.14
CA VAL A 78 15.70 -8.39 17.22
C VAL A 78 15.06 -9.77 17.19
N SER A 79 15.83 -10.83 17.45
CA SER A 79 15.24 -12.15 17.59
C SER A 79 14.35 -12.24 18.82
N ILE A 80 14.63 -11.42 19.84
CA ILE A 80 13.77 -11.38 21.02
C ILE A 80 12.43 -10.73 20.69
N THR A 81 12.44 -9.58 20.03
CA THR A 81 11.26 -8.75 19.88
C THR A 81 10.38 -9.12 18.70
N ILE A 82 10.61 -10.25 18.05
CA ILE A 82 9.77 -10.73 16.97
C ILE A 82 8.81 -11.73 17.58
N LEU A 83 7.54 -11.39 17.59
CA LEU A 83 6.48 -12.16 18.22
C LEU A 83 5.81 -13.08 17.20
N PRO A 84 5.42 -14.28 17.63
CA PRO A 84 4.63 -15.15 16.74
C PRO A 84 3.21 -14.61 16.62
N LYS A 85 2.81 -14.28 15.38
CA LYS A 85 1.48 -13.75 15.12
C LYS A 85 0.50 -14.85 14.73
N GLY A 86 0.83 -16.10 15.01
CA GLY A 86 -0.04 -17.20 14.71
C GLY A 86 0.32 -18.39 15.56
N THR A 87 0.19 -19.57 14.96
CA THR A 87 0.49 -20.81 15.65
C THR A 87 1.87 -21.36 15.32
N THR A 88 2.62 -20.73 14.42
CA THR A 88 3.92 -21.21 13.99
C THR A 88 5.00 -20.22 14.35
N ILE A 89 6.24 -20.71 14.45
CA ILE A 89 7.38 -19.81 14.67
C ILE A 89 7.66 -19.05 13.39
N PRO A 90 7.74 -17.71 13.43
CA PRO A 90 7.95 -16.94 12.19
C PRO A 90 9.35 -17.12 11.63
N GLU A 91 9.47 -16.89 10.32
CA GLU A 91 10.74 -17.09 9.63
C GLU A 91 11.74 -16.00 9.98
N LYS A 92 11.25 -14.84 10.42
CA LYS A 92 12.13 -13.71 10.74
C LYS A 92 13.00 -14.00 11.94
N LYS A 93 12.49 -14.74 12.92
CA LYS A 93 13.28 -15.06 14.11
C LYS A 93 14.41 -16.02 13.78
N LYS A 94 14.12 -17.04 12.98
CA LYS A 94 15.14 -17.98 12.53
C LYS A 94 16.18 -17.29 11.66
N GLU A 95 15.74 -16.33 10.82
CA GLU A 95 16.67 -15.61 9.98
C GLU A 95 17.58 -14.69 10.79
N ALA A 96 17.02 -14.04 11.82
CA ALA A 96 17.81 -13.18 12.70
C ALA A 96 18.86 -13.97 13.47
N LEU A 97 18.47 -15.15 13.98
CA LEU A 97 19.43 -15.99 14.68
C LEU A 97 20.51 -16.53 13.75
N ARG A 98 20.13 -16.87 12.51
CA ARG A 98 21.09 -17.38 11.54
C ARG A 98 22.11 -16.30 11.16
N LYS A 99 21.63 -15.07 10.95
CA LYS A 99 22.52 -13.98 10.58
C LYS A 99 23.44 -13.60 11.73
N GLY A 100 22.94 -13.64 12.97
CA GLY A 100 23.81 -13.40 14.11
C GLY A 100 24.86 -14.47 14.28
N ILE A 101 24.51 -15.73 13.98
CA ILE A 101 25.46 -16.83 14.04
C ILE A 101 26.60 -16.64 13.03
N GLU A 102 26.27 -16.27 11.79
CA GLU A 102 27.35 -16.12 10.82
C GLU A 102 28.17 -14.83 11.04
N PHE A 103 27.51 -13.78 11.55
CA PHE A 103 28.23 -12.55 11.87
C PHE A 103 29.16 -12.74 13.07
N ILE A 104 28.86 -13.69 13.95
CA ILE A 104 29.80 -14.01 15.01
C ILE A 104 30.86 -15.01 14.52
N ASP A 105 30.50 -15.79 13.50
CA ASP A 105 31.45 -16.75 12.92
C ASP A 105 32.60 -16.05 12.22
N ARG A 106 32.33 -14.93 11.56
CA ARG A 106 33.43 -14.17 10.97
C ARG A 106 34.31 -13.50 12.04
N ALA A 107 33.73 -13.20 13.20
CA ALA A 107 34.53 -12.69 14.32
C ALA A 107 35.44 -13.79 14.88
N ILE A 108 34.95 -15.02 14.91
CA ILE A 108 35.79 -16.15 15.33
C ILE A 108 36.89 -16.41 14.30
N ASN A 109 36.58 -16.24 13.02
CA ASN A 109 37.61 -16.37 11.99
C ASN A 109 38.57 -15.18 11.96
N LYS A 110 38.21 -14.08 12.64
CA LYS A 110 39.11 -12.93 12.77
C LYS A 110 40.11 -13.11 13.93
N PHE A 111 40.32 -14.36 14.36
CA PHE A 111 40.99 -14.76 15.62
C PHE A 111 42.38 -14.18 15.91
N ASN A 112 42.81 -14.35 17.16
CA ASN A 112 44.00 -13.89 17.88
C ASN A 112 43.89 -12.49 18.45
N GLY A 113 42.69 -11.94 18.60
CA GLY A 113 42.46 -10.73 19.36
C GLY A 113 42.61 -10.92 20.87
N SER A 114 41.88 -10.10 21.62
CA SER A 114 41.99 -10.07 23.07
C SER A 114 41.42 -11.33 23.71
N ILE A 115 41.80 -11.56 24.97
CA ILE A 115 41.39 -12.77 25.68
C ILE A 115 39.92 -12.69 26.11
N LEU A 116 39.45 -11.51 26.51
CA LEU A 116 38.05 -11.37 26.94
C LEU A 116 37.12 -11.35 25.74
N ASP A 117 37.64 -10.97 24.57
CA ASP A 117 36.84 -10.96 23.35
C ASP A 117 36.44 -12.37 22.94
N SER A 118 37.30 -13.35 23.17
CA SER A 118 36.95 -14.74 22.88
C SER A 118 35.83 -15.24 23.79
N GLN A 119 35.88 -14.86 25.07
CA GLN A 119 34.83 -15.21 26.02
C GLN A 119 33.50 -14.59 25.61
N ARG A 120 33.51 -13.30 25.30
CA ARG A 120 32.29 -12.60 24.91
C ARG A 120 31.72 -13.14 23.60
N ALA A 121 32.60 -13.41 22.62
CA ALA A 121 32.16 -13.93 21.33
C ALA A 121 31.56 -15.32 21.45
N PHE A 122 32.19 -16.20 22.22
CA PHE A 122 31.66 -17.55 22.37
C PHE A 122 30.40 -17.55 23.22
N ARG A 123 30.26 -16.58 24.13
CA ARG A 123 29.02 -16.45 24.89
C ARG A 123 27.85 -16.06 23.99
N ILE A 124 28.06 -15.06 23.13
CA ILE A 124 27.01 -14.63 22.20
C ILE A 124 26.65 -15.75 21.23
N LYS A 125 27.67 -16.47 20.75
CA LYS A 125 27.43 -17.59 19.84
C LYS A 125 26.63 -18.71 20.51
N SER A 126 26.96 -19.02 21.76
CA SER A 126 26.31 -20.13 22.43
C SER A 126 24.86 -19.81 22.79
N VAL A 127 24.58 -18.56 23.18
CA VAL A 127 23.20 -18.20 23.49
C VAL A 127 22.35 -18.11 22.22
N LEU A 128 22.93 -17.62 21.12
CA LEU A 128 22.20 -17.59 19.85
C LEU A 128 21.92 -19.00 19.33
N SER A 129 22.88 -19.91 19.48
CA SER A 129 22.67 -21.29 19.08
C SER A 129 21.67 -22.00 19.99
N ILE A 130 21.61 -21.62 21.27
CA ILE A 130 20.62 -22.18 22.18
C ILE A 130 19.21 -21.77 21.75
N GLU A 131 19.02 -20.50 21.39
CA GLU A 131 17.70 -20.04 20.95
C GLU A 131 17.32 -20.67 19.60
N PHE A 132 18.30 -20.83 18.70
CA PHE A 132 18.04 -21.46 17.41
C PHE A 132 17.67 -22.94 17.57
N ASN A 133 18.36 -23.64 18.47
CA ASN A 133 18.02 -25.03 18.74
C ASN A 133 16.67 -25.15 19.41
N ARG A 134 16.30 -24.15 20.21
CA ARG A 134 14.99 -24.16 20.87
C ARG A 134 13.86 -23.98 19.86
N ILE A 135 14.00 -23.03 18.93
CA ILE A 135 12.91 -22.76 18.01
C ILE A 135 13.02 -23.51 16.69
N ASP A 136 14.15 -24.16 16.41
CA ASP A 136 14.28 -24.93 15.18
C ASP A 136 15.27 -26.07 15.44
N ARG A 137 14.74 -27.25 15.75
CA ARG A 137 15.58 -28.37 16.14
C ARG A 137 16.28 -28.98 14.93
N GLU A 138 15.66 -28.91 13.75
CA GLU A 138 16.19 -29.61 12.58
C GLU A 138 17.43 -28.89 12.03
N LYS A 139 17.41 -27.57 12.01
CA LYS A 139 18.57 -26.84 11.48
C LYS A 139 19.71 -26.82 12.48
N CYS A 140 19.42 -26.61 13.75
CA CYS A 140 20.43 -26.59 14.82
C CYS A 140 20.25 -27.84 15.66
N ASP A 141 21.08 -28.85 15.41
CA ASP A 141 20.93 -30.14 16.06
C ASP A 141 21.45 -30.10 17.50
N ASN A 142 21.24 -31.21 18.21
CA ASN A 142 21.70 -31.31 19.59
C ASN A 142 23.20 -31.56 19.64
N ILE A 143 23.76 -32.25 18.64
CA ILE A 143 25.18 -32.60 18.66
C ILE A 143 26.04 -31.36 18.42
N LYS A 144 25.64 -30.53 17.45
CA LYS A 144 26.41 -29.32 17.16
C LYS A 144 26.32 -28.32 18.31
N LEU A 145 25.15 -28.24 18.93
CA LEU A 145 24.97 -27.42 20.12
C LEU A 145 25.80 -27.93 21.28
N LYS A 146 25.88 -29.26 21.43
CA LYS A 146 26.70 -29.85 22.49
C LYS A 146 28.17 -29.55 22.28
N ASN A 147 28.65 -29.64 21.03
CA ASN A 147 30.04 -29.34 20.73
C ASN A 147 30.36 -27.87 20.98
N LEU A 148 29.45 -26.97 20.60
CA LEU A 148 29.70 -25.55 20.78
C LEU A 148 29.68 -25.16 22.25
N LEU A 149 28.73 -25.69 23.02
CA LEU A 149 28.67 -25.37 24.44
C LEU A 149 29.81 -26.05 25.20
N ASN A 150 30.34 -27.16 24.67
CA ASN A 150 31.54 -27.75 25.25
C ASN A 150 32.76 -26.87 25.01
N GLU A 151 32.85 -26.27 23.83
CA GLU A 151 33.97 -25.36 23.55
C GLU A 151 33.84 -24.07 24.33
N ALA A 152 32.61 -23.65 24.65
CA ALA A 152 32.39 -22.38 25.34
C ALA A 152 32.93 -22.41 26.76
N VAL A 153 32.78 -23.54 27.47
CA VAL A 153 33.35 -23.64 28.80
C VAL A 153 34.85 -23.91 28.74
N ASP A 154 35.33 -24.44 27.60
CA ASP A 154 36.77 -24.53 27.39
C ASP A 154 37.39 -23.16 27.20
N LYS A 155 36.63 -22.21 26.67
CA LYS A 155 37.07 -20.82 26.55
C LYS A 155 36.69 -19.99 27.78
N GLY A 156 36.39 -20.64 28.90
CA GLY A 156 36.17 -19.96 30.16
C GLY A 156 34.90 -19.15 30.30
N CYS A 157 33.77 -19.71 29.87
CA CYS A 157 32.47 -19.06 30.05
C CYS A 157 31.73 -19.67 31.23
N THR A 158 32.35 -19.59 32.41
CA THR A 158 31.81 -20.19 33.63
C THR A 158 31.70 -19.16 34.75
N ASP A 159 31.38 -17.92 34.42
CA ASP A 159 31.15 -16.89 35.43
C ASP A 159 29.66 -16.83 35.71
N PHE A 160 29.23 -17.48 36.79
CA PHE A 160 27.82 -17.55 37.13
C PHE A 160 27.36 -16.38 37.98
N ASP A 161 28.26 -15.47 38.34
CA ASP A 161 27.93 -14.42 39.30
C ASP A 161 27.83 -13.03 38.69
N THR A 162 28.45 -12.78 37.52
CA THR A 162 28.23 -11.50 36.85
C THR A 162 27.52 -11.64 35.51
N TYR A 163 27.46 -12.84 34.95
CA TYR A 163 26.83 -13.07 33.66
C TYR A 163 25.67 -14.04 33.82
N GLU A 164 24.47 -13.59 33.44
CA GLU A 164 23.28 -14.41 33.51
C GLU A 164 23.35 -15.57 32.53
N TRP A 165 24.00 -15.37 31.39
CA TRP A 165 23.89 -16.34 30.29
C TRP A 165 24.75 -17.57 30.53
N ASP A 166 25.76 -17.45 31.39
CA ASP A 166 26.61 -18.60 31.71
C ASP A 166 25.83 -19.68 32.45
N ILE A 167 24.86 -19.26 33.27
CA ILE A 167 23.96 -20.19 33.94
C ILE A 167 23.14 -20.96 32.91
N GLN A 168 22.68 -20.26 31.86
CA GLN A 168 21.93 -20.91 30.79
C GLN A 168 22.80 -21.88 30.02
N ILE A 169 24.07 -21.54 29.82
CA ILE A 169 25.02 -22.43 29.15
C ILE A 169 25.21 -23.71 29.96
N ALA A 170 25.39 -23.57 31.27
CA ALA A 170 25.59 -24.74 32.13
C ALA A 170 24.34 -25.61 32.23
N ILE A 171 23.17 -24.98 32.32
CA ILE A 171 21.93 -25.73 32.47
C ILE A 171 21.58 -26.45 31.17
N ARG A 172 21.82 -25.81 30.02
CA ARG A 172 21.63 -26.47 28.74
C ARG A 172 22.62 -27.61 28.56
N LEU A 173 23.85 -27.44 29.08
CA LEU A 173 24.85 -28.50 28.97
C LEU A 173 24.49 -29.70 29.82
N CYS A 174 24.00 -29.48 31.04
CA CYS A 174 23.61 -30.62 31.88
C CYS A 174 22.31 -31.23 31.39
N GLU A 175 21.48 -30.46 30.68
CA GLU A 175 20.34 -31.04 29.99
C GLU A 175 20.79 -31.92 28.83
N LEU A 176 21.89 -31.55 28.17
CA LEU A 176 22.36 -32.35 27.04
C LEU A 176 22.98 -33.66 27.48
N GLY A 177 23.63 -33.69 28.65
CA GLY A 177 24.10 -34.95 29.18
C GLY A 177 25.49 -34.98 29.79
N VAL A 178 26.31 -33.96 29.55
CA VAL A 178 27.68 -33.97 30.05
C VAL A 178 27.68 -33.67 31.55
N ASP A 179 28.61 -34.28 32.27
CA ASP A 179 28.69 -34.12 33.72
C ASP A 179 29.31 -32.78 34.09
N MET A 180 28.66 -32.08 35.01
CA MET A 180 29.09 -30.78 35.51
C MET A 180 29.13 -30.79 37.04
N GLU A 181 29.74 -31.83 37.61
CA GLU A 181 29.80 -31.98 39.06
C GLU A 181 30.69 -30.91 39.69
N GLY A 182 31.69 -30.43 38.94
CA GLY A 182 32.54 -29.38 39.47
C GLY A 182 31.87 -28.03 39.51
N HIS A 183 30.96 -27.77 38.57
CA HIS A 183 30.38 -26.44 38.45
C HIS A 183 29.25 -26.17 39.44
N PHE A 184 28.71 -27.23 40.07
CA PHE A 184 27.43 -27.17 40.78
C PHE A 184 27.47 -26.19 41.94
N ASP A 185 28.55 -26.21 42.72
CA ASP A 185 28.66 -25.34 43.88
C ASP A 185 28.76 -23.88 43.46
N ASN A 186 29.31 -23.61 42.27
CA ASN A 186 29.34 -22.24 41.80
C ASN A 186 28.01 -21.84 41.18
N LEU A 187 27.19 -22.83 40.81
CA LEU A 187 25.90 -22.52 40.20
C LEU A 187 24.89 -22.09 41.25
N ILE A 188 24.90 -22.74 42.42
CA ILE A 188 23.79 -22.62 43.35
C ILE A 188 23.87 -21.34 44.16
N LYS A 189 25.07 -20.85 44.46
CA LYS A 189 25.19 -19.68 45.33
C LYS A 189 24.99 -18.37 44.58
N SER A 190 24.78 -18.42 43.27
CA SER A 190 24.54 -17.19 42.52
C SER A 190 23.14 -16.67 42.78
N ASN A 191 23.00 -15.35 42.83
CA ASN A 191 21.70 -14.72 42.95
C ASN A 191 21.08 -14.39 41.59
N LYS A 192 21.79 -14.72 40.50
CA LYS A 192 21.21 -14.61 39.17
C LYS A 192 20.51 -15.88 38.73
N ALA A 193 20.79 -17.01 39.37
CA ALA A 193 20.05 -18.23 39.07
C ALA A 193 18.66 -18.14 39.66
N ASN A 194 17.71 -18.82 39.02
CA ASN A 194 16.33 -18.84 39.50
C ASN A 194 15.96 -20.26 39.88
N ASP A 195 14.67 -20.45 40.16
CA ASP A 195 14.21 -21.68 40.79
C ASP A 195 14.26 -22.86 39.82
N LEU A 196 13.90 -22.63 38.56
CA LEU A 196 13.84 -23.71 37.59
C LEU A 196 15.24 -24.17 37.21
N GLN A 197 16.19 -23.25 37.13
CA GLN A 197 17.58 -23.60 36.86
C GLN A 197 18.18 -24.39 38.00
N LYS A 198 17.87 -24.01 39.24
CA LYS A 198 18.37 -24.76 40.39
C LYS A 198 17.71 -26.13 40.47
N ALA A 199 16.44 -26.23 40.07
CA ALA A 199 15.77 -27.53 40.05
C ALA A 199 16.37 -28.45 38.98
N LYS A 200 16.69 -27.89 37.82
CA LYS A 200 17.36 -28.68 36.78
C LYS A 200 18.78 -29.07 37.19
N ALA A 201 19.45 -28.20 37.95
CA ALA A 201 20.80 -28.51 38.43
C ALA A 201 20.76 -29.61 39.47
N TYR A 202 19.75 -29.58 40.35
CA TYR A 202 19.63 -30.62 41.37
C TYR A 202 19.19 -31.94 40.75
N TYR A 203 18.37 -31.90 39.70
CA TYR A 203 17.88 -33.14 39.11
C TYR A 203 18.92 -33.78 38.20
N PHE A 204 19.54 -33.00 37.32
CA PHE A 204 20.33 -33.57 36.24
C PHE A 204 21.77 -33.88 36.62
N ILE A 205 22.32 -33.19 37.60
CA ILE A 205 23.73 -33.33 37.97
C ILE A 205 23.89 -34.21 39.22
N LYS A 206 23.28 -33.80 40.33
CA LYS A 206 23.42 -34.53 41.58
C LYS A 206 22.38 -35.62 41.77
N LYS A 207 21.36 -35.66 40.92
CA LYS A 207 20.24 -36.61 40.98
C LYS A 207 19.54 -36.58 42.33
N ASP A 208 19.23 -35.38 42.79
CA ASP A 208 18.54 -35.16 44.06
C ASP A 208 17.09 -34.84 43.74
N ASP A 209 16.18 -35.71 44.16
CA ASP A 209 14.76 -35.45 43.96
C ASP A 209 14.23 -34.51 45.04
N HIS A 210 14.79 -34.60 46.25
CA HIS A 210 14.21 -33.95 47.42
C HIS A 210 14.36 -32.44 47.37
N LYS A 211 15.55 -31.96 47.03
CA LYS A 211 15.77 -30.52 46.94
C LYS A 211 15.16 -29.94 45.67
N ALA A 212 15.17 -30.73 44.59
CA ALA A 212 14.58 -30.28 43.33
C ALA A 212 13.08 -30.14 43.45
N LYS A 213 12.45 -30.95 44.31
CA LYS A 213 11.02 -30.81 44.55
C LYS A 213 10.70 -29.48 45.24
N GLU A 214 11.53 -29.08 46.20
CA GLU A 214 11.32 -27.81 46.89
C GLU A 214 11.58 -26.63 45.96
N HIS A 215 12.62 -26.73 45.13
CA HIS A 215 12.91 -25.65 44.18
C HIS A 215 11.84 -25.55 43.10
N MET A 216 11.29 -26.70 42.67
CA MET A 216 10.24 -26.68 41.67
C MET A 216 8.92 -26.18 42.24
N ASP A 217 8.67 -26.45 43.53
CA ASP A 217 7.50 -25.87 44.19
C ASP A 217 7.64 -24.37 44.35
N LYS A 218 8.85 -23.89 44.61
CA LYS A 218 9.09 -22.46 44.63
C LYS A 218 8.90 -21.84 43.24
N CYS A 219 9.30 -22.58 42.20
CA CYS A 219 9.07 -22.13 40.83
C CYS A 219 7.58 -22.08 40.50
N THR A 220 6.82 -23.07 40.96
CA THR A 220 5.37 -23.10 40.78
C THR A 220 4.70 -21.94 41.50
N ALA A 221 5.17 -21.63 42.72
CA ALA A 221 4.63 -20.51 43.48
C ALA A 221 4.96 -19.17 42.83
N SER A 222 6.14 -19.06 42.21
CA SER A 222 6.45 -17.82 41.49
C SER A 222 5.72 -17.74 40.17
N LEU A 223 5.28 -18.89 39.63
CA LEU A 223 4.57 -18.90 38.36
C LEU A 223 3.16 -18.31 38.48
N LYS A 224 2.68 -18.09 39.71
CA LYS A 224 1.32 -17.60 39.91
C LYS A 224 1.14 -16.18 39.41
N TYR A 225 2.16 -15.33 39.56
CA TYR A 225 2.03 -13.91 39.25
C TYR A 225 2.68 -13.52 37.92
N THR A 226 3.24 -14.48 37.18
CA THR A 226 3.83 -14.08 35.90
C THR A 226 2.89 -14.42 34.76
N PRO A 227 2.73 -13.54 33.78
CA PRO A 227 1.82 -13.81 32.66
C PRO A 227 2.30 -14.95 31.79
N CYS A 228 1.36 -15.50 31.03
CA CYS A 228 1.61 -16.75 30.28
C CYS A 228 2.56 -16.55 29.11
N SER A 229 2.80 -15.31 28.67
CA SER A 229 3.70 -15.08 27.56
C SER A 229 5.16 -15.19 27.96
N HIS A 230 5.44 -15.24 29.26
CA HIS A 230 6.80 -15.31 29.77
C HIS A 230 7.44 -16.65 29.41
N ARG A 231 8.77 -16.63 29.27
CA ARG A 231 9.50 -17.83 28.89
C ARG A 231 9.58 -18.87 30.00
N LEU A 232 9.28 -18.47 31.24
CA LEU A 232 9.28 -19.41 32.36
C LEU A 232 8.23 -20.50 32.19
N TRP A 233 7.10 -20.17 31.56
CA TRP A 233 6.07 -21.15 31.30
C TRP A 233 6.53 -22.19 30.29
N ASP A 234 7.18 -21.74 29.21
CA ASP A 234 7.70 -22.65 28.19
C ASP A 234 8.77 -23.56 28.76
N GLU A 235 9.69 -22.99 29.55
CA GLU A 235 10.74 -23.79 30.16
C GLU A 235 10.20 -24.75 31.21
N THR A 236 9.15 -24.36 31.93
CA THR A 236 8.56 -25.23 32.94
C THR A 236 7.85 -26.42 32.31
N VAL A 237 7.06 -26.17 31.25
CA VAL A 237 6.35 -27.27 30.59
C VAL A 237 7.34 -28.17 29.85
N GLY A 238 8.44 -27.59 29.34
CA GLY A 238 9.48 -28.41 28.74
C GLY A 238 10.20 -29.27 29.77
N PHE A 239 10.39 -28.74 30.98
CA PHE A 239 11.00 -29.51 32.06
C PHE A 239 10.09 -30.65 32.50
N ILE A 240 8.78 -30.42 32.56
CA ILE A 240 7.85 -31.47 32.94
C ILE A 240 7.76 -32.53 31.84
N GLU A 241 7.85 -32.10 30.57
CA GLU A 241 7.86 -33.05 29.46
C GLU A 241 9.13 -33.89 29.46
N ARG A 242 10.25 -33.30 29.86
CA ARG A 242 11.49 -34.06 30.00
C ARG A 242 11.41 -35.03 31.17
N LEU A 243 10.79 -34.61 32.28
CA LEU A 243 10.60 -35.50 33.42
C LEU A 243 9.69 -36.67 33.08
N LYS A 244 8.69 -36.44 32.23
CA LYS A 244 7.89 -37.55 31.73
C LYS A 244 8.66 -38.37 30.71
N GLY A 245 9.68 -37.79 30.08
CA GLY A 245 10.41 -38.50 29.05
C GLY A 245 11.27 -39.64 29.60
N ASP A 246 11.89 -39.42 30.76
CA ASP A 246 12.76 -40.42 31.36
C ASP A 246 12.08 -41.22 32.47
N SER A 247 10.74 -41.22 32.49
CA SER A 247 9.88 -41.94 33.44
C SER A 247 10.22 -41.63 34.90
N SER A 248 10.33 -40.34 35.20
CA SER A 248 10.53 -39.91 36.58
C SER A 248 9.24 -40.06 37.39
N THR A 249 9.38 -39.92 38.70
CA THR A 249 8.27 -40.06 39.63
C THR A 249 7.68 -38.70 40.00
N LEU A 250 8.31 -37.60 39.58
CA LEU A 250 7.95 -36.28 40.04
C LEU A 250 7.12 -35.48 39.03
N TRP A 251 6.87 -36.02 37.84
CA TRP A 251 6.25 -35.21 36.79
C TRP A 251 4.76 -35.01 37.03
N ARG A 252 4.12 -35.96 37.73
CA ARG A 252 2.69 -35.86 37.99
C ARG A 252 2.36 -34.71 38.93
N ASP A 253 3.07 -34.63 40.06
CA ASP A 253 2.84 -33.57 41.03
C ASP A 253 3.18 -32.20 40.46
N PHE A 254 4.26 -32.13 39.68
CA PHE A 254 4.66 -30.87 39.07
C PHE A 254 3.66 -30.44 38.01
N ALA A 255 3.09 -31.40 37.28
CA ALA A 255 2.08 -31.09 36.28
C ALA A 255 0.81 -30.55 36.93
N ILE A 256 0.40 -31.15 38.06
CA ILE A 256 -0.82 -30.68 38.73
C ILE A 256 -0.58 -29.32 39.36
N LYS A 257 0.61 -29.08 39.91
CA LYS A 257 0.94 -27.78 40.48
C LYS A 257 0.98 -26.69 39.41
N THR A 258 1.55 -27.00 38.25
CA THR A 258 1.60 -26.03 37.16
C THR A 258 0.22 -25.79 36.56
N TYR A 259 -0.65 -26.81 36.57
CA TYR A 259 -2.03 -26.60 36.15
C TYR A 259 -2.77 -25.68 37.09
N ARG A 260 -2.58 -25.85 38.41
CA ARG A 260 -3.23 -24.97 39.37
C ARG A 260 -2.73 -23.53 39.24
N SER A 261 -1.42 -23.37 38.99
CA SER A 261 -0.86 -22.05 38.76
C SER A 261 -1.42 -21.41 37.49
N CYS A 262 -1.58 -22.21 36.43
CA CYS A 262 -2.13 -21.69 35.18
C CYS A 262 -3.59 -21.31 35.34
N ARG A 263 -4.33 -22.05 36.16
CA ARG A 263 -5.74 -21.73 36.40
C ARG A 263 -5.88 -20.42 37.16
N VAL A 264 -5.10 -20.24 38.23
CA VAL A 264 -5.22 -19.02 39.04
C VAL A 264 -4.62 -17.83 38.29
N GLN A 265 -3.70 -18.07 37.36
CA GLN A 265 -3.22 -16.99 36.51
C GLN A 265 -4.23 -16.63 35.43
N GLU A 266 -4.89 -17.64 34.85
CA GLU A 266 -5.85 -17.41 33.78
C GLU A 266 -7.12 -16.75 34.31
N LYS A 267 -7.38 -16.88 35.61
CA LYS A 267 -8.48 -16.13 36.20
C LYS A 267 -8.22 -14.63 36.20
N GLU A 268 -6.95 -14.21 36.16
CA GLU A 268 -6.53 -12.82 36.28
C GLU A 268 -6.44 -12.11 34.91
N THR A 269 -6.99 -12.69 33.84
CA THR A 269 -6.89 -12.09 32.52
C THR A 269 -7.91 -10.97 32.32
N GLY A 270 -7.72 -10.22 31.25
CA GLY A 270 -8.55 -9.04 30.99
C GLY A 270 -9.98 -9.40 30.67
N THR A 271 -10.88 -8.44 30.91
CA THR A 271 -12.30 -8.75 30.98
C THR A 271 -12.89 -9.01 29.60
N LEU A 272 -12.74 -10.27 29.18
CA LEU A 272 -13.33 -10.97 28.05
C LEU A 272 -12.86 -12.41 28.22
N ARG A 273 -13.41 -13.34 27.47
CA ARG A 273 -13.03 -14.75 27.63
C ARG A 273 -11.81 -15.00 26.77
N LEU A 274 -10.67 -14.48 27.20
CA LEU A 274 -9.47 -14.44 26.38
C LEU A 274 -8.27 -14.93 27.17
N ARG A 275 -7.39 -15.67 26.51
CA ARG A 275 -6.08 -16.00 27.05
C ARG A 275 -5.05 -15.89 25.94
N TRP A 276 -3.80 -15.74 26.34
CA TRP A 276 -2.68 -15.72 25.40
C TRP A 276 -2.48 -17.11 24.82
N TYR A 277 -2.09 -17.16 23.55
CA TYR A 277 -1.82 -18.44 22.92
C TYR A 277 -0.33 -18.73 23.03
N TRP A 278 0.00 -19.85 23.66
CA TRP A 278 1.33 -20.43 23.59
C TRP A 278 1.16 -21.92 23.33
N SER A 279 2.13 -22.50 22.61
CA SER A 279 1.94 -23.81 22.02
C SER A 279 1.91 -24.91 23.08
N ARG A 280 2.62 -24.73 24.18
CA ARG A 280 2.68 -25.74 25.20
C ARG A 280 1.49 -25.71 26.15
N HIS A 281 0.64 -24.69 26.06
CA HIS A 281 -0.50 -24.54 26.96
C HIS A 281 -1.48 -25.70 26.84
N ARG A 282 -1.60 -26.27 25.65
CA ARG A 282 -2.40 -27.47 25.50
C ARG A 282 -1.72 -28.66 26.19
N VAL A 283 -0.42 -28.85 25.94
CA VAL A 283 0.22 -30.12 26.30
C VAL A 283 0.38 -30.22 27.80
N LEU A 284 0.52 -29.07 28.48
CA LEU A 284 0.50 -29.03 29.94
C LEU A 284 -0.81 -29.58 30.48
N TYR A 285 -1.94 -29.10 29.94
CA TYR A 285 -3.23 -29.68 30.27
C TYR A 285 -3.28 -31.14 29.89
N ASP A 286 -2.71 -31.48 28.74
CA ASP A 286 -2.71 -32.85 28.26
C ASP A 286 -1.81 -33.72 29.13
N MET A 287 -0.84 -33.11 29.80
CA MET A 287 -0.09 -33.85 30.80
C MET A 287 -0.89 -33.96 32.10
N ALA A 288 -1.49 -32.86 32.54
CA ALA A 288 -2.05 -32.77 33.88
C ALA A 288 -3.25 -33.70 34.04
N PHE A 289 -4.15 -33.68 33.05
CA PHE A 289 -5.23 -34.65 32.92
C PHE A 289 -4.72 -36.07 33.05
N LEU A 290 -3.67 -36.40 32.28
CA LEU A 290 -3.09 -37.75 32.29
C LEU A 290 -2.56 -38.09 33.67
N ALA A 291 -2.01 -37.09 34.37
CA ALA A 291 -1.47 -37.31 35.71
C ALA A 291 -2.58 -37.73 36.67
N VAL A 292 -3.71 -37.02 36.62
CA VAL A 292 -4.84 -37.37 37.48
C VAL A 292 -5.40 -38.72 37.06
N LYS A 293 -5.35 -39.01 35.76
CA LYS A 293 -5.79 -40.30 35.27
C LYS A 293 -4.88 -41.41 35.78
N GLU A 294 -3.57 -41.14 35.86
CA GLU A 294 -2.67 -42.15 36.38
C GLU A 294 -2.75 -42.24 37.90
N GLN A 295 -3.38 -41.25 38.54
CA GLN A 295 -3.71 -41.37 39.95
C GLN A 295 -5.10 -41.96 40.17
N ALA A 296 -5.74 -42.46 39.11
CA ALA A 296 -7.04 -43.13 39.25
C ALA A 296 -6.98 -44.59 38.82
N ASP A 297 -6.51 -44.88 37.61
CA ASP A 297 -6.53 -46.25 37.11
C ASP A 297 -5.51 -47.12 37.84
N ASP A 298 -4.39 -46.53 38.25
CA ASP A 298 -3.47 -47.21 39.14
C ASP A 298 -4.16 -47.42 40.49
N GLU A 299 -3.83 -48.53 41.15
CA GLU A 299 -4.60 -49.04 42.27
C GLU A 299 -4.61 -48.10 43.46
N GLU A 300 -5.79 -47.57 43.76
CA GLU A 300 -6.05 -46.75 44.93
C GLU A 300 -7.09 -47.47 45.78
N PRO A 301 -6.78 -47.81 47.04
CA PRO A 301 -7.68 -48.70 47.79
C PRO A 301 -9.01 -48.08 48.20
N ASP A 302 -9.06 -46.77 48.38
CA ASP A 302 -10.28 -46.10 48.82
C ASP A 302 -11.01 -45.55 47.61
N VAL A 303 -12.34 -45.70 47.59
CA VAL A 303 -13.13 -45.22 46.45
C VAL A 303 -13.35 -43.71 46.54
N ASN A 304 -13.21 -43.12 47.73
CA ASN A 304 -13.53 -41.72 47.91
C ASN A 304 -12.45 -40.82 47.31
N VAL A 305 -11.19 -41.27 47.30
CA VAL A 305 -10.15 -40.51 46.63
C VAL A 305 -10.25 -40.69 45.11
N LYS A 306 -10.70 -41.86 44.67
CA LYS A 306 -10.86 -42.11 43.24
C LYS A 306 -11.99 -41.27 42.65
N GLN A 307 -13.08 -41.09 43.40
CA GLN A 307 -14.16 -40.22 42.95
C GLN A 307 -13.71 -38.76 42.89
N ALA A 308 -12.85 -38.36 43.83
CA ALA A 308 -12.27 -37.02 43.79
C ALA A 308 -11.36 -36.84 42.57
N LYS A 309 -10.65 -37.89 42.17
CA LYS A 309 -9.81 -37.81 40.99
C LYS A 309 -10.64 -37.72 39.71
N ILE A 310 -11.72 -38.49 39.62
CA ILE A 310 -12.58 -38.41 38.43
C ILE A 310 -13.31 -37.06 38.39
N LYS A 311 -13.56 -36.44 39.55
CA LYS A 311 -14.07 -35.07 39.54
C LYS A 311 -13.00 -34.08 39.10
N LYS A 312 -11.73 -34.33 39.48
CA LYS A 312 -10.64 -33.44 39.10
C LYS A 312 -10.40 -33.46 37.60
N LEU A 313 -10.62 -34.61 36.96
CA LEU A 313 -10.55 -34.69 35.50
C LEU A 313 -11.58 -33.78 34.84
N ALA A 314 -12.82 -33.83 35.32
CA ALA A 314 -13.88 -33.00 34.77
C ALA A 314 -13.73 -31.54 35.12
N GLU A 315 -12.96 -31.20 36.16
CA GLU A 315 -12.63 -29.81 36.39
C GLU A 315 -11.48 -29.32 35.52
N ILE A 316 -10.53 -30.20 35.18
CA ILE A 316 -9.44 -29.85 34.26
C ILE A 316 -10.00 -29.57 32.87
N SER A 317 -10.92 -30.42 32.42
CA SER A 317 -11.52 -30.23 31.10
C SER A 317 -12.35 -28.96 31.02
N ASP A 318 -13.07 -28.63 32.09
CA ASP A 318 -13.88 -27.41 32.09
C ASP A 318 -13.01 -26.17 32.13
N SER A 319 -11.91 -26.22 32.89
CA SER A 319 -10.96 -25.10 32.92
C SER A 319 -10.29 -24.90 31.57
N LEU A 320 -10.09 -25.97 30.81
CA LEU A 320 -9.62 -25.80 29.43
C LEU A 320 -10.71 -25.21 28.55
N LYS A 321 -11.95 -25.65 28.73
CA LYS A 321 -13.05 -25.25 27.85
C LYS A 321 -13.62 -23.86 28.16
N SER A 322 -13.12 -23.19 29.20
CA SER A 322 -13.65 -21.87 29.53
C SER A 322 -13.33 -20.82 28.46
N ARG A 323 -12.05 -20.55 28.22
CA ARG A 323 -11.63 -19.49 27.32
C ARG A 323 -11.07 -20.07 26.02
N PHE A 324 -10.89 -19.22 25.00
CA PHE A 324 -10.63 -19.72 23.66
C PHE A 324 -9.40 -19.18 22.94
N SER A 325 -8.52 -18.43 23.61
CA SER A 325 -7.12 -18.27 23.19
C SER A 325 -6.88 -17.68 21.80
N LEU A 326 -7.18 -16.39 21.62
CA LEU A 326 -7.04 -15.70 20.36
C LEU A 326 -5.59 -15.60 19.90
N ARG A 327 -5.41 -15.42 18.59
CA ARG A 327 -4.08 -15.20 18.01
C ARG A 327 -3.67 -13.75 18.16
N LEU A 328 -2.41 -13.47 17.81
CA LEU A 328 -1.87 -12.14 18.04
C LEU A 328 -2.35 -11.15 16.99
N SER A 329 -2.43 -11.57 15.73
CA SER A 329 -2.85 -10.65 14.66
C SER A 329 -4.32 -10.29 14.81
N ASP A 330 -5.13 -11.23 15.30
CA ASP A 330 -6.53 -10.95 15.57
C ASP A 330 -6.68 -9.96 16.73
N MET A 331 -5.75 -10.01 17.68
CA MET A 331 -5.76 -9.05 18.79
C MET A 331 -5.40 -7.66 18.31
N GLU A 332 -4.48 -7.56 17.36
CA GLU A 332 -4.10 -6.25 16.84
C GLU A 332 -5.17 -5.71 15.89
N LYS A 333 -5.91 -6.58 15.23
CA LYS A 333 -6.98 -6.16 14.33
C LYS A 333 -8.33 -6.09 15.04
N MET A 334 -8.33 -5.84 16.34
CA MET A 334 -9.56 -5.88 17.12
C MET A 334 -10.41 -4.64 16.86
N PRO A 335 -11.73 -4.78 16.70
CA PRO A 335 -12.60 -3.61 16.53
C PRO A 335 -12.74 -2.81 17.83
N LYS A 336 -13.19 -1.57 17.68
CA LYS A 336 -13.23 -0.61 18.77
C LYS A 336 -14.67 -0.26 19.12
N SER A 337 -15.05 -0.51 20.38
CA SER A 337 -16.33 -0.16 20.96
C SER A 337 -16.24 -0.36 22.46
N ASP A 338 -17.07 0.37 23.21
CA ASP A 338 -17.10 0.36 24.69
C ASP A 338 -15.72 0.70 25.25
N ASP A 339 -15.39 2.00 25.10
CA ASP A 339 -14.02 2.52 25.19
C ASP A 339 -13.25 2.14 26.46
N GLU A 340 -13.94 1.85 27.57
CA GLU A 340 -13.24 1.36 28.74
C GLU A 340 -12.77 -0.09 28.56
N SER A 341 -13.56 -0.91 27.84
CA SER A 341 -13.13 -2.25 27.52
C SER A 341 -12.03 -2.23 26.46
N ASN A 342 -11.95 -1.17 25.64
CA ASN A 342 -10.79 -0.97 24.79
C ASN A 342 -9.53 -0.78 25.62
N HIS A 343 -9.62 0.03 26.68
CA HIS A 343 -8.49 0.21 27.59
C HIS A 343 -8.11 -1.10 28.27
N GLU A 344 -9.11 -1.90 28.65
CA GLU A 344 -8.83 -3.19 29.28
C GLU A 344 -8.14 -4.16 28.31
N PHE A 345 -8.61 -4.21 27.07
CA PHE A 345 -8.05 -5.13 26.10
C PHE A 345 -6.63 -4.73 25.68
N LYS A 346 -6.40 -3.43 25.46
CA LYS A 346 -5.05 -2.97 25.15
C LYS A 346 -4.12 -3.14 26.34
N LYS A 347 -4.65 -3.01 27.56
CA LYS A 347 -3.86 -3.30 28.75
C LYS A 347 -3.43 -4.75 28.80
N PHE A 348 -4.35 -5.67 28.47
CA PHE A 348 -4.02 -7.10 28.42
C PHE A 348 -2.96 -7.39 27.35
N LEU A 349 -3.11 -6.78 26.18
CA LEU A 349 -2.17 -7.01 25.09
C LEU A 349 -0.77 -6.49 25.41
N ASP A 350 -0.68 -5.25 25.93
CA ASP A 350 0.62 -4.70 26.27
C ASP A 350 1.25 -5.41 27.45
N LYS A 351 0.42 -5.92 28.39
CA LYS A 351 0.95 -6.72 29.49
C LYS A 351 1.58 -8.01 29.00
N CYS A 352 0.93 -8.67 28.04
CA CYS A 352 1.47 -9.92 27.51
C CYS A 352 2.74 -9.70 26.70
N VAL A 353 2.77 -8.66 25.86
CA VAL A 353 3.95 -8.39 25.04
C VAL A 353 5.13 -7.94 25.93
N THR A 354 4.83 -7.13 26.95
CA THR A 354 5.86 -6.69 27.88
C THR A 354 6.42 -7.87 28.68
N ALA A 355 5.57 -8.83 29.05
CA ALA A 355 6.07 -10.01 29.75
C ALA A 355 6.93 -10.87 28.84
N TYR A 356 6.53 -11.00 27.57
CA TYR A 356 7.29 -11.78 26.59
C TYR A 356 8.70 -11.23 26.41
N GLN A 357 8.84 -9.91 26.28
CA GLN A 357 10.18 -9.35 26.12
C GLN A 357 10.92 -9.20 27.45
N ASP A 358 10.18 -9.09 28.56
CA ASP A 358 10.80 -8.95 29.88
C ASP A 358 11.45 -10.26 30.30
N GLY A 359 10.94 -11.39 29.80
CA GLY A 359 11.59 -12.67 30.05
C GLY A 359 13.02 -12.73 29.53
N TYR A 360 13.29 -12.10 28.39
CA TYR A 360 14.62 -12.13 27.80
C TYR A 360 15.47 -10.92 28.14
N VAL A 361 14.85 -9.82 28.58
CA VAL A 361 15.62 -8.60 28.82
C VAL A 361 16.51 -8.73 30.05
N ILE A 362 16.18 -9.65 30.96
CA ILE A 362 17.08 -10.05 32.04
C ILE A 362 17.42 -11.53 31.91
N ALA A 388 -19.91 -14.23 37.37
CA ALA A 388 -19.81 -13.79 38.76
C ALA A 388 -19.55 -14.98 39.68
N LYS A 389 -20.51 -15.91 39.74
CA LYS A 389 -20.39 -17.11 40.54
C LYS A 389 -20.45 -18.32 39.63
N LEU A 390 -19.43 -19.18 39.72
CA LEU A 390 -19.36 -20.40 38.94
C LEU A 390 -20.04 -21.51 39.74
N LEU A 391 -21.07 -22.12 39.15
CA LEU A 391 -21.74 -23.25 39.77
C LEU A 391 -20.80 -24.43 39.87
N GLU A 392 -20.74 -25.04 41.05
CA GLU A 392 -19.89 -26.20 41.25
C GLU A 392 -20.44 -27.39 40.47
N LEU A 393 -19.55 -28.35 40.19
CA LEU A 393 -19.82 -29.48 39.31
C LEU A 393 -20.92 -30.40 39.83
N THR A 394 -21.18 -30.38 41.14
CA THR A 394 -22.23 -31.18 41.74
C THR A 394 -23.53 -30.42 41.92
N GLN A 395 -23.60 -29.16 41.48
CA GLN A 395 -24.82 -28.37 41.63
C GLN A 395 -25.67 -28.56 40.37
N VAL A 396 -26.20 -29.77 40.25
CA VAL A 396 -27.01 -30.19 39.11
C VAL A 396 -28.39 -30.54 39.66
N PRO A 397 -29.48 -30.23 38.95
CA PRO A 397 -30.81 -30.64 39.43
C PRO A 397 -30.99 -32.14 39.40
N GLU A 398 -31.99 -32.60 40.14
CA GLU A 398 -32.21 -34.02 40.32
C GLU A 398 -32.75 -34.65 39.05
N GLY A 399 -32.31 -35.87 38.76
CA GLY A 399 -32.71 -36.55 37.54
C GLY A 399 -31.97 -36.11 36.30
N TRP A 400 -30.73 -35.68 36.46
CA TRP A 400 -29.90 -35.20 35.36
C TRP A 400 -28.57 -35.92 35.39
N VAL A 401 -27.96 -36.05 34.21
CA VAL A 401 -26.66 -36.69 34.03
C VAL A 401 -25.81 -35.75 33.19
N VAL A 402 -24.59 -35.48 33.64
CA VAL A 402 -23.70 -34.53 32.97
C VAL A 402 -22.53 -35.29 32.37
N VAL A 403 -22.30 -35.09 31.07
CA VAL A 403 -21.21 -35.74 30.35
C VAL A 403 -20.21 -34.67 29.92
N HIS A 404 -19.03 -34.68 30.54
CA HIS A 404 -17.92 -33.84 30.15
C HIS A 404 -17.05 -34.59 29.14
N PHE A 405 -16.57 -33.89 28.14
CA PHE A 405 -15.73 -34.49 27.10
C PHE A 405 -14.34 -33.89 27.15
N TYR A 406 -13.34 -34.69 26.78
CA TYR A 406 -11.98 -34.21 26.65
C TYR A 406 -11.31 -34.94 25.51
N LEU A 407 -10.63 -34.22 24.64
CA LEU A 407 -9.83 -34.81 23.59
C LEU A 407 -8.36 -34.62 23.94
N ASN A 408 -7.69 -35.71 24.28
CA ASN A 408 -6.30 -35.70 24.70
C ASN A 408 -5.43 -35.99 23.49
N LYS A 409 -4.65 -34.98 23.07
CA LYS A 409 -3.82 -35.08 21.88
C LYS A 409 -2.49 -35.77 22.15
N LEU A 410 -2.06 -35.82 23.41
CA LEU A 410 -0.83 -36.54 23.75
C LEU A 410 -1.01 -38.04 23.54
N GLU A 411 -2.01 -38.62 24.19
CA GLU A 411 -2.27 -40.04 24.04
C GLU A 411 -3.18 -40.35 22.86
N GLY A 412 -3.75 -39.33 22.23
CA GLY A 412 -4.65 -39.54 21.10
C GLY A 412 -5.94 -40.21 21.48
N MET A 413 -6.51 -39.84 22.61
CA MET A 413 -7.72 -40.49 23.12
C MET A 413 -8.82 -39.48 23.33
N GLY A 414 -10.03 -39.98 23.53
CA GLY A 414 -11.14 -39.15 23.94
C GLY A 414 -11.72 -39.70 25.22
N ASN A 415 -11.91 -38.85 26.21
CA ASN A 415 -12.36 -39.24 27.53
C ASN A 415 -13.72 -38.63 27.79
N ALA A 416 -14.69 -39.47 28.16
CA ALA A 416 -16.02 -39.03 28.53
C ALA A 416 -16.21 -39.29 30.02
N ILE A 417 -16.42 -38.22 30.79
CA ILE A 417 -16.60 -38.29 32.23
C ILE A 417 -18.06 -38.02 32.53
N VAL A 418 -18.72 -38.97 33.20
CA VAL A 418 -20.13 -38.87 33.51
C VAL A 418 -20.30 -38.62 35.01
N PHE A 419 -21.20 -37.71 35.34
CA PHE A 419 -21.60 -37.41 36.71
C PHE A 419 -23.09 -37.66 36.85
N ASP A 420 -23.45 -38.46 37.85
CA ASP A 420 -24.82 -38.86 38.12
C ASP A 420 -25.22 -38.27 39.46
N LYS A 421 -26.36 -37.58 39.48
CA LYS A 421 -26.85 -36.91 40.67
C LYS A 421 -27.70 -37.82 41.55
N CYS A 422 -28.51 -38.68 40.93
CA CYS A 422 -29.36 -39.59 41.69
C CYS A 422 -28.54 -40.63 42.44
N ALA A 423 -27.48 -41.13 41.80
CA ALA A 423 -26.55 -42.02 42.48
C ALA A 423 -25.40 -41.29 43.13
N ASN A 424 -25.17 -40.03 42.73
CA ASN A 424 -24.02 -39.21 43.13
C ASN A 424 -22.70 -39.93 42.87
N SER A 425 -22.44 -40.20 41.59
CA SER A 425 -21.29 -41.00 41.21
C SER A 425 -20.58 -40.34 40.03
N TRP A 426 -19.29 -40.66 39.90
CA TRP A 426 -18.45 -40.22 38.80
C TRP A 426 -17.84 -41.43 38.11
N GLN A 427 -17.91 -41.45 36.79
CA GLN A 427 -17.28 -42.51 36.02
C GLN A 427 -16.62 -41.90 34.79
N TYR A 428 -15.83 -42.70 34.09
CA TYR A 428 -15.19 -42.22 32.87
C TYR A 428 -14.95 -43.38 31.92
N LYS A 429 -14.94 -43.08 30.64
CA LYS A 429 -14.69 -44.06 29.58
C LYS A 429 -13.84 -43.43 28.50
N GLU A 430 -13.27 -44.28 27.65
CA GLU A 430 -12.39 -43.86 26.58
C GLU A 430 -12.98 -44.21 25.22
N PHE A 431 -12.52 -43.49 24.21
CA PHE A 431 -12.83 -43.79 22.81
C PHE A 431 -11.72 -43.22 21.94
N GLN A 432 -11.79 -43.52 20.65
CA GLN A 432 -10.84 -43.00 19.67
C GLN A 432 -11.57 -42.10 18.69
N TYR A 433 -10.93 -41.00 18.30
CA TYR A 433 -11.60 -39.95 17.55
C TYR A 433 -11.03 -39.74 16.15
N LYS A 434 -10.17 -40.63 15.66
CA LYS A 434 -9.53 -40.39 14.36
C LYS A 434 -10.49 -40.69 13.21
N GLU A 435 -11.10 -41.87 13.22
CA GLU A 435 -12.04 -42.23 12.16
C GLU A 435 -13.31 -41.40 12.26
N LEU A 436 -13.69 -40.98 13.47
CA LEU A 436 -14.80 -40.07 13.65
C LEU A 436 -14.53 -38.72 12.99
N PHE A 437 -13.29 -38.23 13.11
CA PHE A 437 -12.88 -37.00 12.46
C PHE A 437 -12.88 -37.16 10.94
N GLU A 438 -12.49 -38.34 10.46
CA GLU A 438 -12.51 -38.62 9.02
C GLU A 438 -13.94 -38.58 8.46
N VAL A 439 -14.87 -39.26 9.13
CA VAL A 439 -16.25 -39.31 8.65
C VAL A 439 -16.91 -37.94 8.79
N PHE A 440 -16.54 -37.18 9.82
CA PHE A 440 -17.09 -35.84 9.98
C PHE A 440 -16.59 -34.89 8.89
N LEU A 441 -15.31 -35.01 8.50
CA LEU A 441 -14.80 -34.17 7.42
C LEU A 441 -15.40 -34.56 6.08
N THR A 442 -15.70 -35.84 5.90
CA THR A 442 -16.43 -36.29 4.71
C THR A 442 -17.82 -35.66 4.65
N TRP A 443 -18.53 -35.66 5.78
CA TRP A 443 -19.86 -35.04 5.81
C TRP A 443 -19.77 -33.53 5.62
N GLN A 444 -18.72 -32.90 6.14
CA GLN A 444 -18.58 -31.45 6.00
C GLN A 444 -18.33 -31.05 4.54
N ALA A 445 -17.48 -31.82 3.84
CA ALA A 445 -17.23 -31.55 2.42
C ALA A 445 -18.49 -31.79 1.58
N ASN A 446 -19.19 -32.90 1.84
CA ASN A 446 -20.39 -33.22 1.08
C ASN A 446 -21.51 -32.24 1.38
N TYR A 447 -21.57 -31.72 2.62
CA TYR A 447 -22.60 -30.75 2.98
C TYR A 447 -22.33 -29.41 2.32
N ASN A 448 -21.09 -28.92 2.41
CA ASN A 448 -20.73 -27.65 1.79
C ASN A 448 -20.83 -27.68 0.27
N LEU A 449 -20.79 -28.87 -0.34
CA LEU A 449 -21.10 -28.91 -1.76
C LEU A 449 -22.59 -29.07 -2.06
N TYR A 450 -23.29 -29.98 -1.36
CA TYR A 450 -24.65 -30.36 -1.70
C TYR A 450 -25.59 -30.36 -0.49
N LYS A 451 -25.69 -29.23 0.23
CA LYS A 451 -26.31 -29.04 1.55
C LYS A 451 -27.46 -29.94 1.97
N GLU A 452 -28.50 -30.05 1.16
CA GLU A 452 -29.59 -30.95 1.52
C GLU A 452 -29.25 -32.40 1.21
N ASN A 453 -28.49 -32.66 0.15
CA ASN A 453 -28.27 -34.00 -0.35
C ASN A 453 -27.11 -34.74 0.34
N ALA A 454 -26.64 -34.26 1.48
CA ALA A 454 -25.62 -34.97 2.26
C ALA A 454 -26.26 -35.81 3.37
N ALA A 455 -27.48 -36.27 3.16
CA ALA A 455 -28.22 -36.97 4.22
C ALA A 455 -27.64 -38.36 4.47
N GLU A 456 -27.16 -39.03 3.42
CA GLU A 456 -26.53 -40.33 3.61
C GLU A 456 -25.23 -40.21 4.39
N HIS A 457 -24.47 -39.15 4.13
CA HIS A 457 -23.26 -38.90 4.91
C HIS A 457 -23.59 -38.51 6.35
N LEU A 458 -24.74 -37.85 6.56
CA LEU A 458 -25.17 -37.54 7.92
C LEU A 458 -25.56 -38.81 8.68
N VAL A 459 -26.24 -39.74 8.01
CA VAL A 459 -26.59 -41.02 8.63
C VAL A 459 -25.33 -41.82 8.94
N THR A 460 -24.34 -41.76 8.04
CA THR A 460 -23.06 -42.42 8.28
C THR A 460 -22.32 -41.82 9.47
N LEU A 461 -22.36 -40.48 9.60
CA LEU A 461 -21.72 -39.82 10.74
C LEU A 461 -22.42 -40.16 12.05
N CYS A 462 -23.75 -40.26 12.02
CA CYS A 462 -24.49 -40.61 13.23
C CYS A 462 -24.23 -42.04 13.66
N LYS A 463 -24.15 -42.96 12.68
CA LYS A 463 -23.78 -44.34 12.99
C LYS A 463 -22.34 -44.43 13.49
N LYS A 464 -21.46 -43.57 12.99
CA LYS A 464 -20.08 -43.58 13.46
C LYS A 464 -19.96 -43.03 14.86
N ILE A 465 -20.81 -42.06 15.22
CA ILE A 465 -20.86 -41.58 16.60
C ILE A 465 -21.35 -42.68 17.53
N GLY A 466 -22.38 -43.41 17.10
CA GLY A 466 -22.90 -44.50 17.92
C GLY A 466 -21.95 -45.67 18.04
N GLU A 467 -21.16 -45.93 17.00
CA GLU A 467 -20.21 -47.03 17.04
C GLU A 467 -18.94 -46.64 17.81
N THR A 468 -18.53 -45.38 17.70
CA THR A 468 -17.35 -44.89 18.41
C THR A 468 -17.60 -44.82 19.91
N MET A 469 -18.79 -44.40 20.32
CA MET A 469 -19.14 -44.22 21.72
C MET A 469 -20.30 -45.15 22.08
N PRO A 470 -20.03 -46.42 22.36
CA PRO A 470 -21.12 -47.31 22.79
C PRO A 470 -21.56 -47.05 24.22
N PHE A 471 -20.75 -46.35 25.02
CA PHE A 471 -21.05 -46.16 26.42
C PHE A 471 -22.24 -45.25 26.65
N LEU A 472 -22.62 -44.44 25.67
CA LEU A 472 -23.85 -43.67 25.78
C LEU A 472 -25.07 -44.44 25.31
N PHE A 473 -24.97 -45.77 25.19
CA PHE A 473 -26.14 -46.60 25.00
C PHE A 473 -26.25 -47.74 26.01
N CYS A 474 -25.30 -47.87 26.92
CA CYS A 474 -25.39 -48.85 27.98
C CYS A 474 -25.98 -48.21 29.24
N ASP A 475 -26.65 -49.03 30.04
CA ASP A 475 -27.44 -48.51 31.15
C ASP A 475 -26.57 -48.07 32.32
N ASN A 476 -25.40 -48.70 32.49
CA ASN A 476 -24.56 -48.41 33.64
C ASN A 476 -23.91 -47.03 33.54
N PHE A 477 -23.49 -46.65 32.33
CA PHE A 477 -22.84 -45.35 32.15
C PHE A 477 -23.86 -44.22 32.16
N ILE A 478 -24.92 -44.35 31.36
CA ILE A 478 -26.01 -43.37 31.32
C ILE A 478 -27.31 -44.09 31.63
N PRO A 479 -28.02 -43.72 32.70
CA PRO A 479 -29.26 -44.42 33.04
C PRO A 479 -30.40 -44.06 32.09
N ASN A 480 -31.35 -44.99 31.97
CA ASN A 480 -32.45 -44.82 31.05
C ASN A 480 -33.45 -43.80 31.56
N GLY A 481 -34.03 -43.05 30.62
CA GLY A 481 -35.05 -42.06 30.96
C GLY A 481 -34.53 -40.86 31.72
N LYS A 482 -33.24 -40.59 31.66
CA LYS A 482 -32.63 -39.50 32.42
C LYS A 482 -32.14 -38.43 31.46
N ASP A 483 -32.34 -37.18 31.85
CA ASP A 483 -31.93 -36.05 31.01
C ASP A 483 -30.41 -35.93 31.00
N VAL A 484 -29.85 -35.69 29.82
CA VAL A 484 -28.41 -35.67 29.62
C VAL A 484 -28.01 -34.28 29.13
N LEU A 485 -27.04 -33.69 29.80
CA LEU A 485 -26.41 -32.45 29.37
C LEU A 485 -25.01 -32.78 28.88
N PHE A 486 -24.75 -32.51 27.61
CA PHE A 486 -23.42 -32.69 27.03
C PHE A 486 -22.62 -31.41 27.17
N VAL A 487 -21.38 -31.55 27.64
CA VAL A 487 -20.44 -30.43 27.66
C VAL A 487 -19.28 -30.84 26.77
N PRO A 488 -19.39 -30.59 25.49
CA PRO A 488 -18.41 -31.15 24.60
C PRO A 488 -17.13 -30.43 24.32
N HIS A 489 -16.20 -31.09 23.67
CA HIS A 489 -14.89 -30.52 23.43
C HIS A 489 -14.50 -30.63 22.01
N ASP A 490 -13.73 -29.69 21.54
CA ASP A 490 -13.25 -29.67 20.17
C ASP A 490 -14.25 -30.05 19.10
N PHE A 491 -13.81 -30.51 17.98
CA PHE A 491 -14.73 -30.78 16.86
C PHE A 491 -15.98 -31.59 17.20
N LEU A 492 -16.04 -32.33 18.32
CA LEU A 492 -17.28 -32.91 18.84
C LEU A 492 -18.38 -31.88 19.13
N HIS A 493 -18.04 -30.59 19.22
CA HIS A 493 -19.05 -29.52 19.32
C HIS A 493 -19.98 -29.52 18.12
N ARG A 494 -19.46 -29.83 16.94
CA ARG A 494 -20.25 -29.80 15.72
C ARG A 494 -20.89 -31.12 15.39
N LEU A 495 -20.67 -32.15 16.18
CA LEU A 495 -21.27 -33.44 15.96
C LEU A 495 -22.67 -33.48 16.59
N PRO A 496 -23.66 -34.03 15.90
CA PRO A 496 -24.96 -34.22 16.56
C PRO A 496 -24.95 -35.42 17.49
N LEU A 497 -24.87 -35.16 18.79
CA LEU A 497 -24.84 -36.23 19.77
C LEU A 497 -26.23 -36.77 20.06
N HIS A 498 -27.27 -35.96 19.82
CA HIS A 498 -28.63 -36.42 20.06
C HIS A 498 -29.11 -37.38 18.98
N GLY A 499 -28.54 -37.31 17.79
CA GLY A 499 -28.91 -38.18 16.71
C GLY A 499 -28.10 -39.45 16.60
N SER A 500 -27.46 -39.88 17.68
CA SER A 500 -26.61 -41.06 17.66
C SER A 500 -27.44 -42.33 17.47
N ILE A 501 -27.00 -43.19 16.55
CA ILE A 501 -27.68 -44.44 16.25
C ILE A 501 -26.87 -45.58 16.86
N GLU A 502 -27.55 -46.42 17.64
CA GLU A 502 -26.87 -47.51 18.33
C GLU A 502 -26.44 -48.59 17.34
N ASN A 503 -25.30 -49.21 17.64
CA ASN A 503 -24.71 -50.22 16.76
C ASN A 503 -25.47 -51.54 16.89
N LYS A 504 -26.68 -51.54 16.34
CA LYS A 504 -27.53 -52.71 16.28
C LYS A 504 -28.18 -52.76 14.91
N THR A 505 -28.92 -53.84 14.64
CA THR A 505 -29.64 -53.93 13.37
C THR A 505 -30.85 -53.01 13.37
N ASN A 506 -31.71 -53.14 14.37
CA ASN A 506 -32.82 -52.20 14.55
C ASN A 506 -32.29 -51.05 15.40
N GLY A 507 -31.56 -50.15 14.76
CA GLY A 507 -30.85 -49.09 15.44
C GLY A 507 -31.72 -48.05 16.11
N LYS A 508 -31.41 -47.73 17.36
CA LYS A 508 -32.21 -46.82 18.16
C LYS A 508 -31.54 -45.45 18.20
N LEU A 509 -32.33 -44.41 17.95
CA LEU A 509 -31.84 -43.05 18.05
C LEU A 509 -31.64 -42.68 19.51
N PHE A 510 -30.70 -41.78 19.78
CA PHE A 510 -30.38 -41.42 21.16
C PHE A 510 -31.46 -40.55 21.78
N LEU A 511 -32.08 -39.68 20.99
CA LEU A 511 -33.06 -38.74 21.53
C LEU A 511 -34.39 -39.39 21.87
N GLU A 512 -34.59 -40.66 21.54
CA GLU A 512 -35.86 -41.31 21.82
C GLU A 512 -36.02 -41.72 23.28
N ASN A 513 -34.94 -41.70 24.07
CA ASN A 513 -35.02 -42.06 25.47
C ASN A 513 -34.50 -41.00 26.42
N HIS A 514 -33.80 -39.98 25.92
CA HIS A 514 -33.19 -38.98 26.78
C HIS A 514 -33.50 -37.58 26.25
N SER A 515 -33.53 -36.62 27.16
CA SER A 515 -33.69 -35.22 26.82
C SER A 515 -32.31 -34.57 26.78
N CYS A 516 -31.92 -34.09 25.61
CA CYS A 516 -30.55 -33.67 25.35
C CYS A 516 -30.43 -32.16 25.51
N CYS A 517 -29.39 -31.73 26.22
CA CYS A 517 -29.09 -30.31 26.34
C CYS A 517 -27.61 -30.11 26.07
N TYR A 518 -27.24 -28.91 25.63
CA TYR A 518 -25.87 -28.62 25.27
C TYR A 518 -25.38 -27.38 26.00
N LEU A 519 -24.05 -27.27 26.12
CA LEU A 519 -23.39 -26.16 26.77
C LEU A 519 -21.95 -26.07 26.28
N PRO A 520 -21.41 -24.87 26.04
CA PRO A 520 -19.99 -24.77 25.65
C PRO A 520 -19.04 -25.17 26.77
N ALA A 521 -19.32 -24.74 27.98
CA ALA A 521 -18.52 -25.11 29.15
C ALA A 521 -19.42 -25.05 30.37
N TRP A 522 -18.95 -25.69 31.45
CA TRP A 522 -19.72 -25.70 32.70
C TRP A 522 -19.74 -24.33 33.35
N SER A 523 -18.80 -23.45 33.03
CA SER A 523 -18.79 -22.10 33.58
C SER A 523 -19.91 -21.22 33.02
N PHE A 524 -20.59 -21.65 31.97
CA PHE A 524 -21.70 -20.89 31.40
C PHE A 524 -23.02 -21.19 32.07
N ALA A 525 -23.11 -22.24 32.87
CA ALA A 525 -24.34 -22.59 33.57
C ALA A 525 -24.64 -21.59 34.68
N SER A 526 -25.92 -21.39 34.95
CA SER A 526 -26.35 -20.39 35.91
C SER A 526 -27.53 -20.93 36.72
N GLU A 527 -27.92 -20.16 37.74
CA GLU A 527 -29.07 -20.46 38.57
C GLU A 527 -30.03 -19.29 38.51
N LYS A 528 -31.32 -19.56 38.81
CA LYS A 528 -32.39 -18.57 38.88
C LYS A 528 -32.55 -17.86 37.53
N GLU A 529 -33.11 -18.57 36.55
CA GLU A 529 -33.32 -18.03 35.20
C GLU A 529 -34.13 -16.73 35.21
N ALA A 530 -35.31 -16.76 35.86
CA ALA A 530 -36.13 -15.58 36.15
C ALA A 530 -36.56 -14.83 34.88
N SER A 531 -37.41 -15.48 34.08
CA SER A 531 -37.95 -14.85 32.87
C SER A 531 -38.75 -13.60 33.20
N THR A 532 -39.73 -13.73 34.12
CA THR A 532 -40.48 -12.67 34.79
C THR A 532 -41.46 -11.92 33.89
N SER A 533 -41.52 -12.23 32.59
CA SER A 533 -42.47 -11.57 31.72
C SER A 533 -43.24 -12.57 30.87
N ASP A 534 -44.10 -12.05 30.01
CA ASP A 534 -44.92 -12.85 29.11
C ASP A 534 -44.93 -12.32 27.69
N GLU A 535 -44.13 -11.32 27.37
CA GLU A 535 -44.10 -10.72 26.05
C GLU A 535 -43.31 -11.61 25.09
N TYR A 536 -43.80 -11.73 23.85
CA TYR A 536 -43.13 -12.49 22.80
C TYR A 536 -42.67 -11.53 21.73
N VAL A 537 -41.37 -11.52 21.44
CA VAL A 537 -40.75 -10.54 20.56
C VAL A 537 -40.19 -11.25 19.34
N LEU A 538 -40.37 -10.64 18.17
CA LEU A 538 -39.85 -11.17 16.91
C LEU A 538 -39.00 -10.09 16.24
N LEU A 539 -37.92 -10.53 15.60
CA LEU A 539 -37.10 -9.66 14.76
C LEU A 539 -36.87 -10.35 13.43
N LYS A 540 -36.86 -9.55 12.36
CA LYS A 540 -36.69 -10.07 11.01
C LYS A 540 -35.92 -9.05 10.18
N ASN A 541 -35.06 -9.54 9.29
CA ASN A 541 -34.32 -8.65 8.41
C ASN A 541 -34.40 -9.08 6.96
N PHE A 542 -34.47 -10.38 6.70
CA PHE A 542 -34.45 -10.90 5.34
C PHE A 542 -35.85 -11.21 4.86
N ASP A 543 -36.10 -10.95 3.57
CA ASP A 543 -37.41 -11.07 2.96
C ASP A 543 -37.55 -12.31 2.07
N GLN A 544 -36.47 -13.04 1.83
CA GLN A 544 -36.53 -14.19 0.93
C GLN A 544 -37.29 -15.34 1.57
N GLY A 545 -37.09 -15.56 2.87
CA GLY A 545 -37.81 -16.61 3.57
C GLY A 545 -39.27 -16.22 3.78
N HIS A 546 -40.17 -17.10 3.34
CA HIS A 546 -41.60 -16.79 3.36
C HIS A 546 -42.13 -16.93 4.80
N PHE A 547 -41.88 -15.90 5.59
CA PHE A 547 -42.38 -15.82 6.94
C PHE A 547 -43.53 -14.83 7.07
N GLU A 548 -44.29 -14.63 5.99
CA GLU A 548 -45.37 -13.65 6.02
C GLU A 548 -46.53 -14.12 6.90
N THR A 549 -46.76 -15.43 6.94
CA THR A 549 -47.82 -15.97 7.79
C THR A 549 -47.41 -15.98 9.26
N LEU A 550 -46.11 -15.89 9.55
CA LEU A 550 -45.64 -15.92 10.91
C LEU A 550 -45.72 -14.54 11.55
N GLN A 551 -45.38 -13.49 10.79
CA GLN A 551 -45.40 -12.13 11.33
C GLN A 551 -46.80 -11.58 11.50
N ASN A 552 -47.79 -12.13 10.79
CA ASN A 552 -49.16 -11.67 10.92
C ASN A 552 -49.89 -12.29 12.11
N ASN A 553 -49.21 -13.10 12.91
CA ASN A 553 -49.87 -13.79 14.02
C ASN A 553 -50.18 -12.80 15.15
N GLN A 554 -51.17 -13.17 15.96
CA GLN A 554 -51.70 -12.28 16.99
C GLN A 554 -50.77 -12.17 18.19
N ILE A 555 -50.01 -13.24 18.46
CA ILE A 555 -49.37 -13.44 19.76
C ILE A 555 -48.20 -12.48 19.97
N TRP A 556 -47.59 -11.99 18.89
CA TRP A 556 -46.37 -11.19 18.96
C TRP A 556 -46.59 -9.86 19.68
N GLY A 557 -45.67 -9.55 20.58
CA GLY A 557 -45.90 -8.51 21.57
C GLY A 557 -45.82 -7.10 21.01
N THR A 558 -45.94 -6.14 21.92
CA THR A 558 -46.11 -4.74 21.51
C THR A 558 -44.78 -4.06 21.19
N GLN A 559 -43.67 -4.49 21.79
CA GLN A 559 -42.41 -3.80 21.58
C GLN A 559 -41.58 -4.52 20.53
N SER A 560 -40.97 -3.72 19.65
CA SER A 560 -39.85 -4.07 18.77
C SER A 560 -40.07 -5.23 17.82
N VAL A 561 -41.32 -5.69 17.66
CA VAL A 561 -41.63 -6.64 16.60
C VAL A 561 -41.45 -5.94 15.25
N LYS A 562 -40.58 -6.47 14.40
CA LYS A 562 -40.19 -5.73 13.21
C LYS A 562 -40.36 -6.48 11.90
N ASP A 563 -39.93 -5.81 10.83
CA ASP A 563 -39.61 -6.41 9.55
C ASP A 563 -38.60 -5.48 8.89
N GLY A 564 -37.37 -5.94 8.76
CA GLY A 564 -36.27 -5.04 8.50
C GLY A 564 -35.67 -4.49 9.78
N ALA A 565 -35.44 -5.37 10.76
CA ALA A 565 -34.95 -4.96 12.06
C ALA A 565 -33.48 -4.55 11.99
N SER A 566 -33.05 -3.79 12.99
CA SER A 566 -31.69 -3.29 13.04
C SER A 566 -31.07 -3.62 14.40
N SER A 567 -29.78 -3.32 14.53
CA SER A 567 -29.05 -3.65 15.74
C SER A 567 -29.54 -2.84 16.94
N ASP A 568 -29.86 -1.56 16.71
CA ASP A 568 -30.36 -0.72 17.79
C ASP A 568 -31.71 -1.20 18.28
N ASP A 569 -32.50 -1.79 17.39
CA ASP A 569 -33.79 -2.36 17.77
C ASP A 569 -33.60 -3.60 18.62
N LEU A 570 -32.51 -4.34 18.42
CA LEU A 570 -32.18 -5.43 19.33
C LEU A 570 -31.66 -4.90 20.66
N GLU A 571 -30.96 -3.77 20.64
CA GLU A 571 -30.50 -3.14 21.87
C GLU A 571 -31.62 -2.43 22.64
N ASN A 572 -32.79 -2.26 22.03
CA ASN A 572 -33.89 -1.51 22.63
C ASN A 572 -34.86 -2.39 23.42
N ILE A 573 -34.50 -3.65 23.69
CA ILE A 573 -35.37 -4.51 24.50
C ILE A 573 -35.36 -4.01 25.94
N ARG A 574 -36.56 -3.81 26.49
CA ARG A 574 -36.67 -3.11 27.78
C ARG A 574 -36.42 -4.06 28.95
N ASN A 575 -37.26 -5.09 29.11
CA ASN A 575 -37.18 -5.89 30.33
C ASN A 575 -37.61 -7.33 30.05
N ASN A 576 -36.61 -8.19 29.77
CA ASN A 576 -36.59 -9.65 29.86
C ASN A 576 -37.81 -10.37 29.28
N PRO A 577 -37.96 -10.44 27.96
CA PRO A 577 -39.13 -11.11 27.39
C PRO A 577 -39.09 -12.62 27.58
N ARG A 578 -40.26 -13.25 27.43
CA ARG A 578 -40.36 -14.69 27.61
C ARG A 578 -39.71 -15.44 26.46
N LEU A 579 -39.94 -14.99 25.23
CA LEU A 579 -39.35 -15.62 24.06
C LEU A 579 -38.96 -14.55 23.04
N LEU A 580 -37.71 -14.57 22.63
CA LEU A 580 -37.19 -13.72 21.57
C LEU A 580 -36.90 -14.59 20.37
N THR A 581 -37.26 -14.12 19.19
CA THR A 581 -36.98 -14.84 17.94
C THR A 581 -36.26 -13.88 17.00
N ILE A 582 -35.02 -14.22 16.65
CA ILE A 582 -34.22 -13.43 15.73
C ILE A 582 -34.10 -14.22 14.44
N LEU A 583 -34.64 -13.68 13.36
CA LEU A 583 -34.58 -14.32 12.04
C LEU A 583 -33.71 -13.44 11.15
N CYS A 584 -32.49 -13.91 10.89
CA CYS A 584 -31.54 -13.19 10.06
C CYS A 584 -30.53 -14.19 9.52
N HIS A 585 -29.74 -13.74 8.55
CA HIS A 585 -28.62 -14.53 8.10
C HIS A 585 -27.43 -14.34 9.06
N GLY A 586 -26.49 -15.26 8.98
CA GLY A 586 -25.32 -15.24 9.85
C GLY A 586 -24.05 -15.07 9.04
N GLU A 587 -23.06 -14.42 9.65
CA GLU A 587 -21.77 -14.20 9.02
C GLU A 587 -20.67 -14.64 9.98
N ALA A 588 -19.74 -15.45 9.49
CA ALA A 588 -18.67 -16.01 10.29
C ALA A 588 -17.34 -15.41 9.84
N ASN A 589 -16.71 -14.65 10.72
CA ASN A 589 -15.34 -14.20 10.48
C ASN A 589 -14.41 -15.35 10.82
N MET A 590 -13.49 -15.65 9.90
CA MET A 590 -12.77 -16.91 9.97
C MET A 590 -11.59 -16.90 10.93
N SER A 591 -11.25 -15.75 11.50
CA SER A 591 -10.18 -15.68 12.48
C SER A 591 -10.66 -15.18 13.83
N ASN A 592 -11.50 -14.15 13.85
CA ASN A 592 -11.99 -13.56 15.07
C ASN A 592 -13.42 -14.01 15.32
N PRO A 593 -13.71 -14.69 16.43
CA PRO A 593 -15.11 -14.90 16.81
C PRO A 593 -15.79 -13.63 17.29
N PHE A 594 -15.01 -12.62 17.70
CA PHE A 594 -15.58 -11.33 18.09
C PHE A 594 -16.15 -10.56 16.92
N ARG A 595 -15.74 -10.88 15.70
CA ARG A 595 -16.24 -10.21 14.51
C ARG A 595 -17.31 -11.00 13.77
N SER A 596 -17.73 -12.15 14.30
CA SER A 596 -18.86 -12.86 13.73
C SER A 596 -20.14 -12.10 14.06
N MET A 597 -20.99 -11.91 13.07
CA MET A 597 -22.11 -10.99 13.23
C MET A 597 -23.40 -11.64 12.73
N LEU A 598 -24.52 -11.11 13.23
CA LEU A 598 -25.84 -11.42 12.72
C LEU A 598 -26.25 -10.35 11.72
N LYS A 599 -26.72 -10.76 10.56
CA LYS A 599 -27.05 -9.83 9.46
C LYS A 599 -28.38 -9.15 9.73
N LEU A 600 -28.33 -8.09 10.52
CA LEU A 600 -29.44 -7.17 10.69
C LEU A 600 -29.18 -5.94 9.82
N ALA A 601 -30.03 -4.92 9.95
CA ALA A 601 -29.84 -3.70 9.17
C ALA A 601 -28.68 -2.89 9.73
N ASN A 602 -28.30 -1.85 8.97
CA ASN A 602 -27.18 -0.91 9.13
C ASN A 602 -25.92 -1.52 9.73
N GLY A 603 -25.46 -2.62 9.14
CA GLY A 603 -24.21 -3.25 9.51
C GLY A 603 -24.35 -4.47 10.37
N GLY A 604 -25.48 -4.66 11.04
CA GLY A 604 -25.69 -5.82 11.87
C GLY A 604 -24.99 -5.72 13.21
N ILE A 605 -25.24 -6.73 14.05
CA ILE A 605 -24.73 -6.78 15.40
C ILE A 605 -23.77 -7.97 15.52
N THR A 606 -22.64 -7.75 16.17
CA THR A 606 -21.58 -8.73 16.27
C THR A 606 -21.60 -9.39 17.63
N TYR A 607 -20.62 -10.27 17.85
CA TYR A 607 -20.44 -10.92 19.16
C TYR A 607 -20.12 -9.88 20.23
N LEU A 608 -19.24 -8.93 19.91
CA LEU A 608 -18.84 -7.91 20.88
C LEU A 608 -19.97 -6.94 21.17
N GLU A 609 -20.74 -6.56 20.15
CA GLU A 609 -21.87 -5.68 20.36
C GLU A 609 -23.00 -6.37 21.10
N ILE A 610 -23.11 -7.69 20.96
CA ILE A 610 -24.03 -8.43 21.81
C ILE A 610 -23.53 -8.42 23.25
N LEU A 611 -22.24 -8.68 23.44
CA LEU A 611 -21.68 -8.79 24.78
C LEU A 611 -21.63 -7.46 25.52
N ASN A 612 -21.72 -6.34 24.80
CA ASN A 612 -21.73 -5.02 25.43
C ASN A 612 -23.10 -4.37 25.47
N SER A 613 -23.83 -4.35 24.36
CA SER A 613 -24.89 -3.36 24.21
C SER A 613 -26.25 -3.87 24.68
N VAL A 614 -26.58 -5.14 24.48
CA VAL A 614 -27.91 -5.61 24.84
C VAL A 614 -27.92 -6.03 26.31
N LYS A 615 -28.95 -5.59 27.03
CA LYS A 615 -29.02 -5.76 28.48
C LYS A 615 -30.28 -6.46 28.96
N GLY A 616 -31.42 -6.20 28.32
CA GLY A 616 -32.67 -6.75 28.82
C GLY A 616 -33.07 -8.08 28.23
N LEU A 617 -32.26 -9.11 28.44
CA LEU A 617 -32.57 -10.45 27.94
C LEU A 617 -32.28 -11.53 28.96
N LYS A 618 -32.37 -11.21 30.24
CA LYS A 618 -32.08 -12.18 31.29
C LYS A 618 -33.21 -13.20 31.38
N GLY A 619 -32.87 -14.47 31.27
CA GLY A 619 -33.86 -15.53 31.33
C GLY A 619 -34.81 -15.55 30.15
N SER A 620 -34.30 -15.27 28.95
CA SER A 620 -35.12 -15.19 27.75
C SER A 620 -34.77 -16.35 26.82
N GLN A 621 -35.77 -17.13 26.45
CA GLN A 621 -35.56 -18.17 25.45
C GLN A 621 -35.40 -17.52 24.08
N VAL A 622 -34.31 -17.86 23.39
CA VAL A 622 -33.99 -17.27 22.10
C VAL A 622 -34.03 -18.37 21.03
N ILE A 623 -34.60 -18.02 19.88
CA ILE A 623 -34.64 -18.91 18.72
C ILE A 623 -34.03 -18.16 17.54
N LEU A 624 -32.96 -18.71 16.98
CA LEU A 624 -32.22 -18.09 15.90
C LEU A 624 -32.59 -18.73 14.56
N GLY A 625 -32.77 -17.88 13.55
CA GLY A 625 -32.97 -18.39 12.21
C GLY A 625 -31.69 -18.68 11.46
N ALA A 626 -30.58 -18.10 11.89
CA ALA A 626 -29.29 -18.37 11.28
C ALA A 626 -28.77 -19.73 11.72
N CYS A 627 -28.28 -20.50 10.76
CA CYS A 627 -27.70 -21.80 11.06
C CYS A 627 -26.32 -21.62 11.67
N GLU A 628 -25.85 -22.66 12.36
CA GLU A 628 -24.56 -22.58 13.02
C GLU A 628 -23.41 -22.64 12.03
N THR A 629 -23.64 -23.23 10.84
CA THR A 629 -22.58 -23.29 9.84
C THR A 629 -22.30 -21.92 9.22
N ASP A 630 -23.24 -20.99 9.31
CA ASP A 630 -23.00 -19.61 8.92
C ASP A 630 -22.50 -18.74 10.06
N LEU A 631 -22.44 -19.27 11.29
CA LEU A 631 -21.99 -18.50 12.43
C LEU A 631 -20.58 -18.86 12.88
N VAL A 632 -20.12 -20.08 12.66
CA VAL A 632 -18.74 -20.45 12.97
C VAL A 632 -18.08 -20.89 11.67
N PRO A 633 -16.76 -20.72 11.52
CA PRO A 633 -16.13 -21.09 10.26
C PRO A 633 -15.96 -22.59 10.15
N PRO A 634 -15.86 -23.11 8.93
CA PRO A 634 -15.50 -24.53 8.77
C PRO A 634 -14.06 -24.77 9.22
N LEU A 635 -13.82 -25.95 9.74
CA LEU A 635 -12.57 -26.27 10.41
C LEU A 635 -11.74 -27.26 9.61
N SER A 636 -10.42 -27.15 9.76
CA SER A 636 -9.49 -28.05 9.09
C SER A 636 -8.64 -28.88 10.04
N ASP A 637 -8.51 -28.47 11.30
CA ASP A 637 -7.75 -29.22 12.28
C ASP A 637 -8.71 -29.98 13.20
N VAL A 638 -8.12 -30.86 14.03
CA VAL A 638 -8.94 -31.63 14.97
C VAL A 638 -9.40 -30.75 16.12
N MET A 639 -8.68 -29.66 16.38
CA MET A 639 -8.98 -28.77 17.49
C MET A 639 -9.56 -27.47 16.97
N ASP A 640 -10.72 -27.10 17.48
CA ASP A 640 -11.28 -25.77 17.28
C ASP A 640 -11.82 -25.27 18.60
N GLU A 641 -11.63 -23.99 18.86
CA GLU A 641 -12.23 -23.32 20.01
C GLU A 641 -12.84 -22.02 19.48
N HIS A 642 -14.07 -22.14 19.01
CA HIS A 642 -14.74 -21.02 18.37
C HIS A 642 -16.15 -20.96 18.90
N TYR A 643 -16.56 -19.79 19.36
CA TYR A 643 -17.82 -19.59 20.04
C TYR A 643 -18.76 -18.83 19.11
N SER A 644 -19.99 -19.31 18.98
CA SER A 644 -20.98 -18.64 18.14
C SER A 644 -21.62 -17.52 18.95
N VAL A 645 -22.63 -16.87 18.37
CA VAL A 645 -23.34 -15.81 19.09
C VAL A 645 -24.28 -16.37 20.13
N ALA A 646 -24.54 -17.68 20.11
CA ALA A 646 -25.32 -18.32 21.17
C ALA A 646 -24.58 -18.28 22.49
N THR A 647 -23.26 -18.38 22.46
CA THR A 647 -22.49 -18.28 23.69
C THR A 647 -22.49 -16.85 24.24
N ALA A 648 -22.52 -15.86 23.36
CA ALA A 648 -22.63 -14.47 23.82
C ALA A 648 -24.02 -14.20 24.39
N LEU A 649 -25.05 -14.80 23.77
CA LEU A 649 -26.40 -14.71 24.31
C LEU A 649 -26.50 -15.38 25.67
N LEU A 650 -25.79 -16.48 25.86
CA LEU A 650 -25.75 -17.11 27.18
C LEU A 650 -24.98 -16.24 28.18
N LEU A 651 -23.94 -15.56 27.72
CA LEU A 651 -23.19 -14.69 28.62
C LEU A 651 -23.97 -13.43 29.00
N ILE A 652 -24.92 -13.02 28.16
CA ILE A 652 -25.83 -11.93 28.53
C ILE A 652 -26.73 -12.35 29.67
N GLY A 653 -27.23 -13.58 29.63
CA GLY A 653 -28.08 -14.05 30.70
C GLY A 653 -29.32 -14.77 30.23
N ALA A 654 -29.36 -15.11 28.94
CA ALA A 654 -30.48 -15.87 28.40
C ALA A 654 -30.51 -17.26 28.99
N ALA A 655 -31.72 -17.81 29.12
CA ALA A 655 -31.87 -19.12 29.74
C ALA A 655 -31.56 -20.24 28.77
N GLY A 656 -31.87 -20.06 27.50
CA GLY A 656 -31.62 -21.08 26.50
C GLY A 656 -31.75 -20.58 25.09
N VAL A 657 -30.92 -21.09 24.19
CA VAL A 657 -30.92 -20.70 22.79
C VAL A 657 -31.15 -21.94 21.95
N VAL A 658 -32.22 -21.95 21.17
CA VAL A 658 -32.58 -23.07 20.32
C VAL A 658 -32.25 -22.67 18.88
N GLY A 659 -31.37 -23.43 18.24
CA GLY A 659 -30.92 -23.11 16.91
C GLY A 659 -30.80 -24.35 16.04
N THR A 660 -30.41 -24.12 14.79
CA THR A 660 -30.18 -25.19 13.83
C THR A 660 -28.69 -25.35 13.61
N MET A 661 -28.21 -26.59 13.64
CA MET A 661 -26.79 -26.84 13.43
C MET A 661 -26.38 -26.56 12.00
N TRP A 662 -27.21 -26.95 11.04
CA TRP A 662 -26.97 -26.71 9.62
C TRP A 662 -28.21 -26.09 9.00
N LYS A 663 -28.13 -25.84 7.70
CA LYS A 663 -29.20 -25.13 7.02
C LYS A 663 -30.37 -26.06 6.75
N VAL A 664 -31.57 -25.63 7.16
CA VAL A 664 -32.83 -26.28 6.81
C VAL A 664 -33.69 -25.25 6.12
N ARG A 665 -34.77 -25.74 5.50
CA ARG A 665 -35.72 -24.84 4.85
C ARG A 665 -36.52 -24.05 5.89
N SER A 666 -37.13 -22.97 5.44
CA SER A 666 -37.82 -22.04 6.34
C SER A 666 -39.08 -22.64 6.95
N ASN A 667 -39.66 -23.65 6.32
CA ASN A 667 -40.88 -24.26 6.83
C ASN A 667 -40.62 -25.00 8.15
N LYS A 668 -39.44 -25.62 8.28
CA LYS A 668 -39.12 -26.35 9.51
C LYS A 668 -38.88 -25.40 10.68
N THR A 669 -38.21 -24.28 10.42
CA THR A 669 -37.99 -23.28 11.46
C THR A 669 -39.30 -22.61 11.86
N LYS A 670 -40.18 -22.36 10.88
CA LYS A 670 -41.50 -21.82 11.16
C LYS A 670 -42.33 -22.80 11.98
N SER A 671 -42.19 -24.10 11.70
CA SER A 671 -42.90 -25.12 12.47
C SER A 671 -42.38 -25.19 13.90
N LEU A 672 -41.07 -25.06 14.09
CA LEU A 672 -40.51 -25.03 15.43
C LEU A 672 -40.98 -23.81 16.20
N ILE A 673 -41.04 -22.64 15.54
CA ILE A 673 -41.50 -21.41 16.19
C ILE A 673 -42.97 -21.53 16.58
N GLU A 674 -43.80 -22.06 15.69
CA GLU A 674 -45.23 -22.20 15.97
C GLU A 674 -45.49 -23.23 17.06
N TRP A 675 -44.74 -24.32 17.08
CA TRP A 675 -44.90 -25.31 18.13
C TRP A 675 -44.40 -24.77 19.47
N LYS A 676 -43.37 -23.92 19.46
CA LYS A 676 -42.90 -23.31 20.70
C LYS A 676 -43.91 -22.28 21.21
N LEU A 677 -44.59 -21.59 20.31
CA LEU A 677 -45.59 -20.61 20.70
C LEU A 677 -46.82 -21.30 21.29
N GLU A 678 -47.24 -22.41 20.68
CA GLU A 678 -48.39 -23.13 21.21
C GLU A 678 -48.02 -23.89 22.48
N ASN A 679 -46.81 -24.41 22.57
CA ASN A 679 -46.36 -25.21 23.71
C ASN A 679 -44.93 -24.77 24.06
N ILE A 680 -44.80 -24.02 25.14
CA ILE A 680 -43.52 -23.43 25.51
C ILE A 680 -42.81 -24.32 26.53
N GLU A 681 -43.57 -25.06 27.32
CA GLU A 681 -42.97 -25.90 28.36
C GLU A 681 -42.41 -27.20 27.80
N TYR A 682 -42.99 -27.71 26.71
CA TYR A 682 -42.72 -29.07 26.27
C TYR A 682 -41.32 -29.20 25.67
N LYS A 683 -40.80 -30.42 25.72
CA LYS A 683 -39.41 -30.65 25.39
C LYS A 683 -39.22 -30.85 23.89
N LEU A 684 -38.00 -30.58 23.44
CA LEU A 684 -37.70 -30.53 22.00
C LEU A 684 -37.60 -31.91 21.38
N ASN A 685 -37.19 -32.92 22.17
CA ASN A 685 -37.07 -34.26 21.61
C ASN A 685 -38.43 -34.88 21.34
N GLU A 686 -39.47 -34.43 22.05
CA GLU A 686 -40.84 -34.86 21.73
C GLU A 686 -41.27 -34.35 20.36
N TRP A 687 -40.95 -33.09 20.05
CA TRP A 687 -41.27 -32.55 18.74
C TRP A 687 -40.42 -33.19 17.65
N GLN A 688 -39.18 -33.55 17.98
CA GLN A 688 -38.31 -34.22 17.02
C GLN A 688 -38.78 -35.64 16.75
N LYS A 689 -39.33 -36.30 17.76
CA LYS A 689 -39.90 -37.63 17.54
C LYS A 689 -41.22 -37.55 16.79
N GLU A 690 -42.00 -36.49 17.03
CA GLU A 690 -43.32 -36.39 16.43
C GLU A 690 -43.24 -36.00 14.96
N THR A 691 -42.23 -35.23 14.58
CA THR A 691 -42.13 -34.76 13.20
C THR A 691 -41.64 -35.84 12.24
N GLY A 692 -41.21 -36.99 12.74
CA GLY A 692 -40.74 -38.08 11.91
C GLY A 692 -39.25 -38.24 11.86
N GLY A 693 -38.53 -37.89 12.92
CA GLY A 693 -37.10 -37.96 12.93
C GLY A 693 -36.49 -39.31 13.20
N ALA A 694 -37.31 -40.34 13.39
CA ALA A 694 -36.82 -41.68 13.65
C ALA A 694 -36.82 -42.54 12.40
N ALA A 695 -36.78 -41.92 11.22
CA ALA A 695 -36.92 -42.64 9.97
C ALA A 695 -35.72 -42.44 9.07
N TYR A 696 -34.52 -42.66 9.59
CA TYR A 696 -33.31 -42.52 8.76
C TYR A 696 -33.22 -43.60 7.69
N LYS A 697 -33.88 -44.74 7.89
CA LYS A 697 -33.73 -45.85 6.96
C LYS A 697 -34.52 -45.62 5.68
N ASP A 698 -35.64 -44.92 5.78
CA ASP A 698 -36.54 -44.73 4.63
C ASP A 698 -36.50 -43.33 4.04
N HIS A 699 -36.53 -42.29 4.87
CA HIS A 699 -36.48 -40.91 4.40
C HIS A 699 -35.34 -40.18 5.11
N PRO A 700 -34.12 -40.25 4.56
CA PRO A 700 -33.01 -39.49 5.13
C PRO A 700 -33.13 -37.97 5.01
N PRO A 701 -33.87 -37.39 4.04
CA PRO A 701 -34.15 -35.93 4.18
C PRO A 701 -34.92 -35.53 5.42
N THR A 702 -35.90 -36.33 5.87
CA THR A 702 -36.63 -35.99 7.07
C THR A 702 -35.74 -36.11 8.31
N PHE A 703 -34.88 -37.13 8.33
CA PHE A 703 -33.89 -37.27 9.40
C PHE A 703 -32.88 -36.14 9.37
N TYR A 704 -32.55 -35.64 8.18
CA TYR A 704 -31.65 -34.50 8.04
C TYR A 704 -32.27 -33.24 8.60
N ARG A 705 -33.54 -32.99 8.28
CA ARG A 705 -34.21 -31.79 8.76
C ARG A 705 -34.58 -31.86 10.23
N SER A 706 -34.68 -33.07 10.79
CA SER A 706 -35.22 -33.19 12.15
C SER A 706 -34.17 -33.02 13.24
N ILE A 707 -33.03 -33.71 13.13
CA ILE A 707 -32.02 -33.68 14.20
C ILE A 707 -31.15 -32.44 14.18
N ALA A 708 -31.41 -31.49 13.29
CA ALA A 708 -30.60 -30.29 13.20
C ALA A 708 -30.80 -29.33 14.37
N PHE A 709 -31.87 -29.48 15.13
CA PHE A 709 -32.26 -28.50 16.13
C PHE A 709 -31.63 -28.85 17.48
N ARG A 710 -30.94 -27.89 18.06
CA ARG A 710 -30.17 -28.08 19.27
C ARG A 710 -30.47 -26.94 20.24
N SER A 711 -30.68 -27.28 21.50
CA SER A 711 -30.85 -26.30 22.57
C SER A 711 -29.53 -26.08 23.27
N ILE A 712 -29.18 -24.81 23.49
CA ILE A 712 -27.91 -24.46 24.12
C ILE A 712 -28.22 -23.67 25.40
N GLY A 713 -28.17 -24.35 26.54
CA GLY A 713 -28.46 -23.73 27.81
C GLY A 713 -28.31 -24.74 28.92
N PHE A 714 -28.67 -24.34 30.12
CA PHE A 714 -28.84 -25.29 31.21
C PHE A 714 -29.99 -24.87 32.10
N PRO A 715 -31.15 -25.54 32.04
CA PRO A 715 -32.28 -25.24 32.92
C PRO A 715 -31.99 -25.61 34.37
N ASP C 5 -2.22 -53.78 -27.20
CA ASP C 5 -0.80 -53.96 -27.52
C ASP C 5 -0.31 -52.88 -28.46
N MET C 6 -1.10 -51.82 -28.60
CA MET C 6 -0.84 -50.77 -29.57
C MET C 6 -0.53 -49.46 -28.85
N ASN C 7 0.49 -48.77 -29.34
CA ASN C 7 0.87 -47.47 -28.81
C ASN C 7 0.18 -46.34 -29.57
N ILE C 8 0.07 -45.18 -28.91
CA ILE C 8 -0.53 -43.99 -29.50
C ILE C 8 0.41 -42.82 -29.19
N THR C 9 0.50 -41.88 -30.12
CA THR C 9 1.39 -40.74 -30.01
C THR C 9 0.56 -39.50 -29.70
N VAL C 10 0.97 -38.79 -28.66
CA VAL C 10 0.18 -37.71 -28.05
C VAL C 10 0.96 -36.42 -28.18
N GLU C 11 0.29 -35.39 -28.70
CA GLU C 11 0.86 -34.05 -28.82
C GLU C 11 0.12 -33.12 -27.87
N LEU C 12 0.88 -32.43 -27.03
CA LEU C 12 0.36 -31.55 -25.99
C LEU C 12 0.75 -30.12 -26.34
N THR C 13 -0.24 -29.27 -26.60
CA THR C 13 0.04 -27.89 -26.99
C THR C 13 -0.55 -26.92 -25.97
N PHE C 14 0.14 -25.81 -25.76
CA PHE C 14 -0.21 -24.83 -24.74
C PHE C 14 -0.75 -23.57 -25.40
N PHE C 15 -1.57 -22.83 -24.64
CA PHE C 15 -2.14 -21.58 -25.10
C PHE C 15 -1.95 -20.47 -24.07
N GLU C 16 -1.08 -20.68 -23.11
CA GLU C 16 -0.76 -19.74 -22.05
C GLU C 16 0.69 -19.94 -21.69
N PRO C 17 1.36 -18.93 -21.11
CA PRO C 17 2.71 -19.15 -20.60
C PRO C 17 2.73 -20.13 -19.43
N TYR C 18 3.30 -21.31 -19.66
CA TYR C 18 3.31 -22.36 -18.66
C TYR C 18 4.50 -22.18 -17.72
N ARG C 19 4.63 -23.08 -16.77
CA ARG C 19 5.59 -22.94 -15.67
C ARG C 19 6.67 -24.00 -15.74
N LEU C 20 7.90 -23.57 -15.49
CA LEU C 20 9.09 -24.39 -15.59
C LEU C 20 9.80 -24.43 -14.24
N VAL C 21 10.50 -25.52 -13.98
CA VAL C 21 11.25 -25.68 -12.74
C VAL C 21 12.45 -26.56 -13.02
N GLU C 22 13.49 -26.41 -12.21
CA GLU C 22 14.67 -27.25 -12.33
C GLU C 22 14.37 -28.66 -11.86
N TRP C 23 15.02 -29.63 -12.49
CA TRP C 23 14.75 -31.04 -12.23
C TRP C 23 15.66 -31.56 -11.13
N PHE C 24 15.06 -32.17 -10.11
CA PHE C 24 15.76 -32.94 -9.11
C PHE C 24 14.96 -34.21 -8.91
N ASP C 25 15.64 -35.35 -8.77
CA ASP C 25 14.97 -36.64 -8.89
C ASP C 25 13.95 -36.96 -7.79
N TRP C 26 14.40 -37.26 -6.56
CA TRP C 26 13.44 -37.46 -5.48
C TRP C 26 13.91 -36.97 -4.11
N ASP C 27 15.21 -36.91 -3.86
CA ASP C 27 15.74 -36.49 -2.56
C ASP C 27 16.39 -35.12 -2.64
N ALA C 28 17.08 -34.83 -3.73
CA ALA C 28 17.47 -33.46 -4.03
C ALA C 28 16.27 -32.57 -4.29
N ARG C 29 15.13 -33.16 -4.68
CA ARG C 29 13.88 -32.41 -4.73
C ARG C 29 13.43 -32.00 -3.34
N LYS C 30 13.59 -32.90 -2.36
CA LYS C 30 13.27 -32.57 -0.97
C LYS C 30 14.29 -31.59 -0.40
N LYS C 31 15.49 -31.53 -0.97
CA LYS C 31 16.48 -30.57 -0.50
C LYS C 31 16.10 -29.13 -0.86
N SER C 32 15.38 -28.94 -1.96
CA SER C 32 15.08 -27.61 -2.48
C SER C 32 13.63 -27.22 -2.24
N HIS C 33 13.37 -25.92 -2.11
CA HIS C 33 12.02 -25.44 -1.91
C HIS C 33 11.28 -25.23 -3.23
N SER C 34 11.97 -24.70 -4.23
CA SER C 34 11.35 -24.45 -5.53
C SER C 34 11.00 -25.75 -6.24
N ALA C 35 11.77 -26.82 -5.99
CA ALA C 35 11.48 -28.10 -6.59
C ALA C 35 10.23 -28.73 -5.99
N MET C 36 10.08 -28.64 -4.66
CA MET C 36 8.89 -29.18 -4.02
C MET C 36 7.66 -28.35 -4.33
N ARG C 37 7.83 -27.04 -4.48
CA ARG C 37 6.71 -26.18 -4.86
C ARG C 37 6.29 -26.41 -6.31
N GLY C 38 7.25 -26.56 -7.21
CA GLY C 38 6.92 -26.78 -8.61
C GLY C 38 6.89 -28.23 -9.02
N GLN C 39 6.12 -29.05 -8.31
CA GLN C 39 6.04 -30.47 -8.62
C GLN C 39 5.09 -30.78 -9.76
N ALA C 40 4.19 -29.86 -10.09
CA ALA C 40 3.24 -30.04 -11.18
C ALA C 40 3.55 -29.09 -12.34
N PHE C 41 4.83 -28.88 -12.60
CA PHE C 41 5.30 -27.98 -13.65
C PHE C 41 6.04 -28.80 -14.71
N ALA C 42 6.64 -28.10 -15.66
CA ALA C 42 7.55 -28.73 -16.60
C ALA C 42 8.96 -28.71 -16.02
N GLN C 43 9.75 -29.72 -16.36
CA GLN C 43 11.05 -29.96 -15.73
C GLN C 43 12.17 -29.63 -16.71
N TRP C 44 13.21 -28.98 -16.21
CA TRP C 44 14.35 -28.55 -17.00
C TRP C 44 15.61 -29.26 -16.51
N THR C 45 16.34 -29.90 -17.43
CA THR C 45 17.58 -30.58 -17.11
C THR C 45 18.72 -29.89 -17.85
N TRP C 46 19.82 -29.66 -17.15
CA TRP C 46 21.01 -29.08 -17.77
C TRP C 46 21.70 -30.12 -18.63
N LYS C 47 22.08 -29.72 -19.85
CA LYS C 47 22.77 -30.59 -20.78
C LYS C 47 24.22 -30.14 -20.90
N GLY C 48 25.14 -31.07 -20.73
CA GLY C 48 26.54 -30.72 -20.73
C GLY C 48 26.95 -30.11 -19.40
N LYS C 49 28.06 -29.37 -19.44
CA LYS C 49 28.57 -28.71 -18.24
C LYS C 49 28.77 -27.23 -18.52
N GLY C 50 28.52 -26.42 -17.50
CA GLY C 50 28.59 -24.97 -17.61
C GLY C 50 27.33 -24.25 -17.18
N ARG C 51 26.21 -24.96 -17.02
CA ARG C 51 24.94 -24.44 -16.52
C ARG C 51 24.40 -23.30 -17.39
N THR C 52 24.33 -23.57 -18.69
CA THR C 52 23.87 -22.56 -19.63
C THR C 52 22.78 -23.06 -20.56
N ALA C 53 22.78 -24.36 -20.85
CA ALA C 53 21.85 -24.94 -21.81
C ALA C 53 21.28 -26.24 -21.27
N GLY C 54 20.18 -26.67 -21.85
CA GLY C 54 19.58 -27.92 -21.44
C GLY C 54 18.34 -28.23 -22.26
N LYS C 55 17.47 -29.03 -21.67
CA LYS C 55 16.22 -29.39 -22.33
C LYS C 55 15.13 -29.60 -21.30
N SER C 56 13.90 -29.32 -21.71
CA SER C 56 12.74 -29.42 -20.84
C SER C 56 11.83 -30.55 -21.30
N PHE C 57 11.04 -31.06 -20.35
CA PHE C 57 10.13 -32.16 -20.60
C PHE C 57 8.98 -32.08 -19.60
N ILE C 58 8.01 -32.97 -19.79
CA ILE C 58 6.91 -33.15 -18.86
C ILE C 58 6.90 -34.63 -18.48
N THR C 59 6.90 -34.92 -17.19
CA THR C 59 6.93 -36.30 -16.73
C THR C 59 5.61 -36.99 -17.03
N GLY C 60 5.68 -38.29 -17.30
CA GLY C 60 4.49 -39.07 -17.60
C GLY C 60 3.59 -39.28 -16.40
N THR C 61 4.13 -39.14 -15.19
CA THR C 61 3.32 -39.27 -13.98
C THR C 61 2.35 -38.12 -13.84
N LEU C 62 2.76 -36.91 -14.23
CA LEU C 62 1.87 -35.75 -14.16
C LEU C 62 0.75 -35.85 -15.18
N VAL C 63 1.07 -36.29 -16.39
CA VAL C 63 0.06 -36.51 -17.42
C VAL C 63 -0.88 -37.63 -17.02
N ARG C 64 -0.34 -38.65 -16.34
CA ARG C 64 -1.18 -39.74 -15.84
C ARG C 64 -2.13 -39.25 -14.75
N SER C 65 -1.66 -38.34 -13.90
CA SER C 65 -2.50 -37.76 -12.85
C SER C 65 -3.63 -36.93 -13.45
N ALA C 66 -3.31 -36.11 -14.44
CA ALA C 66 -4.34 -35.32 -15.13
C ALA C 66 -5.33 -36.23 -15.86
N VAL C 67 -4.84 -37.33 -16.43
CA VAL C 67 -5.70 -38.25 -17.18
C VAL C 67 -6.64 -38.98 -16.23
N ILE C 68 -6.16 -39.43 -15.07
CA ILE C 68 -7.05 -40.16 -14.17
C ILE C 68 -8.01 -39.19 -13.48
N LYS C 69 -7.63 -37.91 -13.33
CA LYS C 69 -8.59 -36.91 -12.86
C LYS C 69 -9.70 -36.68 -13.89
N ALA C 70 -9.34 -36.64 -15.17
CA ALA C 70 -10.34 -36.49 -16.22
C ALA C 70 -11.25 -37.72 -16.32
N VAL C 71 -10.68 -38.92 -16.14
CA VAL C 71 -11.47 -40.15 -16.14
C VAL C 71 -12.46 -40.16 -14.97
N GLU C 72 -11.98 -39.76 -13.79
CA GLU C 72 -12.83 -39.70 -12.60
C GLU C 72 -13.95 -38.70 -12.76
N GLU C 73 -13.67 -37.54 -13.36
CA GLU C 73 -14.71 -36.54 -13.58
C GLU C 73 -15.71 -36.99 -14.66
N LEU C 74 -15.23 -37.66 -15.70
CA LEU C 74 -16.12 -38.15 -16.75
C LEU C 74 -17.04 -39.24 -16.23
N LEU C 75 -16.52 -40.13 -15.37
CA LEU C 75 -17.35 -41.18 -14.81
C LEU C 75 -18.30 -40.63 -13.75
N SER C 76 -17.89 -39.57 -13.04
CA SER C 76 -18.80 -38.95 -12.09
C SER C 76 -19.90 -38.18 -12.78
N LEU C 77 -19.64 -37.69 -13.99
CA LEU C 77 -20.68 -37.00 -14.76
C LEU C 77 -21.77 -37.97 -15.21
N ASN C 78 -21.38 -39.16 -15.66
CA ASN C 78 -22.30 -40.10 -16.29
C ASN C 78 -22.70 -41.24 -15.38
N ASN C 79 -22.78 -40.99 -14.06
CA ASN C 79 -23.28 -41.93 -13.06
C ASN C 79 -22.47 -43.23 -13.02
N GLY C 80 -21.15 -43.10 -13.13
CA GLY C 80 -20.29 -44.26 -12.97
C GLY C 80 -20.27 -45.22 -14.14
N LYS C 81 -20.58 -44.77 -15.35
CA LYS C 81 -20.53 -45.63 -16.52
C LYS C 81 -20.09 -44.82 -17.72
N TRP C 82 -19.56 -45.53 -18.71
CA TRP C 82 -19.13 -44.88 -19.95
C TRP C 82 -19.40 -45.83 -21.11
N GLU C 83 -20.26 -45.39 -22.03
CA GLU C 83 -20.70 -46.15 -23.20
C GLU C 83 -21.32 -47.49 -22.80
N GLY C 84 -22.11 -47.47 -21.73
CA GLY C 84 -22.88 -48.62 -21.32
C GLY C 84 -22.22 -49.52 -20.30
N VAL C 85 -20.88 -49.56 -20.26
CA VAL C 85 -20.21 -50.46 -19.32
C VAL C 85 -20.01 -49.74 -17.99
N PRO C 86 -20.24 -50.40 -16.86
CA PRO C 86 -20.08 -49.73 -15.57
C PRO C 86 -18.66 -49.85 -15.05
N CYS C 87 -18.27 -48.83 -14.31
CA CYS C 87 -16.96 -48.78 -13.67
C CYS C 87 -17.16 -48.61 -12.17
N CYS C 88 -16.29 -49.25 -11.38
CA CYS C 88 -16.39 -49.17 -9.93
C CYS C 88 -15.71 -47.89 -9.45
N ASN C 89 -15.56 -47.77 -8.13
CA ASN C 89 -15.04 -46.54 -7.56
C ASN C 89 -13.52 -46.46 -7.66
N GLY C 90 -12.85 -47.60 -7.76
CA GLY C 90 -11.41 -47.61 -7.78
C GLY C 90 -10.83 -47.53 -6.39
N SER C 91 -9.50 -47.60 -6.33
CA SER C 91 -8.78 -47.56 -5.06
C SER C 91 -7.84 -46.37 -5.04
N PHE C 92 -7.89 -45.61 -3.95
CA PHE C 92 -7.00 -44.47 -3.78
C PHE C 92 -6.36 -44.44 -2.41
N GLN C 93 -6.40 -45.54 -1.67
CA GLN C 93 -5.66 -45.67 -0.43
C GLN C 93 -4.61 -46.77 -0.56
N THR C 94 -3.53 -46.63 0.19
CA THR C 94 -2.43 -47.59 0.20
C THR C 94 -2.05 -47.87 1.64
N ASP C 95 -2.14 -49.14 2.03
CA ASP C 95 -1.73 -49.52 3.38
C ASP C 95 -0.22 -49.48 3.51
N GLU C 96 0.24 -48.97 4.66
CA GLU C 96 1.68 -48.86 4.90
C GLU C 96 2.31 -50.22 5.17
N SER C 97 1.54 -51.17 5.70
CA SER C 97 2.09 -52.48 6.06
C SER C 97 2.47 -53.28 4.82
N LYS C 98 1.66 -53.20 3.78
CA LYS C 98 1.93 -53.88 2.51
C LYS C 98 2.27 -52.83 1.45
N GLY C 99 3.54 -52.70 1.13
CA GLY C 99 3.99 -51.75 0.12
C GLY C 99 4.24 -50.37 0.69
N LYS C 100 4.81 -49.51 -0.15
CA LYS C 100 5.16 -48.15 0.21
C LYS C 100 4.17 -47.17 -0.40
N LYS C 101 4.28 -45.91 0.03
CA LYS C 101 3.39 -44.87 -0.47
C LYS C 101 3.84 -44.43 -1.87
N PRO C 102 2.89 -44.12 -2.75
CA PRO C 102 3.24 -43.96 -4.18
C PRO C 102 3.73 -42.57 -4.58
N SER C 103 4.61 -41.99 -3.76
CA SER C 103 5.48 -40.86 -4.07
C SER C 103 4.76 -39.51 -4.26
N PHE C 104 3.43 -39.54 -4.37
CA PHE C 104 2.61 -38.35 -4.31
C PHE C 104 1.33 -38.67 -3.56
N LEU C 105 0.93 -37.79 -2.66
CA LEU C 105 -0.25 -38.01 -1.85
C LEU C 105 -1.33 -36.99 -2.20
N ARG C 106 -2.56 -37.48 -2.28
CA ARG C 106 -3.69 -36.67 -2.74
C ARG C 106 -4.37 -35.99 -1.56
N LYS C 107 -4.62 -34.69 -1.70
CA LYS C 107 -5.30 -33.93 -0.67
C LYS C 107 -6.71 -33.52 -1.03
N ARG C 108 -7.04 -33.47 -2.33
CA ARG C 108 -8.37 -33.05 -2.74
C ARG C 108 -9.39 -34.15 -2.49
N HIS C 109 -10.65 -33.78 -2.65
CA HIS C 109 -11.74 -34.74 -2.52
C HIS C 109 -11.81 -35.62 -3.75
N THR C 110 -12.27 -36.85 -3.55
CA THR C 110 -12.34 -37.86 -4.61
C THR C 110 -13.79 -38.07 -4.98
N LEU C 111 -14.12 -37.89 -6.25
CA LEU C 111 -15.48 -38.08 -6.72
C LEU C 111 -15.84 -39.56 -6.77
N GLN C 112 -16.98 -39.91 -6.18
CA GLN C 112 -17.40 -41.30 -6.08
C GLN C 112 -18.85 -41.42 -6.56
N TRP C 113 -19.27 -42.67 -6.77
CA TRP C 113 -20.59 -42.95 -7.29
C TRP C 113 -21.05 -44.30 -6.74
N GLN C 114 -22.34 -44.59 -6.92
CA GLN C 114 -22.87 -45.88 -6.53
C GLN C 114 -22.39 -46.95 -7.50
N ALA C 115 -21.54 -47.85 -7.02
CA ALA C 115 -20.86 -48.80 -7.88
C ALA C 115 -21.73 -50.05 -8.03
N ASN C 116 -22.28 -50.24 -9.23
CA ASN C 116 -23.02 -51.45 -9.57
C ASN C 116 -22.49 -51.99 -10.91
N ASN C 117 -21.42 -52.76 -10.84
CA ASN C 117 -20.83 -53.41 -12.00
C ASN C 117 -20.88 -54.92 -11.91
N LYS C 118 -21.79 -55.46 -11.08
CA LYS C 118 -22.13 -56.89 -10.91
C LYS C 118 -21.03 -57.68 -10.21
N ASN C 119 -19.82 -57.15 -10.07
CA ASN C 119 -18.69 -57.98 -9.64
C ASN C 119 -17.70 -57.11 -8.89
N ILE C 120 -16.74 -57.78 -8.27
CA ILE C 120 -15.57 -57.15 -7.68
C ILE C 120 -14.41 -57.36 -8.63
N CYS C 121 -13.45 -56.44 -8.60
CA CYS C 121 -12.38 -56.42 -9.58
C CYS C 121 -11.21 -57.26 -9.10
N ASP C 122 -10.87 -58.30 -9.86
CA ASP C 122 -9.69 -59.12 -9.62
C ASP C 122 -8.75 -58.99 -10.80
N LYS C 123 -7.67 -59.78 -10.76
CA LYS C 123 -6.64 -59.71 -11.79
C LYS C 123 -7.16 -60.25 -13.12
N GLU C 124 -8.09 -61.20 -13.07
CA GLU C 124 -8.57 -61.85 -14.29
C GLU C 124 -9.50 -60.94 -15.07
N GLU C 125 -10.39 -60.23 -14.39
CA GLU C 125 -11.33 -59.35 -15.07
C GLU C 125 -11.51 -58.07 -14.24
N ALA C 126 -11.41 -56.93 -14.91
CA ALA C 126 -11.47 -55.65 -14.23
C ALA C 126 -12.11 -54.60 -15.13
N CYS C 127 -12.62 -53.56 -14.50
CA CYS C 127 -13.32 -52.50 -15.20
C CYS C 127 -12.33 -51.62 -15.95
N PRO C 128 -12.80 -50.79 -16.90
CA PRO C 128 -11.88 -49.86 -17.57
C PRO C 128 -11.19 -48.86 -16.66
N PHE C 129 -11.86 -48.43 -15.58
CA PHE C 129 -11.21 -47.53 -14.63
C PHE C 129 -10.11 -48.23 -13.86
N CYS C 130 -10.28 -49.53 -13.57
CA CYS C 130 -9.28 -50.25 -12.80
C CYS C 130 -8.05 -50.58 -13.64
N ILE C 131 -8.24 -50.93 -14.91
CA ILE C 131 -7.08 -51.18 -15.75
C ILE C 131 -6.45 -49.87 -16.20
N LEU C 132 -7.23 -48.79 -16.22
CA LEU C 132 -6.67 -47.49 -16.56
C LEU C 132 -5.87 -46.91 -15.41
N LEU C 133 -6.26 -47.19 -14.17
CA LEU C 133 -5.45 -46.83 -13.02
C LEU C 133 -4.16 -47.63 -13.00
N GLY C 134 -4.20 -48.86 -13.48
CA GLY C 134 -3.08 -49.76 -13.43
C GLY C 134 -2.98 -50.56 -12.16
N ARG C 135 -4.09 -51.05 -11.63
CA ARG C 135 -4.06 -51.74 -10.35
C ARG C 135 -3.51 -53.14 -10.49
N PHE C 136 -4.10 -53.93 -11.38
CA PHE C 136 -3.74 -55.35 -11.49
C PHE C 136 -2.77 -55.57 -12.66
N ASP C 137 -1.61 -54.95 -12.53
CA ASP C 137 -0.53 -55.08 -13.50
C ASP C 137 0.64 -55.81 -12.84
N ASN C 138 1.65 -56.13 -13.64
CA ASN C 138 2.77 -56.89 -13.11
C ASN C 138 3.78 -55.99 -12.41
N ALA C 139 3.86 -54.73 -12.81
CA ALA C 139 4.85 -53.80 -12.27
C ALA C 139 4.16 -52.71 -11.46
N GLY C 140 4.81 -52.32 -10.37
CA GLY C 140 4.28 -51.27 -9.52
C GLY C 140 5.32 -50.80 -8.52
N LYS C 141 5.49 -49.48 -8.48
CA LYS C 141 6.23 -48.67 -7.51
C LYS C 141 7.76 -48.83 -7.58
N VAL C 142 8.25 -49.78 -8.37
CA VAL C 142 9.66 -49.91 -8.70
C VAL C 142 9.74 -50.24 -10.19
N HIS C 143 10.40 -49.38 -10.96
CA HIS C 143 10.47 -49.61 -12.39
C HIS C 143 11.49 -50.69 -12.70
N GLU C 144 11.04 -51.72 -13.43
CA GLU C 144 11.92 -52.81 -13.82
C GLU C 144 12.12 -52.84 -15.32
N ARG C 145 11.03 -52.94 -16.08
CA ARG C 145 11.09 -53.03 -17.52
C ARG C 145 9.88 -52.35 -18.12
N ASN C 146 10.06 -51.86 -19.35
CA ASN C 146 9.03 -51.04 -19.99
C ASN C 146 7.82 -51.85 -20.44
N LYS C 147 7.97 -53.18 -20.54
CA LYS C 147 6.81 -54.03 -20.80
C LYS C 147 6.08 -54.29 -19.49
N ASP C 148 5.14 -55.25 -19.52
CA ASP C 148 4.16 -55.58 -18.47
C ASP C 148 3.55 -54.37 -17.77
N TYR C 149 3.30 -53.30 -18.52
CA TYR C 149 2.49 -52.17 -18.11
C TYR C 149 1.21 -52.25 -18.93
N ASP C 150 0.06 -52.34 -18.25
CA ASP C 150 -1.21 -52.35 -18.97
C ASP C 150 -1.46 -51.01 -19.65
N ILE C 151 -1.08 -49.92 -19.00
CA ILE C 151 -1.09 -48.59 -19.61
C ILE C 151 0.15 -47.86 -19.13
N HIS C 152 0.94 -47.37 -20.06
CA HIS C 152 2.23 -46.76 -19.77
C HIS C 152 2.31 -45.38 -20.38
N PHE C 153 2.66 -44.40 -19.56
CA PHE C 153 2.81 -43.01 -19.99
C PHE C 153 4.29 -42.69 -20.07
N SER C 154 4.74 -42.25 -21.25
CA SER C 154 6.13 -41.90 -21.44
C SER C 154 6.35 -40.42 -21.13
N ASN C 155 7.62 -40.03 -21.07
CA ASN C 155 7.95 -38.63 -20.85
C ASN C 155 7.69 -37.83 -22.12
N PHE C 156 7.21 -36.61 -21.95
CA PHE C 156 6.78 -35.77 -23.06
C PHE C 156 7.90 -34.79 -23.36
N ASP C 157 8.60 -35.02 -24.46
CA ASP C 157 9.75 -34.21 -24.84
C ASP C 157 9.29 -32.95 -25.55
N LEU C 158 10.04 -31.87 -25.35
CA LEU C 158 9.75 -30.59 -26.00
C LEU C 158 9.97 -30.70 -27.50
N ASP C 159 8.89 -30.56 -28.27
CA ASP C 159 8.95 -30.71 -29.73
C ASP C 159 9.57 -29.46 -30.31
N HIS C 160 10.91 -29.45 -30.34
CA HIS C 160 11.64 -28.40 -31.05
C HIS C 160 11.43 -28.59 -32.55
N LYS C 161 11.00 -27.52 -33.22
CA LYS C 161 10.56 -27.64 -34.61
C LYS C 161 11.72 -27.88 -35.55
N GLN C 162 12.85 -27.21 -35.33
CA GLN C 162 14.03 -27.41 -36.16
C GLN C 162 15.23 -27.73 -35.27
N GLU C 163 16.06 -28.66 -35.74
CA GLU C 163 17.19 -29.14 -34.96
C GLU C 163 18.34 -28.15 -35.01
N LYS C 164 19.00 -27.99 -33.87
CA LYS C 164 20.06 -27.01 -33.69
C LYS C 164 20.99 -27.58 -32.61
N ASN C 165 21.82 -26.74 -32.01
CA ASN C 165 22.59 -27.12 -30.84
C ASN C 165 21.69 -27.08 -29.60
N ASP C 166 22.31 -27.14 -28.42
CA ASP C 166 21.54 -27.23 -27.18
C ASP C 166 20.80 -25.92 -26.90
N LEU C 167 19.53 -26.05 -26.54
CA LEU C 167 18.68 -24.89 -26.29
C LEU C 167 19.02 -24.26 -24.95
N ARG C 168 19.10 -22.93 -24.93
CA ARG C 168 19.47 -22.20 -23.73
C ARG C 168 18.24 -21.92 -22.88
N LEU C 169 18.48 -21.72 -21.58
CA LEU C 169 17.36 -21.48 -20.67
C LEU C 169 16.79 -20.08 -20.86
N VAL C 170 17.64 -19.11 -21.19
CA VAL C 170 17.19 -17.73 -21.33
C VAL C 170 16.35 -17.53 -22.58
N ASP C 171 16.41 -18.45 -23.54
CA ASP C 171 15.62 -18.33 -24.76
C ASP C 171 14.20 -18.85 -24.59
N ILE C 172 13.93 -19.66 -23.57
CA ILE C 172 12.63 -20.25 -23.36
C ILE C 172 11.92 -19.68 -22.13
N ALA C 173 12.63 -19.53 -21.02
CA ALA C 173 12.01 -19.14 -19.77
C ALA C 173 12.43 -17.73 -19.37
N SER C 174 11.65 -17.16 -18.46
CA SER C 174 11.92 -15.84 -17.90
C SER C 174 11.31 -15.78 -16.52
N GLY C 175 12.12 -15.51 -15.52
CA GLY C 175 11.64 -15.51 -14.16
C GLY C 175 10.76 -14.33 -13.84
N ARG C 176 9.94 -14.49 -12.80
CA ARG C 176 8.98 -13.46 -12.41
C ARG C 176 8.57 -13.71 -10.97
N ILE C 177 8.52 -12.64 -10.19
CA ILE C 177 8.12 -12.71 -8.79
C ILE C 177 6.60 -12.62 -8.71
N LEU C 178 5.98 -13.62 -8.12
CA LEU C 178 4.55 -13.59 -7.85
C LEU C 178 4.34 -13.16 -6.40
N ASN C 179 3.09 -12.97 -6.00
CA ASN C 179 2.81 -12.24 -4.76
C ASN C 179 1.69 -12.92 -3.99
N ARG C 180 1.59 -12.56 -2.71
CA ARG C 180 0.44 -12.83 -1.89
C ARG C 180 0.08 -11.54 -1.18
N VAL C 181 -1.16 -11.08 -1.35
CA VAL C 181 -1.58 -9.76 -0.87
C VAL C 181 -2.57 -9.93 0.27
N ASP C 182 -2.32 -9.22 1.36
CA ASP C 182 -3.22 -9.26 2.51
C ASP C 182 -4.50 -8.51 2.17
N PHE C 183 -5.64 -9.10 2.55
CA PHE C 183 -6.92 -8.51 2.23
C PHE C 183 -7.24 -7.31 3.11
N ASP C 184 -6.92 -7.41 4.39
CA ASP C 184 -7.32 -6.37 5.34
C ASP C 184 -6.45 -5.12 5.24
N THR C 185 -5.17 -5.28 4.94
CA THR C 185 -4.25 -4.15 4.88
C THR C 185 -3.99 -3.65 3.47
N GLY C 186 -4.33 -4.41 2.45
CA GLY C 186 -4.03 -4.02 1.08
C GLY C 186 -2.56 -4.07 0.75
N LYS C 187 -1.80 -4.90 1.44
CA LYS C 187 -0.35 -4.92 1.37
C LYS C 187 0.11 -6.36 1.15
N ALA C 188 1.30 -6.51 0.58
CA ALA C 188 1.82 -7.85 0.36
C ALA C 188 2.27 -8.49 1.66
N LYS C 189 1.95 -9.77 1.82
CA LYS C 189 2.45 -10.58 2.92
C LYS C 189 3.83 -11.13 2.61
N ASP C 190 3.98 -11.79 1.47
CA ASP C 190 5.27 -12.35 1.06
C ASP C 190 5.27 -12.55 -0.44
N TYR C 191 6.33 -13.13 -0.99
CA TYR C 191 6.41 -13.33 -2.42
C TYR C 191 7.15 -14.64 -2.70
N PHE C 192 7.12 -15.03 -3.96
CA PHE C 192 7.87 -16.20 -4.43
C PHE C 192 8.14 -16.04 -5.91
N ARG C 193 9.13 -16.78 -6.39
CA ARG C 193 9.56 -16.69 -7.77
C ARG C 193 9.21 -17.96 -8.54
N THR C 194 9.08 -17.81 -9.85
CA THR C 194 8.80 -18.94 -10.74
C THR C 194 9.34 -18.61 -12.11
N TRP C 195 9.43 -19.64 -12.96
CA TRP C 195 9.85 -19.49 -14.34
C TRP C 195 8.64 -19.62 -15.25
N GLU C 196 8.35 -18.58 -15.99
CA GLU C 196 7.33 -18.62 -17.03
C GLU C 196 7.99 -18.86 -18.37
N ALA C 197 7.54 -19.88 -19.09
CA ALA C 197 8.18 -20.30 -20.32
C ALA C 197 7.39 -19.82 -21.53
N ASP C 198 8.09 -19.71 -22.66
CA ASP C 198 7.48 -19.29 -23.90
C ASP C 198 6.52 -20.36 -24.42
N TYR C 199 5.35 -19.92 -24.88
CA TYR C 199 4.39 -20.83 -25.48
C TYR C 199 4.18 -20.61 -26.96
N GLU C 200 4.59 -19.46 -27.50
CA GLU C 200 4.42 -19.21 -28.93
C GLU C 200 5.38 -20.06 -29.75
N THR C 201 6.61 -20.23 -29.27
CA THR C 201 7.62 -20.98 -29.99
C THR C 201 8.04 -22.28 -29.31
N TYR C 202 7.81 -22.42 -28.01
CA TYR C 202 8.17 -23.63 -27.27
C TYR C 202 6.96 -24.18 -26.53
N GLY C 203 5.85 -24.33 -27.23
CA GLY C 203 4.63 -24.79 -26.61
C GLY C 203 4.05 -26.05 -27.22
N THR C 204 4.88 -27.01 -27.59
CA THR C 204 4.41 -28.28 -28.15
C THR C 204 5.28 -29.40 -27.61
N TYR C 205 4.64 -30.45 -27.10
CA TYR C 205 5.33 -31.58 -26.49
C TYR C 205 4.79 -32.87 -27.10
N THR C 206 5.65 -33.89 -27.16
CA THR C 206 5.31 -35.15 -27.81
C THR C 206 5.66 -36.33 -26.92
N GLY C 207 4.72 -37.27 -26.78
CA GLY C 207 4.94 -38.44 -25.97
C GLY C 207 4.20 -39.64 -26.52
N ARG C 208 4.36 -40.78 -25.85
CA ARG C 208 3.72 -42.02 -26.25
C ARG C 208 2.96 -42.63 -25.07
N ILE C 209 1.76 -43.11 -25.35
CA ILE C 209 0.95 -43.85 -24.37
C ILE C 209 0.72 -45.25 -24.92
N THR C 210 1.07 -46.26 -24.14
CA THR C 210 0.95 -47.64 -24.55
C THR C 210 -0.17 -48.32 -23.78
N LEU C 211 -1.19 -48.80 -24.50
CA LEU C 211 -2.24 -49.64 -23.95
C LEU C 211 -2.04 -51.07 -24.39
N ARG C 212 -2.35 -52.01 -23.50
CA ARG C 212 -2.29 -53.43 -23.78
C ARG C 212 -3.61 -54.11 -23.49
N ASN C 213 -4.70 -53.35 -23.55
CA ASN C 213 -6.01 -53.87 -23.19
C ASN C 213 -7.05 -53.02 -23.92
N GLU C 214 -7.78 -53.63 -24.85
CA GLU C 214 -8.76 -52.93 -25.68
C GLU C 214 -10.12 -52.91 -24.98
N HIS C 215 -10.12 -52.47 -23.74
CA HIS C 215 -11.32 -52.30 -22.96
C HIS C 215 -11.39 -50.94 -22.28
N ALA C 216 -10.25 -50.27 -22.10
CA ALA C 216 -10.21 -48.89 -21.61
C ALA C 216 -9.75 -47.91 -22.68
N LYS C 217 -9.84 -48.30 -23.96
CA LYS C 217 -9.34 -47.41 -25.02
C LYS C 217 -10.28 -46.24 -25.24
N LYS C 218 -11.60 -46.50 -25.22
CA LYS C 218 -12.56 -45.43 -25.44
C LYS C 218 -12.54 -44.43 -24.30
N LEU C 219 -12.40 -44.91 -23.07
CA LEU C 219 -12.36 -44.02 -21.91
C LEU C 219 -11.09 -43.18 -21.91
N LEU C 220 -9.96 -43.78 -22.28
CA LEU C 220 -8.70 -43.05 -22.34
C LEU C 220 -8.72 -41.98 -23.43
N LEU C 221 -9.20 -42.35 -24.63
CA LEU C 221 -9.25 -41.39 -25.72
C LEU C 221 -10.29 -40.31 -25.47
N ALA C 222 -11.34 -40.62 -24.70
CA ALA C 222 -12.31 -39.59 -24.34
C ALA C 222 -11.75 -38.63 -23.31
N SER C 223 -11.04 -39.15 -22.31
CA SER C 223 -10.52 -38.29 -21.25
C SER C 223 -9.26 -37.54 -21.64
N LEU C 224 -8.59 -37.94 -22.74
CA LEU C 224 -7.48 -37.14 -23.24
C LEU C 224 -7.94 -35.77 -23.70
N GLY C 225 -9.14 -35.69 -24.26
CA GLY C 225 -9.71 -34.42 -24.68
C GLY C 225 -10.42 -33.65 -23.60
N PHE C 226 -10.59 -34.25 -22.42
CA PHE C 226 -11.21 -33.56 -21.30
C PHE C 226 -10.19 -32.87 -20.41
N VAL C 227 -8.91 -33.20 -20.55
CA VAL C 227 -7.85 -32.54 -19.79
C VAL C 227 -7.72 -31.09 -20.26
N ASP C 228 -7.87 -30.15 -19.34
CA ASP C 228 -7.92 -28.74 -19.68
C ASP C 228 -6.71 -27.94 -19.22
N LYS C 229 -6.11 -28.29 -18.10
CA LYS C 229 -4.97 -27.55 -17.55
C LYS C 229 -3.82 -28.50 -17.32
N LEU C 230 -2.62 -28.03 -17.64
CA LEU C 230 -1.39 -28.75 -17.29
C LEU C 230 -0.27 -27.73 -17.22
N CYS C 231 0.55 -27.84 -16.17
CA CYS C 231 1.73 -26.99 -15.93
C CYS C 231 1.37 -25.51 -15.85
N GLY C 232 0.20 -25.22 -15.27
CA GLY C 232 -0.21 -23.85 -15.08
C GLY C 232 -0.79 -23.15 -16.30
N ALA C 233 -1.24 -23.90 -17.30
CA ALA C 233 -1.66 -23.31 -18.56
C ALA C 233 -2.79 -24.12 -19.17
N LEU C 234 -3.61 -23.45 -19.97
CA LEU C 234 -4.59 -24.15 -20.79
C LEU C 234 -3.87 -24.96 -21.87
N CYS C 235 -4.35 -26.17 -22.11
CA CYS C 235 -3.67 -27.04 -23.05
C CYS C 235 -4.69 -27.85 -23.85
N ARG C 236 -4.25 -28.31 -25.01
CA ARG C 236 -4.97 -29.28 -25.81
C ARG C 236 -4.10 -30.51 -25.97
N ILE C 237 -4.71 -31.67 -25.74
CA ILE C 237 -4.06 -32.96 -25.94
C ILE C 237 -4.70 -33.61 -27.16
N GLU C 238 -3.87 -33.94 -28.15
CA GLU C 238 -4.33 -34.57 -29.38
C GLU C 238 -3.56 -35.86 -29.59
N VAL C 239 -4.13 -36.75 -30.41
CA VAL C 239 -3.46 -37.97 -30.82
C VAL C 239 -3.17 -37.87 -32.31
N ILE C 240 -1.98 -38.31 -32.71
CA ILE C 240 -1.59 -38.30 -34.10
C ILE C 240 -1.47 -39.73 -34.60
N LYS C 241 -1.45 -39.89 -35.92
CA LYS C 241 -1.32 -41.21 -36.51
C LYS C 241 0.13 -41.51 -36.88
N SER C 266 21.79 -9.64 -29.78
CA SER C 266 22.64 -8.53 -30.17
C SER C 266 23.68 -8.23 -29.11
N GLU C 267 24.49 -9.25 -28.77
CA GLU C 267 25.54 -9.06 -27.78
C GLU C 267 26.71 -8.28 -28.35
N ASP C 268 26.98 -8.44 -29.65
CA ASP C 268 28.11 -7.75 -30.26
C ASP C 268 27.82 -6.27 -30.44
N HIS C 269 26.54 -5.92 -30.59
CA HIS C 269 26.17 -4.51 -30.79
C HIS C 269 26.25 -3.72 -29.50
N ASN C 270 26.22 -4.41 -28.36
CA ASN C 270 26.24 -3.72 -27.07
C ASN C 270 27.60 -3.12 -26.76
N ASP C 271 28.68 -3.76 -27.21
CA ASP C 271 30.02 -3.32 -26.83
C ASP C 271 30.43 -2.04 -27.55
N GLU C 272 30.06 -1.92 -28.83
CA GLU C 272 30.34 -0.68 -29.55
C GLU C 272 29.47 0.45 -29.03
N LEU C 273 28.25 0.15 -28.60
CA LEU C 273 27.40 1.14 -27.95
C LEU C 273 28.00 1.59 -26.63
N ARG C 274 28.61 0.65 -25.89
CA ARG C 274 29.29 0.99 -24.65
C ARG C 274 30.50 1.89 -24.90
N LYS C 275 31.26 1.61 -25.96
CA LYS C 275 32.42 2.42 -26.29
C LYS C 275 32.02 3.83 -26.74
N GLN C 276 30.96 3.94 -27.55
CA GLN C 276 30.50 5.25 -27.97
C GLN C 276 29.87 6.02 -26.81
N ALA C 277 29.26 5.30 -25.86
CA ALA C 277 28.76 5.93 -24.64
C ALA C 277 29.90 6.46 -23.78
N GLU C 278 30.99 5.71 -23.71
CA GLU C 278 32.21 6.17 -23.04
C GLU C 278 32.75 7.44 -23.67
N VAL C 279 32.76 7.50 -25.01
CA VAL C 279 33.22 8.69 -25.73
C VAL C 279 32.30 9.88 -25.43
N ILE C 280 30.99 9.65 -25.38
CA ILE C 280 30.04 10.73 -25.10
C ILE C 280 30.19 11.24 -23.67
N VAL C 281 30.36 10.34 -22.71
CA VAL C 281 30.51 10.73 -21.31
C VAL C 281 31.82 11.47 -21.09
N GLU C 282 32.90 11.05 -21.76
CA GLU C 282 34.17 11.76 -21.64
C GLU C 282 34.13 13.12 -22.33
N ALA C 283 33.43 13.24 -23.45
CA ALA C 283 33.32 14.53 -24.13
C ALA C 283 32.44 15.49 -23.32
N PHE C 284 31.46 14.95 -22.59
CA PHE C 284 30.68 15.79 -21.69
C PHE C 284 31.48 16.19 -20.46
N LYS C 285 32.33 15.29 -19.96
CA LYS C 285 33.09 15.57 -18.75
C LYS C 285 34.23 16.55 -19.01
N GLN C 286 34.76 16.56 -20.23
CA GLN C 286 35.78 17.55 -20.58
C GLN C 286 35.23 18.97 -20.56
N ASN C 287 33.95 19.14 -20.91
CA ASN C 287 33.31 20.45 -20.95
C ASN C 287 32.68 20.83 -19.61
N ASP C 288 32.99 20.08 -18.54
CA ASP C 288 32.46 20.30 -17.18
C ASP C 288 30.93 20.23 -17.17
N LYS C 289 30.38 19.28 -17.92
CA LYS C 289 28.94 19.07 -18.04
C LYS C 289 28.59 17.59 -17.87
N LEU C 290 29.16 16.96 -16.85
CA LEU C 290 28.93 15.54 -16.62
C LEU C 290 27.50 15.27 -16.17
N GLU C 291 26.95 16.15 -15.33
CA GLU C 291 25.63 15.93 -14.74
C GLU C 291 24.50 16.08 -15.75
N LYS C 292 24.77 16.60 -16.95
CA LYS C 292 23.76 16.58 -18.00
C LYS C 292 23.54 15.17 -18.55
N ILE C 293 24.54 14.28 -18.40
CA ILE C 293 24.55 12.97 -19.02
C ILE C 293 23.36 12.14 -18.56
N ARG C 294 23.09 12.17 -17.25
CA ARG C 294 21.89 11.60 -16.63
C ARG C 294 20.63 12.04 -17.34
N ILE C 295 20.47 13.36 -17.48
CA ILE C 295 19.33 13.94 -18.20
C ILE C 295 19.31 13.45 -19.64
N LEU C 296 20.50 13.41 -20.27
CA LEU C 296 20.63 12.94 -21.65
C LEU C 296 20.16 11.51 -21.80
N ALA C 297 20.46 10.69 -20.78
CA ALA C 297 20.04 9.29 -20.79
C ALA C 297 18.53 9.18 -20.89
N ASP C 298 17.83 9.97 -20.06
CA ASP C 298 16.36 9.99 -20.09
C ASP C 298 15.86 10.46 -21.43
N ALA C 299 16.54 11.46 -22.01
CA ALA C 299 16.14 12.01 -23.29
C ALA C 299 16.26 10.97 -24.38
N ILE C 300 17.33 10.17 -24.32
CA ILE C 300 17.52 9.15 -25.35
C ILE C 300 16.48 8.05 -25.19
N ARG C 301 16.08 7.78 -23.94
CA ARG C 301 15.00 6.84 -23.70
C ARG C 301 13.69 7.38 -24.25
N THR C 302 13.49 8.69 -24.15
CA THR C 302 12.27 9.30 -24.68
C THR C 302 12.27 9.28 -26.20
N LEU C 303 13.44 9.09 -26.83
CA LEU C 303 13.50 8.94 -28.28
C LEU C 303 12.88 7.65 -28.76
N ARG C 304 12.60 6.69 -27.88
CA ARG C 304 11.84 5.53 -28.32
C ARG C 304 10.37 5.86 -28.56
N LEU C 305 9.88 6.98 -28.01
CA LEU C 305 8.49 7.37 -28.20
C LEU C 305 8.27 7.90 -29.61
N HIS C 306 9.26 8.61 -30.15
CA HIS C 306 9.22 9.09 -31.52
C HIS C 306 9.88 8.07 -32.45
N GLY C 307 9.72 8.29 -33.75
CA GLY C 307 10.30 7.41 -34.73
C GLY C 307 11.78 7.67 -34.94
N GLU C 308 12.33 6.97 -35.94
CA GLU C 308 13.73 7.19 -36.30
C GLU C 308 13.94 8.53 -37.00
N GLY C 309 12.88 9.11 -37.57
CA GLY C 309 13.01 10.34 -38.33
C GLY C 309 13.48 11.53 -37.52
N VAL C 310 13.24 11.51 -36.20
CA VAL C 310 13.70 12.55 -35.29
C VAL C 310 15.23 12.61 -35.21
N ILE C 311 15.92 11.54 -35.63
CA ILE C 311 17.37 11.58 -35.77
C ILE C 311 17.69 11.70 -37.26
N GLU C 312 16.82 11.15 -38.10
CA GLU C 312 17.10 11.11 -39.53
C GLU C 312 16.90 12.47 -40.17
N LYS C 313 15.70 13.03 -40.08
CA LYS C 313 15.37 14.27 -40.76
C LYS C 313 15.51 15.50 -39.86
N ASP C 314 16.26 15.38 -38.76
CA ASP C 314 16.68 16.47 -37.87
C ASP C 314 15.47 17.22 -37.31
N GLU C 315 14.64 16.47 -36.59
CA GLU C 315 13.50 17.04 -35.89
C GLU C 315 13.84 17.42 -34.46
N LEU C 316 15.09 17.26 -34.06
CA LEU C 316 15.51 17.65 -32.72
C LEU C 316 15.49 19.17 -32.59
N PRO C 317 15.18 19.70 -31.39
CA PRO C 317 15.12 21.15 -31.21
C PRO C 317 16.44 21.86 -31.42
N ASP C 318 16.45 22.83 -32.32
CA ASP C 318 17.63 23.63 -32.59
C ASP C 318 17.80 24.70 -31.51
N GLY C 319 18.91 25.42 -31.57
CA GLY C 319 19.12 26.53 -30.67
C GLY C 319 18.30 27.74 -31.03
N LYS C 320 18.43 28.77 -30.21
CA LYS C 320 17.84 30.07 -30.53
C LYS C 320 18.53 30.64 -31.76
N GLU C 321 17.78 31.44 -32.53
CA GLU C 321 18.27 31.93 -33.81
C GLU C 321 19.38 32.95 -33.61
N GLU C 322 20.38 32.90 -34.51
CA GLU C 322 21.55 33.77 -34.51
C GLU C 322 22.33 33.69 -33.20
N ARG C 323 22.49 32.47 -32.71
CA ARG C 323 23.25 32.20 -31.49
C ARG C 323 24.38 31.25 -31.84
N ASP C 324 25.61 31.63 -31.48
CA ASP C 324 26.79 30.84 -31.82
C ASP C 324 26.79 29.50 -31.09
N LYS C 325 26.42 29.50 -29.81
CA LYS C 325 26.14 28.27 -29.12
C LYS C 325 24.73 27.79 -29.48
N GLY C 326 24.60 26.50 -29.72
CA GLY C 326 23.34 25.99 -30.25
C GLY C 326 22.35 25.65 -29.18
N HIS C 327 21.93 24.39 -29.13
CA HIS C 327 21.01 23.94 -28.11
C HIS C 327 21.71 23.82 -26.77
N HIS C 328 20.89 23.66 -25.72
CA HIS C 328 21.39 23.51 -24.36
C HIS C 328 22.27 22.26 -24.22
N LEU C 329 21.87 21.16 -24.85
CA LEU C 329 22.66 19.93 -24.82
C LEU C 329 22.83 19.23 -26.16
N TRP C 330 21.97 19.46 -27.14
CA TRP C 330 22.08 18.71 -28.39
C TRP C 330 23.15 19.25 -29.32
N ASP C 331 23.80 20.36 -28.98
CA ASP C 331 24.88 20.91 -29.77
C ASP C 331 26.17 20.97 -28.97
N ILE C 332 26.40 19.95 -28.14
CA ILE C 332 27.66 19.81 -27.41
C ILE C 332 28.62 19.00 -28.26
N LYS C 333 29.82 19.54 -28.49
CA LYS C 333 30.78 18.91 -29.38
C LYS C 333 31.34 17.64 -28.77
N VAL C 334 31.15 16.52 -29.46
CA VAL C 334 31.71 15.23 -29.08
C VAL C 334 32.68 14.83 -30.20
N GLN C 335 33.97 14.83 -29.88
CA GLN C 335 35.07 14.61 -30.85
C GLN C 335 34.99 15.58 -32.03
N GLY C 336 34.66 16.83 -31.74
CA GLY C 336 34.57 17.87 -32.74
C GLY C 336 33.25 17.96 -33.48
N THR C 337 32.36 16.99 -33.33
CA THR C 337 31.06 17.00 -33.97
C THR C 337 29.97 17.13 -32.93
N ALA C 338 28.85 17.72 -33.35
CA ALA C 338 27.73 17.95 -32.44
C ALA C 338 27.09 16.64 -32.03
N LEU C 339 26.34 16.69 -30.92
CA LEU C 339 25.78 15.47 -30.35
C LEU C 339 24.67 14.90 -31.24
N ARG C 340 23.96 15.75 -31.97
CA ARG C 340 22.98 15.26 -32.93
C ARG C 340 23.63 14.53 -34.08
N THR C 341 24.77 15.03 -34.57
CA THR C 341 25.48 14.37 -35.66
C THR C 341 26.12 13.07 -35.20
N LYS C 342 26.67 13.06 -33.98
CA LYS C 342 27.22 11.84 -33.39
C LYS C 342 26.13 10.79 -33.19
N LEU C 343 24.95 11.22 -32.74
CA LEU C 343 23.82 10.31 -32.60
C LEU C 343 23.35 9.79 -33.95
N LYS C 344 23.43 10.62 -34.99
CA LYS C 344 23.06 10.18 -36.32
C LYS C 344 24.02 9.12 -36.85
N GLU C 345 25.32 9.30 -36.65
CA GLU C 345 26.28 8.29 -37.04
C GLU C 345 26.12 7.01 -36.23
N LEU C 346 25.80 7.13 -34.94
CA LEU C 346 25.57 5.96 -34.10
C LEU C 346 24.32 5.20 -34.53
N TRP C 347 23.31 5.91 -35.03
CA TRP C 347 22.12 5.23 -35.52
C TRP C 347 22.37 4.58 -36.88
N GLN C 348 23.15 5.23 -37.75
CA GLN C 348 23.47 4.65 -39.04
C GLN C 348 24.35 3.41 -38.89
N SER C 349 25.17 3.37 -37.85
CA SER C 349 26.00 2.19 -37.61
C SER C 349 25.21 1.01 -37.05
N ASN C 350 24.04 1.24 -36.48
CA ASN C 350 23.28 0.20 -35.76
C ASN C 350 21.84 0.14 -36.23
N LYS C 351 21.64 0.13 -37.55
CA LYS C 351 20.30 0.10 -38.12
C LYS C 351 19.64 -1.27 -38.03
N ASP C 352 20.39 -2.32 -37.68
CA ASP C 352 19.88 -3.68 -37.74
C ASP C 352 19.20 -4.13 -36.45
N ILE C 353 19.41 -3.43 -35.33
CA ILE C 353 18.78 -3.82 -34.07
C ILE C 353 17.44 -3.14 -33.86
N GLY C 354 17.02 -2.27 -34.75
CA GLY C 354 15.77 -1.55 -34.56
C GLY C 354 15.98 -0.26 -33.79
N TRP C 355 14.98 0.62 -33.89
CA TRP C 355 15.06 1.93 -33.26
C TRP C 355 14.92 1.81 -31.74
N ARG C 356 13.98 0.98 -31.29
CA ARG C 356 13.63 0.91 -29.87
C ARG C 356 14.76 0.31 -29.05
N LYS C 357 15.33 -0.80 -29.51
CA LYS C 357 16.44 -1.43 -28.82
C LYS C 357 17.67 -0.54 -28.80
N PHE C 358 17.88 0.21 -29.89
CA PHE C 358 19.02 1.12 -29.96
C PHE C 358 18.92 2.23 -28.93
N THR C 359 17.75 2.89 -28.84
CA THR C 359 17.59 3.97 -27.86
C THR C 359 17.61 3.44 -26.43
N GLU C 360 17.01 2.27 -26.18
CA GLU C 360 17.01 1.71 -24.84
C GLU C 360 18.40 1.30 -24.39
N MET C 361 19.17 0.66 -25.28
CA MET C 361 20.53 0.25 -24.93
C MET C 361 21.45 1.44 -24.79
N LEU C 362 21.25 2.48 -25.60
CA LEU C 362 22.09 3.68 -25.50
C LEU C 362 21.84 4.42 -24.19
N GLY C 363 20.56 4.55 -23.81
CA GLY C 363 20.24 5.19 -22.55
C GLY C 363 20.70 4.38 -21.34
N SER C 364 20.59 3.05 -21.42
CA SER C 364 21.03 2.20 -20.31
C SER C 364 22.54 2.23 -20.17
N ASN C 365 23.27 2.23 -21.28
CA ASN C 365 24.72 2.30 -21.23
C ASN C 365 25.21 3.65 -20.73
N LEU C 366 24.55 4.74 -21.15
CA LEU C 366 24.90 6.06 -20.65
C LEU C 366 24.63 6.20 -19.16
N TYR C 367 23.52 5.62 -18.69
CA TYR C 367 23.22 5.63 -17.26
C TYR C 367 24.22 4.81 -16.46
N LEU C 368 24.66 3.69 -17.02
CA LEU C 368 25.64 2.84 -16.32
C LEU C 368 26.99 3.52 -16.23
N ILE C 369 27.43 4.19 -17.31
CA ILE C 369 28.71 4.89 -17.28
C ILE C 369 28.63 6.10 -16.35
N TYR C 370 27.46 6.76 -16.28
CA TYR C 370 27.29 7.88 -15.35
C TYR C 370 27.32 7.41 -13.90
N LYS C 371 26.70 6.27 -13.61
CA LYS C 371 26.71 5.75 -12.24
C LYS C 371 28.10 5.23 -11.86
N LYS C 372 28.87 4.75 -12.83
CA LYS C 372 30.25 4.39 -12.55
C LYS C 372 31.12 5.61 -12.30
N GLU C 373 30.89 6.69 -13.06
CA GLU C 373 31.72 7.89 -12.92
C GLU C 373 31.38 8.68 -11.68
N THR C 374 30.13 8.63 -11.21
CA THR C 374 29.78 9.34 -9.99
C THR C 374 30.38 8.71 -8.75
N GLY C 375 30.31 7.38 -8.64
CA GLY C 375 30.90 6.66 -7.53
C GLY C 375 29.91 5.95 -6.63
N GLY C 376 28.61 6.15 -6.83
CA GLY C 376 27.61 5.46 -6.03
C GLY C 376 26.81 4.50 -6.89
N VAL C 377 26.84 3.21 -6.56
CA VAL C 377 26.32 2.18 -7.43
C VAL C 377 25.18 1.39 -6.77
N SER C 378 24.44 2.02 -5.85
CA SER C 378 23.16 1.54 -5.31
C SER C 378 23.23 0.17 -4.62
N THR C 379 23.79 0.11 -3.42
CA THR C 379 24.12 -1.13 -2.73
C THR C 379 22.94 -2.08 -2.46
N ARG C 380 21.83 -1.56 -1.90
CA ARG C 380 20.55 -2.29 -1.74
C ARG C 380 20.73 -3.55 -0.87
N PHE C 381 20.95 -3.31 0.43
CA PHE C 381 21.01 -4.37 1.42
C PHE C 381 19.67 -4.45 2.16
N ARG C 382 19.26 -5.68 2.49
CA ARG C 382 18.06 -5.93 3.28
C ARG C 382 18.46 -6.55 4.61
N ILE C 383 18.12 -5.88 5.71
CA ILE C 383 18.30 -6.46 7.02
C ILE C 383 17.13 -7.40 7.31
N LEU C 384 17.37 -8.33 8.24
CA LEU C 384 16.36 -9.27 8.77
C LEU C 384 15.80 -10.20 7.70
N GLY C 385 16.54 -10.36 6.61
CA GLY C 385 16.22 -11.35 5.62
C GLY C 385 15.57 -10.74 4.40
N ASP C 386 14.90 -11.61 3.65
CA ASP C 386 14.26 -11.30 2.38
C ASP C 386 12.98 -12.11 2.30
N THR C 387 11.82 -11.45 2.39
CA THR C 387 10.56 -12.13 2.67
C THR C 387 10.04 -12.95 1.51
N GLU C 388 10.76 -14.01 1.14
CA GLU C 388 10.40 -14.89 0.05
C GLU C 388 10.01 -16.24 0.64
N TYR C 389 8.73 -16.57 0.61
CA TYR C 389 8.20 -17.74 1.28
C TYR C 389 7.66 -18.73 0.26
N TYR C 390 8.15 -19.97 0.33
CA TYR C 390 7.61 -21.08 -0.43
C TYR C 390 6.89 -22.01 0.53
N SER C 391 5.79 -22.60 0.07
CA SER C 391 5.00 -23.48 0.93
C SER C 391 5.71 -24.81 1.15
N LYS C 392 5.54 -25.35 2.35
CA LYS C 392 6.15 -26.63 2.69
C LYS C 392 5.27 -27.79 2.26
N ASP C 395 6.96 -31.26 4.74
CA ASP C 395 5.59 -31.72 4.90
C ASP C 395 5.36 -32.33 6.29
N SER C 396 4.26 -31.94 6.92
CA SER C 396 3.90 -32.51 8.21
C SER C 396 3.43 -33.94 8.04
N GLU C 397 3.97 -34.83 8.88
CA GLU C 397 3.66 -36.25 8.75
C GLU C 397 2.28 -36.55 9.33
N GLY C 398 1.80 -37.75 9.02
CA GLY C 398 0.45 -38.12 9.42
C GLY C 398 -0.59 -37.40 8.59
N SER C 399 -1.84 -37.50 9.06
CA SER C 399 -3.02 -36.86 8.46
C SER C 399 -3.21 -37.25 7.00
N ASP C 400 -3.19 -38.56 6.75
CA ASP C 400 -3.46 -39.11 5.42
C ASP C 400 -4.95 -39.42 5.36
N LEU C 401 -5.69 -38.57 4.66
CA LEU C 401 -7.14 -38.66 4.63
C LEU C 401 -7.64 -39.04 3.24
N PHE C 402 -8.79 -39.69 3.20
CA PHE C 402 -9.53 -39.95 1.97
C PHE C 402 -10.93 -39.43 2.16
N ILE C 403 -11.26 -38.34 1.47
CA ILE C 403 -12.57 -37.70 1.59
C ILE C 403 -13.34 -37.96 0.29
N PRO C 404 -14.33 -38.85 0.30
CA PRO C 404 -15.16 -39.04 -0.89
C PRO C 404 -16.27 -37.99 -0.98
N VAL C 405 -16.51 -37.51 -2.19
CA VAL C 405 -17.65 -36.64 -2.48
C VAL C 405 -18.54 -37.36 -3.48
N THR C 406 -19.80 -37.54 -3.11
CA THR C 406 -20.77 -38.22 -3.96
C THR C 406 -21.85 -37.23 -4.35
N PRO C 407 -21.93 -36.81 -5.60
CA PRO C 407 -23.04 -35.95 -6.02
C PRO C 407 -24.34 -36.73 -6.02
N PRO C 408 -25.48 -36.03 -5.91
CA PRO C 408 -26.79 -36.70 -6.05
C PRO C 408 -26.98 -37.22 -7.47
N GLU C 409 -27.79 -38.27 -7.59
CA GLU C 409 -28.14 -38.93 -8.85
C GLU C 409 -28.70 -37.98 -9.89
N GLY C 410 -29.67 -37.17 -9.51
CA GLY C 410 -30.37 -36.28 -10.42
C GLY C 410 -29.64 -35.04 -10.92
N ILE C 411 -28.51 -34.70 -10.30
CA ILE C 411 -27.82 -33.42 -10.45
C ILE C 411 -27.45 -33.10 -11.90
N GLU C 412 -27.43 -31.82 -12.24
CA GLU C 412 -27.15 -31.38 -13.60
C GLU C 412 -25.98 -30.42 -13.56
N THR C 413 -24.87 -30.80 -14.20
CA THR C 413 -23.65 -30.02 -14.19
C THR C 413 -23.46 -29.36 -15.55
N LYS C 414 -23.03 -28.10 -15.54
CA LYS C 414 -22.88 -27.31 -16.75
C LYS C 414 -21.58 -26.52 -16.64
N GLU C 415 -21.21 -25.88 -17.75
CA GLU C 415 -20.03 -25.03 -17.78
C GLU C 415 -20.34 -23.73 -18.51
N TRP C 416 -20.10 -22.61 -17.85
CA TRP C 416 -20.39 -21.29 -18.38
C TRP C 416 -19.09 -20.62 -18.78
N ILE C 417 -19.05 -20.08 -19.99
CA ILE C 417 -17.89 -19.35 -20.49
C ILE C 417 -18.31 -17.91 -20.75
N ILE C 418 -17.64 -16.97 -20.08
CA ILE C 418 -17.88 -15.55 -20.22
C ILE C 418 -16.74 -14.97 -21.04
N VAL C 419 -17.04 -14.48 -22.23
CA VAL C 419 -16.04 -13.84 -23.09
C VAL C 419 -16.37 -12.37 -23.19
N GLY C 420 -15.35 -11.54 -23.03
CA GLY C 420 -15.53 -10.11 -23.05
C GLY C 420 -14.21 -9.40 -23.24
N ARG C 421 -14.17 -8.15 -22.82
CA ARG C 421 -13.07 -7.28 -23.17
C ARG C 421 -12.84 -6.26 -22.06
N LEU C 422 -11.63 -6.23 -21.52
CA LEU C 422 -11.24 -5.25 -20.52
C LEU C 422 -10.75 -3.98 -21.20
N LYS C 423 -11.23 -2.83 -20.73
CA LYS C 423 -10.82 -1.53 -21.24
C LYS C 423 -10.28 -0.68 -20.11
N ALA C 424 -9.10 -0.11 -20.31
CA ALA C 424 -8.45 0.73 -19.30
C ALA C 424 -9.10 2.10 -19.31
N ALA C 425 -9.83 2.42 -18.25
CA ALA C 425 -10.38 3.76 -18.09
C ALA C 425 -9.39 4.74 -17.50
N THR C 426 -8.23 4.26 -17.08
CA THR C 426 -7.15 5.07 -16.51
C THR C 426 -5.85 4.47 -17.01
N PRO C 427 -4.73 5.20 -16.93
CA PRO C 427 -3.43 4.57 -17.18
C PRO C 427 -3.17 3.47 -16.18
N PHE C 428 -2.66 2.33 -16.66
CA PHE C 428 -2.53 1.16 -15.82
C PHE C 428 -1.08 0.89 -15.48
N TYR C 429 -0.88 -0.07 -14.58
CA TYR C 429 0.46 -0.44 -14.13
C TYR C 429 0.41 -1.85 -13.57
N PHE C 430 1.15 -2.77 -14.18
CA PHE C 430 1.33 -4.12 -13.66
C PHE C 430 2.82 -4.29 -13.38
N GLY C 431 3.17 -4.46 -12.12
CA GLY C 431 4.56 -4.39 -11.71
C GLY C 431 5.35 -5.63 -12.05
N VAL C 432 6.66 -5.42 -12.17
CA VAL C 432 7.61 -6.49 -12.49
C VAL C 432 8.97 -6.02 -11.97
N GLN C 433 9.91 -6.95 -11.84
CA GLN C 433 11.22 -6.62 -11.32
C GLN C 433 12.02 -5.82 -12.36
N GLN C 434 13.21 -5.41 -11.94
CA GLN C 434 14.14 -4.77 -12.85
C GLN C 434 14.71 -5.79 -13.82
N PRO C 435 15.18 -5.35 -14.99
CA PRO C 435 15.94 -6.26 -15.86
C PRO C 435 17.27 -6.63 -15.21
N SER C 436 17.84 -7.73 -15.72
CA SER C 436 19.01 -8.46 -15.21
C SER C 436 18.76 -9.03 -13.82
N ASP C 437 17.49 -9.10 -13.41
CA ASP C 437 17.06 -9.89 -12.27
C ASP C 437 16.09 -10.99 -12.66
N SER C 438 15.42 -10.84 -13.81
CA SER C 438 14.57 -11.89 -14.37
C SER C 438 15.36 -12.81 -15.30
N ILE C 439 16.50 -13.30 -14.81
CA ILE C 439 17.34 -14.27 -15.49
C ILE C 439 17.18 -15.60 -14.74
N PRO C 440 16.66 -16.65 -15.38
CA PRO C 440 16.36 -17.89 -14.65
C PRO C 440 17.59 -18.67 -14.22
N GLY C 441 18.69 -18.58 -14.96
CA GLY C 441 19.86 -19.39 -14.62
C GLY C 441 20.58 -18.93 -13.38
N LYS C 442 20.74 -17.62 -13.21
CA LYS C 442 21.48 -17.08 -12.08
C LYS C 442 20.53 -16.66 -10.96
N GLU C 454 17.97 -0.34 -12.08
CA GLU C 454 18.72 0.17 -13.23
C GLU C 454 18.28 1.57 -13.60
N HIS C 455 18.00 1.79 -14.89
CA HIS C 455 17.61 3.11 -15.36
C HIS C 455 16.20 3.47 -14.91
N THR C 456 15.26 2.55 -15.08
CA THR C 456 13.88 2.77 -14.69
C THR C 456 13.62 2.07 -13.36
N SER C 457 13.01 2.78 -12.42
CA SER C 457 12.76 2.21 -11.10
C SER C 457 11.59 1.24 -11.12
N PHE C 458 10.53 1.57 -11.87
CA PHE C 458 9.32 0.76 -11.92
C PHE C 458 9.01 0.45 -13.37
N ASN C 459 9.21 -0.80 -13.76
CA ASN C 459 8.89 -1.26 -15.11
C ASN C 459 7.49 -1.83 -15.15
N ILE C 460 7.01 -2.07 -16.36
CA ILE C 460 5.68 -2.65 -16.57
C ILE C 460 5.88 -4.04 -17.18
N LEU C 461 4.90 -4.91 -16.94
CA LEU C 461 4.96 -6.27 -17.46
C LEU C 461 4.68 -6.26 -18.96
N LEU C 462 5.56 -6.90 -19.73
CA LEU C 462 5.45 -6.92 -21.17
C LEU C 462 5.67 -8.33 -21.69
N ASP C 463 5.28 -8.54 -22.94
CA ASP C 463 5.46 -9.81 -23.62
C ASP C 463 6.82 -9.86 -24.30
N LYS C 464 7.10 -10.97 -24.99
CA LYS C 464 8.34 -11.08 -25.75
C LYS C 464 8.32 -10.17 -26.97
N GLU C 465 7.15 -9.88 -27.52
CA GLU C 465 7.01 -8.94 -28.62
C GLU C 465 6.66 -7.53 -28.16
N ASN C 466 7.01 -7.19 -26.92
CA ASN C 466 6.83 -5.86 -26.32
C ASN C 466 5.35 -5.44 -26.30
N ARG C 467 4.47 -6.40 -26.02
CA ARG C 467 3.05 -6.14 -25.89
C ARG C 467 2.66 -6.14 -24.42
N TYR C 468 1.70 -5.30 -24.06
CA TYR C 468 1.24 -5.22 -22.68
C TYR C 468 0.47 -6.49 -22.30
N ARG C 469 0.66 -6.94 -21.07
CA ARG C 469 0.15 -8.22 -20.62
C ARG C 469 -0.54 -8.08 -19.28
N ILE C 470 -1.76 -8.60 -19.20
CA ILE C 470 -2.44 -8.79 -17.92
C ILE C 470 -2.31 -10.27 -17.57
N PRO C 471 -1.53 -10.61 -16.54
CA PRO C 471 -1.32 -12.04 -16.24
C PRO C 471 -2.55 -12.67 -15.62
N ARG C 472 -2.55 -14.00 -15.63
CA ARG C 472 -3.65 -14.76 -15.01
C ARG C 472 -3.69 -14.54 -13.52
N SER C 473 -2.53 -14.36 -12.89
CA SER C 473 -2.47 -14.28 -11.44
C SER C 473 -3.06 -12.98 -10.91
N ALA C 474 -2.90 -11.88 -11.64
CA ALA C 474 -3.48 -10.60 -11.22
C ALA C 474 -5.00 -10.62 -11.34
N LEU C 475 -5.52 -11.14 -12.45
CA LEU C 475 -6.96 -11.34 -12.61
C LEU C 475 -7.51 -12.26 -11.54
N ARG C 476 -6.79 -13.33 -11.22
CA ARG C 476 -7.25 -14.30 -10.24
C ARG C 476 -7.27 -13.69 -8.84
N GLY C 477 -6.27 -12.87 -8.52
CA GLY C 477 -6.25 -12.21 -7.22
C GLY C 477 -7.32 -11.16 -7.08
N ALA C 478 -7.57 -10.39 -8.13
CA ALA C 478 -8.64 -9.39 -8.08
C ALA C 478 -10.01 -10.03 -8.01
N LEU C 479 -10.19 -11.17 -8.70
CA LEU C 479 -11.45 -11.90 -8.62
C LEU C 479 -11.65 -12.51 -7.24
N ARG C 480 -10.57 -13.00 -6.61
CA ARG C 480 -10.67 -13.52 -5.26
C ARG C 480 -11.01 -12.42 -4.26
N ARG C 481 -10.40 -11.24 -4.44
CA ARG C 481 -10.69 -10.11 -3.56
C ARG C 481 -12.13 -9.63 -3.69
N ASP C 482 -12.62 -9.52 -4.93
CA ASP C 482 -14.00 -9.07 -5.13
C ASP C 482 -15.01 -10.14 -4.70
N LEU C 483 -14.64 -11.43 -4.80
CA LEU C 483 -15.53 -12.47 -4.30
C LEU C 483 -15.57 -12.50 -2.78
N ARG C 484 -14.45 -12.20 -2.12
CA ARG C 484 -14.46 -12.08 -0.66
C ARG C 484 -15.27 -10.87 -0.23
N THR C 485 -15.26 -9.80 -1.02
CA THR C 485 -16.10 -8.65 -0.73
C THR C 485 -17.58 -8.98 -0.92
N ALA C 486 -17.91 -9.68 -2.01
CA ALA C 486 -19.30 -10.00 -2.32
C ALA C 486 -19.88 -11.01 -1.34
N PHE C 487 -19.09 -12.01 -0.94
CA PHE C 487 -19.53 -12.94 0.09
C PHE C 487 -19.54 -12.28 1.46
N GLY C 488 -18.62 -11.35 1.69
CA GLY C 488 -18.48 -10.71 2.98
C GLY C 488 -17.55 -11.41 3.94
N SER C 489 -17.25 -12.68 3.70
CA SER C 489 -16.32 -13.41 4.55
C SER C 489 -15.46 -14.29 3.66
N GLY C 490 -14.26 -14.59 4.14
CA GLY C 490 -13.33 -15.40 3.38
C GLY C 490 -12.12 -15.68 4.22
N CYS C 491 -11.21 -16.48 3.66
CA CYS C 491 -10.01 -16.89 4.35
C CYS C 491 -8.80 -16.19 3.76
N ASN C 492 -7.85 -15.83 4.62
CA ASN C 492 -6.52 -15.49 4.16
C ASN C 492 -5.82 -16.79 3.75
N VAL C 493 -5.20 -16.77 2.57
CA VAL C 493 -4.79 -18.01 1.92
C VAL C 493 -3.64 -18.68 2.65
N SER C 494 -3.94 -19.80 3.31
CA SER C 494 -2.94 -20.59 4.01
C SER C 494 -2.31 -21.55 3.02
N LEU C 495 -0.98 -21.70 3.10
CA LEU C 495 -0.21 -22.39 2.08
C LEU C 495 0.13 -23.82 2.46
N GLY C 496 0.47 -24.08 3.72
CA GLY C 496 0.74 -25.44 4.13
C GLY C 496 -0.49 -26.12 4.66
N GLY C 497 -1.18 -26.88 3.83
CA GLY C 497 -2.43 -27.48 4.25
C GLY C 497 -2.64 -28.91 3.82
N GLN C 498 -3.04 -29.76 4.77
CA GLN C 498 -3.41 -31.13 4.46
C GLN C 498 -4.91 -31.31 4.27
N ILE C 499 -5.70 -30.29 4.60
CA ILE C 499 -7.15 -30.32 4.46
C ILE C 499 -7.57 -29.10 3.66
N LEU C 500 -8.37 -29.32 2.62
CA LEU C 500 -8.82 -28.23 1.76
C LEU C 500 -9.72 -27.27 2.55
N CYS C 501 -9.55 -25.98 2.28
CA CYS C 501 -10.37 -24.97 2.94
C CYS C 501 -11.79 -25.00 2.38
N ASN C 502 -12.77 -24.95 3.28
CA ASN C 502 -14.17 -25.07 2.92
C ASN C 502 -14.93 -23.76 3.00
N CYS C 503 -14.22 -22.63 2.92
CA CYS C 503 -14.90 -21.35 2.86
C CYS C 503 -15.55 -21.17 1.49
N LYS C 504 -16.48 -20.23 1.41
CA LYS C 504 -17.27 -20.05 0.20
C LYS C 504 -16.43 -19.52 -0.95
N VAL C 505 -15.46 -18.67 -0.64
CA VAL C 505 -14.60 -18.08 -1.67
C VAL C 505 -13.74 -19.14 -2.32
N CYS C 506 -13.12 -20.00 -1.52
CA CYS C 506 -12.24 -21.04 -2.08
C CYS C 506 -13.04 -22.10 -2.83
N ILE C 507 -14.24 -22.41 -2.34
CA ILE C 507 -15.10 -23.38 -3.03
C ILE C 507 -15.51 -22.87 -4.39
N GLU C 508 -15.87 -21.58 -4.50
CA GLU C 508 -16.20 -21.05 -5.81
C GLU C 508 -14.96 -20.83 -6.68
N MET C 509 -13.81 -20.53 -6.06
CA MET C 509 -12.61 -20.27 -6.85
C MET C 509 -11.98 -21.54 -7.39
N ARG C 510 -12.26 -22.69 -6.77
CA ARG C 510 -11.70 -23.94 -7.27
C ARG C 510 -12.35 -24.41 -8.56
N ARG C 511 -13.46 -23.80 -8.99
CA ARG C 511 -14.07 -24.11 -10.27
C ARG C 511 -14.13 -22.89 -11.18
N ILE C 512 -13.22 -21.94 -10.99
CA ILE C 512 -13.09 -20.76 -11.85
C ILE C 512 -11.75 -20.84 -12.57
N THR C 513 -11.80 -20.80 -13.89
CA THR C 513 -10.60 -20.81 -14.72
C THR C 513 -10.54 -19.53 -15.53
N LEU C 514 -9.37 -18.91 -15.57
CA LEU C 514 -9.16 -17.68 -16.31
C LEU C 514 -8.14 -17.91 -17.42
N LYS C 515 -7.74 -16.83 -18.07
CA LYS C 515 -6.76 -16.89 -19.14
C LYS C 515 -6.05 -15.54 -19.21
N ASP C 516 -4.74 -15.57 -19.40
CA ASP C 516 -3.97 -14.34 -19.46
C ASP C 516 -4.25 -13.61 -20.77
N SER C 517 -4.11 -12.29 -20.72
CA SER C 517 -4.51 -11.41 -21.81
C SER C 517 -3.30 -10.62 -22.30
N VAL C 518 -3.11 -10.62 -23.61
CA VAL C 518 -2.05 -9.85 -24.26
C VAL C 518 -2.71 -8.90 -25.24
N SER C 519 -2.41 -7.61 -25.09
CA SER C 519 -3.00 -6.60 -25.96
C SER C 519 -2.36 -6.65 -27.35
N ASP C 520 -3.02 -5.99 -28.30
CA ASP C 520 -2.55 -5.90 -29.68
C ASP C 520 -1.77 -4.61 -29.93
N PHE C 521 -1.02 -4.17 -28.94
CA PHE C 521 -0.37 -2.87 -28.93
C PHE C 521 1.08 -3.06 -28.51
N SER C 522 2.02 -2.51 -29.27
CA SER C 522 3.42 -2.73 -28.99
C SER C 522 4.21 -1.43 -28.96
N GLU C 523 3.58 -0.36 -28.66
CA GLU C 523 4.25 0.92 -28.52
C GLU C 523 4.79 1.07 -27.10
N PRO C 524 5.88 1.83 -26.91
CA PRO C 524 6.57 1.81 -25.63
C PRO C 524 5.76 2.50 -24.55
N PRO C 525 6.04 2.21 -23.28
CA PRO C 525 5.28 2.84 -22.19
C PRO C 525 5.62 4.31 -22.03
N GLU C 526 4.85 4.96 -21.16
CA GLU C 526 5.04 6.37 -20.85
C GLU C 526 5.74 6.49 -19.50
N ILE C 527 6.81 7.26 -19.47
CA ILE C 527 7.54 7.51 -18.23
C ILE C 527 6.88 8.68 -17.52
N ARG C 528 6.41 8.44 -16.30
CA ARG C 528 5.82 9.47 -15.46
C ARG C 528 6.70 9.67 -14.24
N TYR C 529 7.12 10.91 -14.03
CA TYR C 529 8.05 11.25 -12.96
C TYR C 529 7.30 11.67 -11.71
N ARG C 530 7.90 11.41 -10.56
CA ARG C 530 7.29 11.64 -9.27
C ARG C 530 8.34 12.13 -8.29
N ILE C 531 7.96 13.10 -7.46
CA ILE C 531 8.81 13.65 -6.42
C ILE C 531 8.08 13.56 -5.08
N ALA C 532 8.79 13.93 -4.02
CA ALA C 532 8.23 14.07 -2.68
C ALA C 532 8.66 15.40 -2.10
N LYS C 533 7.84 15.95 -1.23
CA LYS C 533 8.03 17.31 -0.73
C LYS C 533 8.31 17.30 0.76
N ASN C 534 9.30 18.10 1.16
CA ASN C 534 9.59 18.31 2.57
C ASN C 534 8.60 19.30 3.15
N PRO C 535 7.83 18.94 4.18
CA PRO C 535 6.82 19.89 4.70
C PRO C 535 7.41 21.09 5.41
N GLY C 536 8.66 21.02 5.87
CA GLY C 536 9.25 22.14 6.55
C GLY C 536 9.62 23.29 5.62
N THR C 537 10.31 22.97 4.52
CA THR C 537 10.82 23.97 3.61
C THR C 537 10.01 24.11 2.33
N ALA C 538 9.02 23.23 2.11
CA ALA C 538 8.17 23.17 0.91
C ALA C 538 8.99 23.04 -0.37
N THR C 539 10.11 22.32 -0.27
CA THR C 539 10.96 22.00 -1.41
C THR C 539 11.09 20.49 -1.49
N VAL C 540 11.74 20.03 -2.57
CA VAL C 540 11.89 18.59 -2.76
C VAL C 540 12.86 18.02 -1.74
N GLU C 541 12.57 16.79 -1.30
CA GLU C 541 13.47 16.09 -0.41
C GLU C 541 14.66 15.52 -1.19
N ASP C 542 15.69 15.15 -0.45
CA ASP C 542 16.86 14.54 -1.07
C ASP C 542 16.57 13.09 -1.42
N GLY C 543 16.80 12.73 -2.68
CA GLY C 543 16.56 11.38 -3.14
C GLY C 543 15.10 11.04 -3.26
N SER C 544 14.30 11.96 -3.78
CA SER C 544 12.87 11.75 -3.91
C SER C 544 12.38 11.70 -5.35
N LEU C 545 13.25 11.90 -6.33
CA LEU C 545 12.88 11.70 -7.71
C LEU C 545 12.84 10.23 -8.07
N PHE C 546 11.76 9.81 -8.72
CA PHE C 546 11.69 8.47 -9.29
C PHE C 546 10.72 8.49 -10.45
N ASP C 547 10.66 7.39 -11.18
CA ASP C 547 9.86 7.31 -12.38
C ASP C 547 9.13 5.97 -12.49
N ILE C 548 7.97 6.00 -13.13
CA ILE C 548 7.14 4.83 -13.31
C ILE C 548 6.82 4.67 -14.79
N GLU C 549 6.61 3.44 -15.23
CA GLU C 549 6.17 3.16 -16.59
C GLU C 549 4.68 2.86 -16.57
N VAL C 550 3.90 3.63 -17.33
CA VAL C 550 2.46 3.45 -17.37
C VAL C 550 2.04 3.10 -18.80
N GLY C 551 0.94 2.38 -18.90
CA GLY C 551 0.34 2.03 -20.16
C GLY C 551 -0.78 2.99 -20.53
N PRO C 552 -1.11 3.06 -21.81
CA PRO C 552 -2.09 4.05 -22.27
C PRO C 552 -3.51 3.69 -21.87
N GLU C 553 -4.30 4.70 -21.55
CA GLU C 553 -5.70 4.49 -21.21
C GLU C 553 -6.52 4.36 -22.49
N GLY C 554 -7.56 3.56 -22.42
CA GLY C 554 -8.32 3.18 -23.59
C GLY C 554 -7.85 1.91 -24.25
N LEU C 555 -6.78 1.30 -23.73
CA LEU C 555 -6.29 0.03 -24.24
C LEU C 555 -7.30 -1.08 -23.97
N THR C 556 -7.13 -2.18 -24.67
CA THR C 556 -8.18 -3.18 -24.80
C THR C 556 -7.55 -4.57 -24.75
N PHE C 557 -8.04 -5.40 -23.84
CA PHE C 557 -7.52 -6.74 -23.57
C PHE C 557 -8.66 -7.74 -23.68
N PRO C 558 -8.38 -8.97 -24.10
CA PRO C 558 -9.43 -10.00 -24.05
C PRO C 558 -9.70 -10.47 -22.63
N PHE C 559 -10.86 -11.10 -22.44
CA PHE C 559 -11.24 -11.58 -21.11
C PHE C 559 -12.02 -12.87 -21.27
N VAL C 560 -11.54 -13.95 -20.64
CA VAL C 560 -12.17 -15.26 -20.67
C VAL C 560 -12.32 -15.75 -19.23
N LEU C 561 -13.54 -16.11 -18.85
CA LEU C 561 -13.79 -16.77 -17.58
C LEU C 561 -14.56 -18.06 -17.84
N ARG C 562 -14.24 -19.10 -17.07
CA ARG C 562 -14.94 -20.37 -17.17
C ARG C 562 -15.33 -20.83 -15.79
N TYR C 563 -16.57 -21.29 -15.65
CA TYR C 563 -17.09 -21.79 -14.39
C TYR C 563 -17.79 -23.11 -14.64
N ARG C 564 -17.32 -24.17 -14.01
CA ARG C 564 -17.89 -25.50 -14.15
C ARG C 564 -18.60 -25.87 -12.84
N GLY C 565 -19.91 -26.03 -12.90
CA GLY C 565 -20.64 -26.35 -11.68
C GLY C 565 -22.11 -26.57 -11.95
N HIS C 566 -22.87 -26.66 -10.86
CA HIS C 566 -24.28 -27.01 -10.94
C HIS C 566 -25.19 -25.79 -11.06
N LYS C 567 -24.82 -24.66 -10.47
CA LYS C 567 -25.56 -23.43 -10.65
C LYS C 567 -24.61 -22.25 -10.62
N PHE C 568 -24.91 -21.24 -11.42
CA PHE C 568 -24.08 -20.05 -11.50
C PHE C 568 -24.30 -19.19 -10.27
N PRO C 569 -23.26 -18.83 -9.54
CA PRO C 569 -23.47 -18.15 -8.25
C PRO C 569 -23.93 -16.71 -8.43
N GLU C 570 -24.68 -16.23 -7.45
CA GLU C 570 -25.13 -14.84 -7.45
C GLU C 570 -23.97 -13.89 -7.18
N GLN C 571 -22.98 -14.33 -6.40
CA GLN C 571 -21.87 -13.47 -6.06
C GLN C 571 -20.92 -13.29 -7.24
N LEU C 572 -20.72 -14.34 -8.03
CA LEU C 572 -19.91 -14.21 -9.25
C LEU C 572 -20.60 -13.34 -10.28
N SER C 573 -21.93 -13.46 -10.40
CA SER C 573 -22.71 -12.58 -11.25
C SER C 573 -22.62 -11.13 -10.79
N SER C 574 -22.61 -10.92 -9.48
CA SER C 574 -22.50 -9.57 -8.94
C SER C 574 -21.12 -8.98 -9.18
N VAL C 575 -20.07 -9.81 -9.11
CA VAL C 575 -18.72 -9.33 -9.39
C VAL C 575 -18.58 -8.97 -10.87
N ILE C 576 -19.18 -9.77 -11.75
CA ILE C 576 -19.15 -9.46 -13.19
C ILE C 576 -19.94 -8.19 -13.49
N ARG C 577 -21.09 -8.01 -12.84
CA ARG C 577 -21.88 -6.80 -13.03
C ARG C 577 -21.19 -5.57 -12.44
N TYR C 578 -20.41 -5.77 -11.38
CA TYR C 578 -19.62 -4.69 -10.80
C TYR C 578 -18.48 -4.30 -11.71
N TRP C 579 -17.85 -5.28 -12.36
CA TRP C 579 -16.70 -4.99 -13.21
C TRP C 579 -17.12 -4.32 -14.50
N GLU C 580 -18.30 -4.66 -15.01
CA GLU C 580 -18.69 -4.17 -16.32
C GLU C 580 -19.29 -2.77 -16.23
N GLU C 581 -19.36 -2.12 -17.37
CA GLU C 581 -19.91 -0.77 -17.47
C GLU C 581 -21.05 -0.74 -18.46
N ASN C 582 -22.01 0.12 -18.18
CA ASN C 582 -23.20 0.33 -18.98
C ASN C 582 -23.40 1.83 -19.13
N ASP C 583 -24.58 2.24 -19.57
CA ASP C 583 -24.90 3.65 -19.62
C ASP C 583 -25.02 4.21 -18.21
N GLY C 584 -24.22 5.23 -17.91
CA GLY C 584 -24.21 5.81 -16.59
C GLY C 584 -23.18 5.20 -15.65
N LYS C 585 -23.24 3.88 -15.49
CA LYS C 585 -22.29 3.18 -14.63
C LYS C 585 -20.93 3.09 -15.29
N ASN C 586 -19.88 3.22 -14.48
CA ASN C 586 -18.52 3.01 -14.92
C ASN C 586 -17.94 1.79 -14.22
N GLY C 587 -17.02 1.11 -14.90
CA GLY C 587 -16.49 -0.14 -14.40
C GLY C 587 -15.58 0.05 -13.21
N MET C 588 -15.53 -0.96 -12.35
CA MET C 588 -14.80 -0.89 -11.10
C MET C 588 -13.93 -2.12 -10.91
N ALA C 589 -13.19 -2.50 -11.94
CA ALA C 589 -12.27 -3.63 -11.88
C ALA C 589 -10.88 -3.09 -11.61
N TRP C 590 -10.46 -3.12 -10.34
CA TRP C 590 -9.15 -2.62 -9.94
C TRP C 590 -8.13 -3.75 -10.08
N LEU C 591 -7.34 -3.69 -11.14
CA LEU C 591 -6.24 -4.61 -11.37
C LEU C 591 -4.94 -3.83 -11.37
N GLY C 592 -3.89 -4.42 -10.84
CA GLY C 592 -2.58 -3.81 -10.89
C GLY C 592 -2.13 -3.27 -9.55
N GLY C 593 -1.14 -2.38 -9.62
CA GLY C 593 -0.39 -2.02 -8.44
C GLY C 593 -0.04 -0.56 -8.23
N LEU C 594 -0.93 0.35 -8.60
CA LEU C 594 -0.81 1.76 -8.18
C LEU C 594 -2.19 2.32 -7.89
N ASP C 595 -3.00 1.57 -7.13
CA ASP C 595 -4.43 1.86 -7.02
C ASP C 595 -4.72 3.14 -6.27
N SER C 596 -3.85 3.51 -5.33
CA SER C 596 -4.05 4.76 -4.58
C SER C 596 -3.85 5.99 -5.45
N THR C 597 -3.07 5.85 -6.52
CA THR C 597 -2.91 6.88 -7.53
C THR C 597 -3.99 6.77 -8.60
N GLY C 598 -4.93 5.84 -8.45
CA GLY C 598 -5.98 5.66 -9.41
C GLY C 598 -5.57 4.94 -10.67
N LYS C 599 -4.48 4.19 -10.62
CA LYS C 599 -3.96 3.54 -11.81
C LYS C 599 -4.39 2.08 -11.84
N GLY C 600 -5.21 1.73 -12.83
CA GLY C 600 -5.58 0.34 -13.03
C GLY C 600 -7.05 0.03 -12.83
N ARG C 601 -7.93 0.98 -13.11
CA ARG C 601 -9.37 0.77 -13.03
C ARG C 601 -9.87 0.37 -14.40
N PHE C 602 -10.12 -0.92 -14.60
CA PHE C 602 -10.58 -1.45 -15.87
C PHE C 602 -12.09 -1.58 -15.86
N ALA C 603 -12.66 -1.68 -17.06
CA ALA C 603 -14.09 -1.81 -17.24
C ALA C 603 -14.35 -2.91 -18.27
N LEU C 604 -15.30 -3.78 -17.98
CA LEU C 604 -15.59 -4.92 -18.81
C LEU C 604 -16.70 -4.57 -19.81
N LYS C 605 -16.50 -4.94 -21.07
CA LYS C 605 -17.47 -4.66 -22.11
C LYS C 605 -17.51 -5.82 -23.09
N ASP C 606 -18.55 -5.79 -23.94
CA ASP C 606 -18.84 -6.85 -24.93
C ASP C 606 -18.99 -8.21 -24.27
N ILE C 607 -19.75 -8.26 -23.18
CA ILE C 607 -19.89 -9.48 -22.39
C ILE C 607 -20.87 -10.41 -23.11
N LYS C 608 -20.41 -11.63 -23.40
CA LYS C 608 -21.27 -12.70 -23.88
C LYS C 608 -21.04 -13.91 -22.99
N ILE C 609 -22.10 -14.43 -22.38
CA ILE C 609 -22.04 -15.60 -21.54
C ILE C 609 -22.70 -16.76 -22.29
N PHE C 610 -21.98 -17.86 -22.42
CA PHE C 610 -22.47 -19.05 -23.09
C PHE C 610 -22.46 -20.23 -22.12
N GLU C 611 -23.41 -21.14 -22.32
CA GLU C 611 -23.63 -22.29 -21.46
C GLU C 611 -23.42 -23.58 -22.24
N TRP C 612 -22.69 -24.52 -21.62
CA TRP C 612 -22.47 -25.85 -22.17
C TRP C 612 -23.09 -26.85 -21.23
N ASP C 613 -23.95 -27.72 -21.76
CA ASP C 613 -24.57 -28.80 -21.01
C ASP C 613 -23.60 -29.98 -21.01
N LEU C 614 -23.10 -30.35 -19.84
CA LEU C 614 -22.12 -31.41 -19.75
C LEU C 614 -22.73 -32.78 -19.53
N ASN C 615 -24.00 -32.84 -19.13
CA ASN C 615 -24.64 -34.12 -18.89
C ASN C 615 -25.14 -34.76 -20.18
N GLN C 616 -25.61 -33.97 -21.13
CA GLN C 616 -26.17 -34.50 -22.37
C GLN C 616 -25.21 -34.45 -23.55
N LYS C 617 -24.32 -33.47 -23.57
CA LYS C 617 -23.49 -33.19 -24.75
C LYS C 617 -22.02 -33.17 -24.37
N ILE C 618 -21.58 -34.22 -23.69
CA ILE C 618 -20.17 -34.33 -23.31
C ILE C 618 -19.32 -34.73 -24.52
N ASN C 619 -19.91 -35.42 -25.51
CA ASN C 619 -19.16 -35.81 -26.69
C ASN C 619 -18.77 -34.61 -27.54
N GLU C 620 -19.66 -33.61 -27.62
CA GLU C 620 -19.31 -32.37 -28.31
C GLU C 620 -18.25 -31.60 -27.55
N TYR C 621 -18.20 -31.73 -26.23
CA TYR C 621 -17.14 -31.09 -25.44
C TYR C 621 -15.79 -31.74 -25.74
N ILE C 622 -15.77 -33.08 -25.80
CA ILE C 622 -14.52 -33.78 -26.13
C ILE C 622 -14.10 -33.47 -27.57
N LYS C 623 -15.07 -33.31 -28.47
CA LYS C 623 -14.75 -33.02 -29.87
C LYS C 623 -14.23 -31.60 -30.05
N GLU C 624 -14.83 -30.63 -29.37
CA GLU C 624 -14.46 -29.23 -29.55
C GLU C 624 -13.38 -28.75 -28.59
N ARG C 625 -12.96 -29.60 -27.64
CA ARG C 625 -11.93 -29.30 -26.64
C ARG C 625 -12.28 -28.10 -25.78
N GLY C 626 -13.58 -27.89 -25.54
CA GLY C 626 -14.05 -26.81 -24.68
C GLY C 626 -13.80 -25.41 -25.20
N MET C 627 -13.57 -25.26 -26.51
CA MET C 627 -13.19 -24.01 -27.16
C MET C 627 -11.95 -23.38 -26.53
N ARG C 628 -10.99 -24.23 -26.14
CA ARG C 628 -9.76 -23.77 -25.52
C ARG C 628 -8.79 -23.33 -26.61
N GLY C 629 -8.33 -22.08 -26.51
CA GLY C 629 -7.46 -21.51 -27.51
C GLY C 629 -8.19 -20.85 -28.67
N LYS C 630 -9.51 -20.95 -28.73
CA LYS C 630 -10.31 -20.38 -29.80
C LYS C 630 -11.40 -19.47 -29.24
N GLU C 631 -11.12 -18.80 -28.12
CA GLU C 631 -12.09 -17.89 -27.53
C GLU C 631 -12.15 -16.55 -28.27
N LYS C 632 -11.13 -16.23 -29.08
CA LYS C 632 -11.20 -15.04 -29.91
C LYS C 632 -12.29 -15.17 -30.97
N GLU C 633 -12.45 -16.37 -31.53
CA GLU C 633 -13.51 -16.64 -32.49
C GLU C 633 -14.89 -16.59 -31.86
N LEU C 634 -15.00 -16.79 -30.56
CA LEU C 634 -16.31 -16.83 -29.91
C LEU C 634 -16.92 -15.44 -29.75
N LEU C 635 -16.11 -14.39 -29.79
CA LEU C 635 -16.66 -13.04 -29.68
C LEU C 635 -17.35 -12.61 -30.97
N GLU C 636 -16.66 -12.76 -32.10
CA GLU C 636 -17.21 -12.35 -33.39
C GLU C 636 -18.12 -13.42 -33.99
N MET C 637 -18.32 -14.54 -33.31
CA MET C 637 -19.22 -15.58 -33.80
C MET C 637 -20.67 -15.12 -33.71
N GLY C 638 -21.44 -15.43 -34.76
CA GLY C 638 -22.86 -15.19 -34.74
C GLY C 638 -23.61 -16.28 -33.99
N GLU C 639 -24.94 -16.12 -33.99
CA GLU C 639 -25.80 -17.11 -33.36
C GLU C 639 -25.79 -18.43 -34.12
N SER C 640 -25.89 -18.37 -35.45
CA SER C 640 -26.01 -19.57 -36.26
C SER C 640 -24.69 -20.30 -36.46
N SER C 641 -23.57 -19.74 -35.98
CA SER C 641 -22.27 -20.36 -36.12
C SER C 641 -21.75 -20.97 -34.82
N LEU C 642 -22.58 -20.99 -33.77
CA LEU C 642 -22.16 -21.61 -32.52
C LEU C 642 -22.06 -23.12 -32.67
N PRO C 643 -21.16 -23.77 -31.94
CA PRO C 643 -21.06 -25.23 -32.01
C PRO C 643 -22.24 -25.90 -31.30
N ASP C 644 -22.35 -27.20 -31.53
CA ASP C 644 -23.38 -27.98 -30.88
C ASP C 644 -23.04 -28.15 -29.41
N GLY C 645 -24.00 -27.84 -28.54
CA GLY C 645 -23.81 -27.91 -27.11
C GLY C 645 -23.60 -26.57 -26.45
N LEU C 646 -23.15 -25.58 -27.20
CA LEU C 646 -22.92 -24.24 -26.69
C LEU C 646 -24.12 -23.37 -27.03
N ILE C 647 -24.89 -23.01 -26.03
CA ILE C 647 -26.06 -22.17 -26.23
C ILE C 647 -25.80 -20.84 -25.53
N PRO C 648 -26.53 -19.79 -25.89
CA PRO C 648 -26.48 -18.58 -25.08
C PRO C 648 -27.11 -18.79 -23.71
N TYR C 649 -26.60 -18.04 -22.74
CA TYR C 649 -27.12 -18.07 -21.38
C TYR C 649 -28.09 -16.89 -21.23
N LYS C 650 -29.37 -17.19 -21.03
CA LYS C 650 -30.40 -16.17 -20.96
C LYS C 650 -30.72 -15.74 -19.54
N PHE C 651 -30.41 -16.56 -18.54
CA PHE C 651 -30.73 -16.27 -17.15
C PHE C 651 -29.58 -15.58 -16.44
N PHE C 652 -29.07 -14.50 -17.03
CA PHE C 652 -28.04 -13.69 -16.41
C PHE C 652 -28.71 -12.49 -15.77
N GLU C 653 -28.61 -12.39 -14.44
CA GLU C 653 -29.34 -11.38 -13.70
C GLU C 653 -28.72 -10.00 -13.91
N GLU C 654 -29.59 -8.98 -13.87
CA GLU C 654 -29.16 -7.59 -13.98
C GLU C 654 -28.65 -7.10 -12.62
N ARG C 655 -28.24 -5.84 -12.57
CA ARG C 655 -27.61 -5.29 -11.38
C ARG C 655 -28.60 -5.15 -10.23
N GLU C 656 -29.83 -4.74 -10.53
CA GLU C 656 -30.79 -4.42 -9.47
C GLU C 656 -31.36 -5.67 -8.80
N CYS C 657 -31.27 -6.83 -9.44
CA CYS C 657 -31.87 -8.05 -8.92
C CYS C 657 -30.89 -8.92 -8.15
N LEU C 658 -29.64 -8.48 -7.99
CA LEU C 658 -28.61 -9.26 -7.33
C LEU C 658 -28.50 -8.85 -5.88
N PHE C 659 -28.58 -9.83 -4.98
CA PHE C 659 -28.56 -9.55 -3.55
C PHE C 659 -27.18 -9.17 -3.00
N PRO C 660 -26.06 -9.85 -3.34
CA PRO C 660 -24.77 -9.34 -2.82
C PRO C 660 -24.31 -8.06 -3.50
N TYR C 661 -24.68 -7.82 -4.76
CA TYR C 661 -24.53 -6.49 -5.31
C TYR C 661 -25.52 -5.55 -4.62
N LYS C 662 -25.17 -4.26 -4.61
CA LYS C 662 -25.88 -3.13 -4.00
C LYS C 662 -25.99 -3.22 -2.48
N GLU C 663 -25.42 -4.26 -1.86
CA GLU C 663 -25.32 -4.34 -0.41
C GLU C 663 -23.87 -4.54 0.02
N ASN C 664 -23.04 -5.06 -0.87
CA ASN C 664 -21.64 -5.32 -0.54
C ASN C 664 -20.69 -4.69 -1.54
N LEU C 665 -21.04 -4.70 -2.82
CA LEU C 665 -20.12 -4.26 -3.86
C LEU C 665 -20.34 -2.82 -4.30
N LYS C 666 -21.59 -2.38 -4.45
CA LYS C 666 -21.85 -1.01 -4.86
C LYS C 666 -21.48 0.05 -3.81
N PRO C 667 -21.73 -0.11 -2.52
CA PRO C 667 -21.23 0.89 -1.56
C PRO C 667 -19.76 0.76 -1.20
N GLN C 668 -18.96 -0.02 -1.94
CA GLN C 668 -17.56 -0.19 -1.59
C GLN C 668 -16.75 1.07 -1.84
N TRP C 669 -16.99 1.74 -2.96
CA TRP C 669 -16.31 2.98 -3.30
C TRP C 669 -17.33 4.00 -3.79
N SER C 670 -17.24 5.21 -3.26
CA SER C 670 -18.13 6.31 -3.64
C SER C 670 -17.35 7.33 -4.44
N GLU C 671 -17.96 7.83 -5.51
CA GLU C 671 -17.32 8.77 -6.40
C GLU C 671 -17.64 10.20 -6.01
N VAL C 672 -16.62 11.03 -5.88
CA VAL C 672 -16.76 12.47 -5.73
C VAL C 672 -16.05 13.11 -6.91
N GLN C 673 -16.83 13.79 -7.76
CA GLN C 673 -16.33 14.36 -9.01
C GLN C 673 -16.57 15.86 -8.99
N TYR C 674 -15.55 16.62 -9.36
CA TYR C 674 -15.63 18.07 -9.29
C TYR C 674 -14.88 18.68 -10.46
N THR C 675 -15.02 20.00 -10.59
CA THR C 675 -14.39 20.76 -11.67
C THR C 675 -13.70 21.99 -11.10
N ILE C 676 -12.40 22.08 -11.29
CA ILE C 676 -11.59 23.20 -10.84
C ILE C 676 -11.51 24.22 -11.96
N GLU C 677 -11.81 25.47 -11.64
CA GLU C 677 -11.79 26.58 -12.58
C GLU C 677 -10.59 27.45 -12.23
N VAL C 678 -9.62 27.50 -13.14
CA VAL C 678 -8.34 28.18 -12.94
C VAL C 678 -8.28 29.38 -13.86
N GLY C 679 -8.20 30.57 -13.29
CA GLY C 679 -8.20 31.79 -14.08
C GLY C 679 -6.84 32.41 -14.26
N SER C 680 -5.81 31.59 -14.15
CA SER C 680 -4.41 32.00 -14.27
C SER C 680 -3.70 30.99 -15.16
N PRO C 681 -2.50 31.32 -15.65
CA PRO C 681 -1.72 30.32 -16.38
C PRO C 681 -1.38 29.10 -15.54
N LEU C 682 -1.35 27.94 -16.19
CA LEU C 682 -1.14 26.66 -15.52
C LEU C 682 0.05 25.95 -16.14
N LEU C 683 1.02 25.59 -15.30
CA LEU C 683 2.25 24.97 -15.78
C LEU C 683 2.65 23.85 -14.84
N THR C 684 2.37 22.61 -15.25
CA THR C 684 2.95 21.43 -14.61
C THR C 684 4.06 20.98 -15.54
N ALA C 685 5.30 21.32 -15.17
CA ALA C 685 6.42 21.20 -16.09
C ALA C 685 6.78 19.74 -16.36
N ASP C 686 7.30 19.50 -17.55
CA ASP C 686 7.63 18.16 -18.01
C ASP C 686 9.12 17.95 -18.18
N THR C 687 9.79 18.85 -18.91
CA THR C 687 11.23 19.14 -19.00
C THR C 687 12.09 18.02 -19.60
N ILE C 688 11.51 16.85 -19.85
CA ILE C 688 12.22 15.83 -20.61
C ILE C 688 11.70 15.78 -22.04
N SER C 689 10.37 15.86 -22.19
CA SER C 689 9.79 15.91 -23.52
C SER C 689 10.03 17.27 -24.18
N ALA C 690 10.30 18.30 -23.39
CA ALA C 690 10.68 19.58 -23.95
C ALA C 690 12.05 19.52 -24.62
N LEU C 691 12.91 18.60 -24.18
CA LEU C 691 14.20 18.38 -24.80
C LEU C 691 14.10 17.60 -26.11
N THR C 692 12.96 16.97 -26.38
CA THR C 692 12.80 16.11 -27.55
C THR C 692 11.70 16.59 -28.49
N GLU C 693 11.28 17.85 -28.38
CA GLU C 693 10.22 18.41 -29.19
C GLU C 693 10.65 19.74 -29.78
N PRO C 694 10.17 20.09 -30.97
CA PRO C 694 10.57 21.36 -31.58
C PRO C 694 9.97 22.55 -30.85
N GLY C 695 10.66 23.69 -30.95
CA GLY C 695 10.20 24.91 -30.33
C GLY C 695 11.24 25.57 -29.47
N ASN C 696 12.16 24.76 -28.92
CA ASN C 696 13.23 25.17 -28.01
C ASN C 696 12.68 25.91 -26.79
N ARG C 697 11.89 25.18 -26.01
CA ARG C 697 11.24 25.74 -24.83
C ARG C 697 11.67 24.97 -23.60
N ASP C 698 11.88 25.72 -22.50
CA ASP C 698 12.48 25.15 -21.31
C ASP C 698 11.49 24.26 -20.55
N ALA C 699 10.36 24.83 -20.15
CA ALA C 699 9.32 24.10 -19.45
C ALA C 699 8.04 24.14 -20.26
N ILE C 700 7.45 22.97 -20.52
CA ILE C 700 6.19 22.86 -21.22
C ILE C 700 5.21 22.11 -20.34
N ALA C 701 3.94 22.18 -20.70
CA ALA C 701 2.89 21.55 -19.92
C ALA C 701 2.91 20.04 -20.11
N TYR C 702 2.31 19.34 -19.14
CA TYR C 702 2.25 17.89 -19.19
C TYR C 702 1.15 17.43 -20.14
N LYS C 703 1.44 16.36 -20.90
CA LYS C 703 0.50 15.79 -21.83
C LYS C 703 0.39 14.29 -21.59
N LYS C 704 -0.72 13.72 -22.05
CA LYS C 704 -0.99 12.29 -21.93
C LYS C 704 -1.14 11.68 -23.30
N ARG C 705 -0.98 10.36 -23.36
CA ARG C 705 -1.31 9.58 -24.55
C ARG C 705 -2.53 8.73 -24.26
N VAL C 706 -3.60 8.96 -25.01
CA VAL C 706 -4.85 8.23 -24.88
C VAL C 706 -4.96 7.29 -26.07
N TYR C 707 -5.34 6.05 -25.83
CA TYR C 707 -5.53 5.08 -26.90
C TYR C 707 -7.01 5.01 -27.25
N ASN C 708 -7.30 4.99 -28.56
CA ASN C 708 -8.65 4.87 -29.06
C ASN C 708 -8.86 3.46 -29.58
N ASP C 709 -10.07 2.92 -29.42
CA ASP C 709 -10.38 1.57 -29.82
C ASP C 709 -11.09 1.47 -31.16
N GLY C 710 -11.73 2.56 -31.60
CA GLY C 710 -12.33 2.56 -32.93
C GLY C 710 -11.29 2.50 -34.03
N ASN C 711 -10.24 3.29 -33.90
CA ASN C 711 -9.08 3.24 -34.78
C ASN C 711 -7.87 2.88 -33.96
N ASN C 712 -7.06 1.94 -34.47
CA ASN C 712 -6.03 1.29 -33.67
C ASN C 712 -4.83 2.19 -33.38
N ALA C 713 -4.80 3.42 -33.87
CA ALA C 713 -3.77 4.38 -33.48
C ALA C 713 -4.13 4.96 -32.11
N ILE C 714 -3.22 5.79 -31.58
CA ILE C 714 -3.45 6.32 -30.24
C ILE C 714 -4.43 7.48 -30.27
N GLU C 715 -4.02 8.62 -30.81
CA GLU C 715 -4.71 9.91 -30.85
C GLU C 715 -3.86 10.81 -31.72
N PRO C 716 -4.45 11.71 -32.52
CA PRO C 716 -3.61 12.68 -33.24
C PRO C 716 -2.97 13.72 -32.32
N GLU C 717 -3.72 14.22 -31.33
CA GLU C 717 -3.21 15.25 -30.45
C GLU C 717 -3.29 14.83 -29.00
N PRO C 718 -2.28 15.13 -28.19
CA PRO C 718 -2.30 14.71 -26.78
C PRO C 718 -3.23 15.57 -25.95
N ARG C 719 -3.63 15.01 -24.81
CA ARG C 719 -4.59 15.65 -23.92
C ARG C 719 -3.86 16.19 -22.69
N PHE C 720 -4.06 17.47 -22.41
CA PHE C 720 -3.39 18.10 -21.29
C PHE C 720 -4.06 17.68 -19.98
N ALA C 721 -3.25 17.51 -18.94
CA ALA C 721 -3.77 17.03 -17.68
C ALA C 721 -2.90 17.50 -16.53
N VAL C 722 -3.51 17.53 -15.35
CA VAL C 722 -2.81 17.62 -14.08
C VAL C 722 -2.81 16.23 -13.46
N LYS C 723 -1.64 15.77 -13.04
CA LYS C 723 -1.45 14.37 -12.67
C LYS C 723 -2.19 14.03 -11.37
N SER C 724 -2.50 12.74 -11.21
CA SER C 724 -3.21 12.28 -10.02
C SER C 724 -2.31 12.36 -8.79
N GLU C 725 -1.00 12.18 -8.97
CA GLU C 725 -0.03 12.35 -7.89
C GLU C 725 -0.07 13.76 -7.34
N THR C 726 -0.23 14.74 -8.23
CA THR C 726 -0.17 16.15 -7.83
C THR C 726 -1.34 16.52 -6.94
N HIS C 727 -2.57 16.25 -7.36
CA HIS C 727 -3.68 16.66 -6.52
C HIS C 727 -3.94 15.69 -5.37
N ARG C 728 -3.44 14.45 -5.47
CA ARG C 728 -3.36 13.61 -4.28
C ARG C 728 -2.46 14.22 -3.23
N GLY C 729 -1.29 14.73 -3.65
CA GLY C 729 -0.41 15.41 -2.72
C GLY C 729 -0.98 16.72 -2.20
N ILE C 730 -1.77 17.41 -3.03
CA ILE C 730 -2.43 18.65 -2.58
C ILE C 730 -3.43 18.35 -1.47
N PHE C 731 -4.26 17.31 -1.66
CA PHE C 731 -5.21 16.91 -0.63
C PHE C 731 -4.51 16.43 0.63
N ARG C 732 -3.42 15.66 0.47
CA ARG C 732 -2.68 15.13 1.61
C ARG C 732 -2.02 16.25 2.40
N THR C 733 -1.42 17.22 1.70
CA THR C 733 -0.78 18.35 2.38
C THR C 733 -1.80 19.26 3.04
N ALA C 734 -2.99 19.42 2.44
CA ALA C 734 -4.04 20.23 3.03
C ALA C 734 -4.55 19.61 4.32
N VAL C 735 -4.84 18.30 4.30
CA VAL C 735 -5.33 17.62 5.51
C VAL C 735 -4.23 17.58 6.58
N GLY C 736 -2.98 17.35 6.17
CA GLY C 736 -1.91 17.28 7.15
C GLY C 736 -1.57 18.62 7.78
N ARG C 737 -1.73 19.71 7.03
CA ARG C 737 -1.51 21.03 7.62
C ARG C 737 -2.70 21.45 8.47
N ARG C 738 -3.90 21.01 8.12
CA ARG C 738 -5.07 21.38 8.91
C ARG C 738 -5.10 20.66 10.25
N THR C 739 -4.76 19.36 10.26
CA THR C 739 -4.79 18.63 11.53
C THR C 739 -3.49 18.77 12.31
N GLY C 740 -2.35 18.83 11.62
CA GLY C 740 -1.07 18.91 12.27
C GLY C 740 -0.25 17.64 12.24
N ASP C 741 -0.57 16.71 11.35
CA ASP C 741 0.14 15.44 11.25
C ASP C 741 1.36 15.50 10.35
N LEU C 742 1.54 16.58 9.59
CA LEU C 742 2.77 16.74 8.81
C LEU C 742 3.96 17.06 9.69
N GLY C 743 3.72 17.60 10.89
CA GLY C 743 4.81 17.97 11.78
C GLY C 743 5.48 16.82 12.49
N LYS C 744 4.91 15.62 12.41
CA LYS C 744 5.52 14.46 13.05
C LYS C 744 6.79 14.05 12.32
N GLU C 745 7.74 13.48 13.07
CA GLU C 745 9.01 13.11 12.46
C GLU C 745 8.91 11.79 11.71
N ASP C 746 8.00 10.90 12.12
CA ASP C 746 7.90 9.59 11.50
C ASP C 746 6.47 9.09 11.57
N HIS C 747 6.10 8.23 10.62
CA HIS C 747 4.76 7.67 10.55
C HIS C 747 4.77 6.14 10.55
N GLU C 748 5.85 5.52 11.01
CA GLU C 748 5.84 4.07 11.18
C GLU C 748 5.07 3.72 12.45
N ASP C 749 4.14 2.76 12.31
CA ASP C 749 3.20 2.35 13.36
C ASP C 749 2.39 3.54 13.88
N CYS C 750 1.86 4.32 12.94
CA CYS C 750 1.10 5.51 13.26
C CYS C 750 -0.36 5.32 12.89
N THR C 751 -1.25 5.94 13.67
CA THR C 751 -2.68 5.86 13.46
C THR C 751 -3.32 7.24 13.45
N CYS C 752 -2.59 8.24 12.97
CA CYS C 752 -3.14 9.58 12.86
C CYS C 752 -4.17 9.64 11.72
N ASP C 753 -4.89 10.77 11.67
CA ASP C 753 -5.98 10.92 10.71
C ASP C 753 -5.45 10.99 9.28
N MET C 754 -4.28 11.57 9.10
CA MET C 754 -3.63 11.61 7.79
C MET C 754 -3.25 10.21 7.32
N CYS C 755 -2.71 9.39 8.22
CA CYS C 755 -2.30 8.04 7.85
C CYS C 755 -3.52 7.12 7.71
N ILE C 756 -4.61 7.42 8.42
CA ILE C 756 -5.82 6.64 8.25
C ILE C 756 -6.47 6.92 6.92
N ILE C 757 -6.56 8.20 6.54
CA ILE C 757 -7.22 8.56 5.29
C ILE C 757 -6.35 8.20 4.09
N PHE C 758 -5.07 8.60 4.12
CA PHE C 758 -4.22 8.54 2.94
C PHE C 758 -3.23 7.39 2.96
N GLY C 759 -3.36 6.47 3.92
CA GLY C 759 -2.51 5.30 3.95
C GLY C 759 -1.13 5.57 4.51
N ASN C 760 -0.44 4.49 4.83
CA ASN C 760 0.91 4.55 5.37
C ASN C 760 1.64 3.30 4.92
N GLU C 761 2.72 2.97 5.63
CA GLU C 761 3.48 1.76 5.31
C GLU C 761 2.68 0.50 5.58
N HIS C 762 1.88 0.49 6.64
CA HIS C 762 1.21 -0.72 7.09
C HIS C 762 -0.19 -0.88 6.48
N GLU C 763 -0.79 0.18 5.94
CA GLU C 763 -2.15 0.12 5.45
C GLU C 763 -2.23 0.77 4.08
N SER C 764 -3.25 0.39 3.33
CA SER C 764 -3.52 1.02 2.05
C SER C 764 -4.38 2.25 2.25
N SER C 765 -4.38 3.14 1.26
CA SER C 765 -5.13 4.37 1.36
C SER C 765 -6.63 4.12 1.26
N LYS C 766 -7.39 4.88 2.03
CA LYS C 766 -8.84 4.81 1.98
C LYS C 766 -9.43 5.79 0.97
N ILE C 767 -8.59 6.45 0.18
CA ILE C 767 -9.05 7.39 -0.83
C ILE C 767 -8.15 7.25 -2.05
N ARG C 768 -8.74 7.25 -3.24
CA ARG C 768 -8.03 7.00 -4.48
C ARG C 768 -8.30 8.12 -5.47
N PHE C 769 -7.24 8.76 -5.95
CA PHE C 769 -7.34 9.98 -6.74
C PHE C 769 -7.10 9.69 -8.21
N GLU C 770 -7.71 10.49 -9.08
CA GLU C 770 -7.52 10.34 -10.51
C GLU C 770 -7.07 11.66 -11.11
N ASP C 771 -6.84 11.67 -12.42
CA ASP C 771 -6.27 12.82 -13.08
C ASP C 771 -7.28 13.95 -13.22
N LEU C 772 -6.75 15.17 -13.33
CA LEU C 772 -7.54 16.35 -13.65
C LEU C 772 -7.32 16.68 -15.11
N GLU C 773 -8.31 16.40 -15.94
CA GLU C 773 -8.18 16.54 -17.38
C GLU C 773 -8.82 17.86 -17.83
N LEU C 774 -8.13 18.57 -18.71
CA LEU C 774 -8.66 19.82 -19.25
C LEU C 774 -9.80 19.54 -20.21
N ILE C 775 -10.94 20.19 -19.99
CA ILE C 775 -12.14 19.89 -20.76
C ILE C 775 -12.57 21.02 -21.68
N ASN C 776 -12.09 22.24 -21.51
CA ASN C 776 -12.46 23.36 -22.38
C ASN C 776 -11.28 23.83 -23.21
N GLY C 777 -10.46 22.89 -23.67
CA GLY C 777 -9.33 23.25 -24.50
C GLY C 777 -9.68 23.55 -25.95
N ASN C 778 -10.92 23.29 -26.34
CA ASN C 778 -11.38 23.62 -27.68
C ASN C 778 -11.89 25.03 -27.81
N GLU C 779 -12.17 25.71 -26.69
CA GLU C 779 -12.66 27.08 -26.72
C GLU C 779 -11.55 28.11 -26.90
N PHE C 780 -10.29 27.69 -26.84
CA PHE C 780 -9.18 28.61 -26.91
C PHE C 780 -8.58 28.67 -28.30
N GLU C 781 -8.08 29.84 -28.65
CA GLU C 781 -7.14 30.00 -29.75
C GLU C 781 -5.78 30.29 -29.15
N LYS C 782 -4.75 29.54 -29.58
CA LYS C 782 -3.41 29.55 -29.00
C LYS C 782 -3.45 29.25 -27.50
N LEU C 783 -3.81 27.98 -27.22
CA LEU C 783 -3.98 27.49 -25.85
C LEU C 783 -2.72 27.65 -25.00
N GLU C 784 -1.56 27.50 -25.60
CA GLU C 784 -0.30 27.65 -24.87
C GLU C 784 0.30 29.03 -25.13
N LYS C 785 0.67 29.70 -24.05
CA LYS C 785 1.19 31.06 -24.09
C LYS C 785 2.68 31.03 -23.77
N HIS C 786 3.46 31.86 -24.44
CA HIS C 786 4.90 31.95 -24.19
C HIS C 786 5.19 33.15 -23.29
N ILE C 787 5.66 32.87 -22.08
CA ILE C 787 5.94 33.92 -21.10
C ILE C 787 7.40 33.81 -20.69
N ASP C 788 8.18 34.85 -20.92
CA ASP C 788 9.60 34.80 -20.63
C ASP C 788 9.98 35.71 -19.47
N HIS C 789 10.99 35.28 -18.72
CA HIS C 789 11.44 35.96 -17.52
C HIS C 789 12.95 36.12 -17.54
N VAL C 790 13.44 36.99 -16.67
CA VAL C 790 14.87 37.25 -16.52
C VAL C 790 15.12 37.72 -15.09
N ALA C 791 16.30 37.40 -14.57
CA ALA C 791 16.71 37.84 -13.25
C ALA C 791 17.55 39.11 -13.37
N ILE C 792 17.18 40.14 -12.62
CA ILE C 792 17.79 41.46 -12.72
C ILE C 792 18.81 41.64 -11.62
N ASP C 793 20.02 42.05 -12.00
CA ASP C 793 21.08 42.30 -11.04
C ASP C 793 20.74 43.51 -10.17
N ARG C 794 21.05 43.39 -8.89
CA ARG C 794 20.68 44.44 -7.94
C ARG C 794 21.59 45.66 -8.04
N PHE C 795 22.81 45.48 -8.53
CA PHE C 795 23.74 46.60 -8.63
C PHE C 795 23.70 47.25 -10.00
N THR C 796 23.86 46.47 -11.07
CA THR C 796 23.88 47.04 -12.41
C THR C 796 22.48 47.45 -12.87
N GLY C 797 21.45 46.82 -12.34
CA GLY C 797 20.11 47.12 -12.77
C GLY C 797 19.69 46.46 -14.06
N GLY C 798 20.57 45.69 -14.69
CA GLY C 798 20.27 45.00 -15.92
C GLY C 798 20.17 43.50 -15.73
N ALA C 799 20.07 42.80 -16.86
CA ALA C 799 19.90 41.36 -16.84
C ALA C 799 21.18 40.67 -16.40
N LEU C 800 21.02 39.66 -15.55
CA LEU C 800 22.15 38.85 -15.12
C LEU C 800 22.54 37.87 -16.21
N ASP C 801 23.82 37.51 -16.25
CA ASP C 801 24.29 36.54 -17.23
C ASP C 801 23.74 35.16 -16.92
N LYS C 802 23.44 34.42 -18.00
CA LYS C 802 22.77 33.09 -18.04
C LYS C 802 21.61 32.98 -17.05
N ALA C 803 20.79 34.02 -17.02
CA ALA C 803 19.64 34.07 -16.13
C ALA C 803 18.38 34.50 -16.88
N LYS C 804 18.26 34.10 -18.13
CA LYS C 804 17.07 34.37 -18.93
C LYS C 804 16.42 33.05 -19.28
N PHE C 805 15.08 33.01 -19.20
CA PHE C 805 14.39 31.76 -19.43
C PHE C 805 12.97 32.00 -19.91
N ASP C 806 12.32 30.92 -20.31
CA ASP C 806 10.98 30.95 -20.87
C ASP C 806 10.13 29.90 -20.18
N THR C 807 8.81 30.11 -20.25
CA THR C 807 7.82 29.13 -19.85
C THR C 807 6.74 29.07 -20.92
N TYR C 808 6.10 27.92 -21.03
CA TYR C 808 4.99 27.69 -21.95
C TYR C 808 3.77 27.14 -21.22
N PRO C 809 3.09 27.93 -20.39
CA PRO C 809 1.92 27.41 -19.69
C PRO C 809 0.68 27.47 -20.58
N LEU C 810 -0.43 27.00 -20.03
CA LEU C 810 -1.71 27.07 -20.70
C LEU C 810 -2.34 28.43 -20.43
N ALA C 811 -2.92 29.03 -21.46
CA ALA C 811 -3.42 30.40 -21.40
C ALA C 811 -4.67 30.45 -20.54
N GLY C 812 -4.51 30.87 -19.29
CA GLY C 812 -5.64 31.07 -18.40
C GLY C 812 -5.81 32.52 -18.03
N SER C 813 -7.01 33.04 -18.21
CA SER C 813 -7.34 34.43 -17.95
C SER C 813 -8.56 34.48 -17.04
N PRO C 814 -8.77 35.59 -16.32
CA PRO C 814 -9.96 35.68 -15.45
C PRO C 814 -11.28 35.67 -16.19
N LYS C 815 -11.33 36.17 -17.42
CA LYS C 815 -12.58 36.18 -18.17
C LYS C 815 -12.70 34.99 -19.12
N LYS C 816 -11.68 34.15 -19.21
CA LYS C 816 -11.73 32.90 -19.98
C LYS C 816 -10.89 31.86 -19.27
N PRO C 817 -11.41 31.25 -18.21
CA PRO C 817 -10.61 30.34 -17.39
C PRO C 817 -10.56 28.93 -17.95
N LEU C 818 -9.59 28.17 -17.45
CA LEU C 818 -9.45 26.76 -17.75
C LEU C 818 -10.31 25.94 -16.79
N LYS C 819 -10.82 24.82 -17.29
CA LYS C 819 -11.68 23.94 -16.52
C LYS C 819 -11.09 22.53 -16.52
N LEU C 820 -10.79 22.02 -15.32
CA LEU C 820 -10.23 20.69 -15.16
C LEU C 820 -11.21 19.82 -14.39
N LYS C 821 -11.59 18.69 -14.97
CA LYS C 821 -12.53 17.78 -14.35
C LYS C 821 -11.77 16.65 -13.66
N GLY C 822 -11.99 16.49 -12.35
CA GLY C 822 -11.28 15.50 -11.57
C GLY C 822 -12.24 14.67 -10.73
N ARG C 823 -11.68 13.60 -10.17
CA ARG C 823 -12.47 12.56 -9.53
C ARG C 823 -11.65 11.89 -8.43
N PHE C 824 -12.30 11.53 -7.33
CA PHE C 824 -11.68 10.63 -6.37
C PHE C 824 -12.72 9.70 -5.75
N TRP C 825 -12.25 8.55 -5.30
CA TRP C 825 -13.08 7.51 -4.73
C TRP C 825 -12.79 7.37 -3.24
N ILE C 826 -13.86 7.24 -2.45
CA ILE C 826 -13.79 7.15 -1.01
C ILE C 826 -14.34 5.80 -0.58
N LYS C 827 -13.58 5.07 0.23
CA LYS C 827 -14.00 3.76 0.72
C LYS C 827 -15.04 3.92 1.82
N LYS C 828 -15.91 2.93 1.94
CA LYS C 828 -16.91 2.94 3.00
C LYS C 828 -16.27 2.70 4.35
N GLY C 829 -16.77 3.39 5.36
CA GLY C 829 -16.20 3.31 6.68
C GLY C 829 -15.69 4.65 7.15
N PHE C 830 -15.79 5.65 6.29
CA PHE C 830 -15.37 6.99 6.64
C PHE C 830 -16.28 7.59 7.69
N SER C 831 -15.68 8.10 8.76
CA SER C 831 -16.44 8.72 9.82
C SER C 831 -16.83 10.15 9.44
N GLY C 832 -17.56 10.81 10.33
CA GLY C 832 -17.96 12.19 10.06
C GLY C 832 -16.79 13.15 10.15
N ASP C 833 -15.83 12.85 11.02
CA ASP C 833 -14.66 13.71 11.16
C ASP C 833 -13.78 13.66 9.92
N HIS C 834 -13.63 12.47 9.32
CA HIS C 834 -12.77 12.35 8.15
C HIS C 834 -13.44 12.93 6.90
N LYS C 835 -14.76 12.75 6.77
CA LYS C 835 -15.48 13.43 5.70
C LYS C 835 -15.45 14.94 5.86
N LEU C 836 -15.50 15.41 7.12
CA LEU C 836 -15.35 16.83 7.40
C LEU C 836 -13.95 17.31 7.01
N LEU C 837 -12.94 16.47 7.21
CA LEU C 837 -11.57 16.82 6.84
C LEU C 837 -11.41 16.93 5.33
N ILE C 838 -12.01 15.99 4.58
CA ILE C 838 -11.88 16.02 3.13
C ILE C 838 -12.65 17.20 2.53
N THR C 839 -13.83 17.50 3.10
CA THR C 839 -14.58 18.66 2.61
C THR C 839 -13.90 19.97 3.00
N THR C 840 -13.20 20.00 4.14
CA THR C 840 -12.43 21.18 4.51
C THR C 840 -11.24 21.37 3.58
N ALA C 841 -10.60 20.27 3.17
CA ALA C 841 -9.51 20.37 2.19
C ALA C 841 -10.03 20.84 0.83
N LEU C 842 -11.22 20.39 0.44
CA LEU C 842 -11.81 20.85 -0.81
C LEU C 842 -12.18 22.34 -0.74
N SER C 843 -12.63 22.79 0.43
CA SER C 843 -12.92 24.21 0.61
C SER C 843 -11.65 25.04 0.59
N ASP C 844 -10.55 24.50 1.12
CA ASP C 844 -9.28 25.20 1.05
C ASP C 844 -8.75 25.28 -0.38
N ILE C 845 -9.01 24.25 -1.19
CA ILE C 845 -8.62 24.29 -2.59
C ILE C 845 -9.48 25.30 -3.35
N ARG C 846 -10.77 25.36 -3.04
CA ARG C 846 -11.65 26.34 -3.67
C ARG C 846 -11.28 27.77 -3.27
N ASP C 847 -10.88 27.98 -2.01
CA ASP C 847 -10.55 29.32 -1.54
C ASP C 847 -9.22 29.83 -2.06
N GLY C 848 -8.42 29.01 -2.70
CA GLY C 848 -7.19 29.47 -3.31
C GLY C 848 -5.95 29.34 -2.47
N LEU C 849 -5.96 28.47 -1.46
CA LEU C 849 -4.78 28.33 -0.61
C LEU C 849 -3.69 27.48 -1.25
N TYR C 850 -4.06 26.58 -2.17
CA TYR C 850 -3.13 25.62 -2.76
C TYR C 850 -3.17 25.75 -4.28
N PRO C 851 -2.26 26.53 -4.86
CA PRO C 851 -2.22 26.63 -6.32
C PRO C 851 -1.66 25.38 -6.96
N LEU C 852 -2.09 25.12 -8.19
CA LEU C 852 -1.69 23.94 -8.92
C LEU C 852 -0.45 24.21 -9.74
N GLY C 853 0.35 23.17 -9.93
CA GLY C 853 1.50 23.26 -10.80
C GLY C 853 2.69 23.97 -10.17
N SER C 854 3.52 24.52 -11.04
CA SER C 854 4.74 25.20 -10.63
C SER C 854 4.56 26.71 -10.75
N LYS C 855 5.54 27.43 -10.17
CA LYS C 855 5.62 28.89 -10.19
C LYS C 855 4.38 29.55 -9.60
N GLY C 856 3.84 28.96 -8.54
CA GLY C 856 2.64 29.49 -7.91
C GLY C 856 2.85 30.80 -7.19
N GLY C 857 4.09 31.12 -6.83
CA GLY C 857 4.37 32.38 -6.17
C GLY C 857 4.38 33.58 -7.07
N VAL C 858 4.41 33.39 -8.39
CA VAL C 858 4.34 34.49 -9.33
C VAL C 858 3.02 34.48 -10.11
N GLY C 859 2.03 33.76 -9.60
CA GLY C 859 0.69 33.83 -10.14
C GLY C 859 0.27 32.71 -11.06
N TYR C 860 0.98 31.59 -11.06
CA TYR C 860 0.65 30.48 -11.94
C TYR C 860 -0.25 29.49 -11.21
N GLY C 861 -1.28 29.03 -11.90
CA GLY C 861 -2.11 27.94 -11.38
C GLY C 861 -2.99 28.32 -10.21
N TRP C 862 -3.51 29.54 -10.19
CA TRP C 862 -4.35 29.99 -9.09
C TRP C 862 -5.80 29.60 -9.33
N VAL C 863 -6.40 28.89 -8.36
CA VAL C 863 -7.76 28.38 -8.51
C VAL C 863 -8.75 29.51 -8.32
N ALA C 864 -9.61 29.71 -9.32
CA ALA C 864 -10.63 30.74 -9.27
C ALA C 864 -11.97 30.22 -8.76
N GLY C 865 -12.25 28.94 -8.90
CA GLY C 865 -13.50 28.42 -8.38
C GLY C 865 -13.56 26.91 -8.47
N ILE C 866 -14.66 26.35 -7.99
CA ILE C 866 -14.90 24.91 -8.07
C ILE C 866 -16.37 24.67 -8.29
N SER C 867 -16.69 23.54 -8.91
CA SER C 867 -18.06 23.11 -9.13
C SER C 867 -18.19 21.64 -8.75
N ILE C 868 -19.34 21.30 -8.17
CA ILE C 868 -19.61 19.97 -7.65
C ILE C 868 -20.78 19.38 -8.44
N ASP C 869 -20.59 18.19 -8.98
CA ASP C 869 -21.61 17.56 -9.80
C ASP C 869 -22.76 17.05 -8.95
N ASP C 870 -23.85 16.67 -9.62
CA ASP C 870 -25.08 16.26 -8.96
C ASP C 870 -25.06 14.80 -8.51
N ASN C 871 -24.08 14.00 -8.94
CA ASN C 871 -23.97 12.62 -8.51
C ASN C 871 -23.19 12.45 -7.22
N VAL C 872 -22.67 13.54 -6.66
CA VAL C 872 -21.99 13.52 -5.35
C VAL C 872 -23.02 13.23 -4.27
N PRO C 873 -22.70 12.40 -3.26
CA PRO C 873 -23.66 12.10 -2.19
C PRO C 873 -24.08 13.32 -1.39
N ASP C 874 -25.17 13.13 -0.63
CA ASP C 874 -25.89 14.26 -0.03
C ASP C 874 -25.12 14.87 1.13
N ASP C 875 -24.45 14.03 1.93
CA ASP C 875 -23.72 14.55 3.09
C ASP C 875 -22.49 15.34 2.68
N PHE C 876 -21.74 14.82 1.70
CA PHE C 876 -20.60 15.53 1.14
C PHE C 876 -21.03 16.84 0.50
N LYS C 877 -22.15 16.81 -0.23
CA LYS C 877 -22.69 18.01 -0.85
C LYS C 877 -23.12 19.03 0.20
N GLU C 878 -23.68 18.56 1.31
CA GLU C 878 -24.15 19.47 2.35
C GLU C 878 -22.98 20.12 3.08
N MET C 879 -21.92 19.35 3.38
CA MET C 879 -20.73 19.92 4.01
C MET C 879 -20.02 20.89 3.07
N ILE C 880 -19.99 20.60 1.78
CA ILE C 880 -19.29 21.50 0.86
C ILE C 880 -20.15 22.72 0.53
N ASN C 881 -21.47 22.60 0.62
CA ASN C 881 -22.35 23.71 0.29
C ASN C 881 -22.54 24.65 1.48
N LYS C 882 -22.47 24.12 2.70
CA LYS C 882 -22.66 24.97 3.87
C LYS C 882 -21.44 25.86 4.11
N THR C 883 -20.29 25.48 3.58
CA THR C 883 -19.07 26.29 3.72
C THR C 883 -19.02 27.39 2.66
N GLY C 897 -12.23 51.72 4.16
CA GLY C 897 -12.73 51.72 2.80
C GLY C 897 -11.72 52.19 1.75
N PRO C 898 -11.49 53.50 1.70
CA PRO C 898 -10.55 54.04 0.69
C PRO C 898 -9.08 53.91 1.05
N ILE C 899 -8.71 52.94 1.90
CA ILE C 899 -7.59 52.95 2.87
C ILE C 899 -6.30 53.58 2.36
N ASN C 900 -5.82 54.58 3.10
CA ASN C 900 -4.67 55.37 2.74
C ASN C 900 -3.57 55.25 3.78
N ASN C 901 -2.41 55.85 3.48
CA ASN C 901 -1.30 55.85 4.42
C ASN C 901 -0.99 57.21 5.00
N ASP C 902 -1.43 58.28 4.38
CA ASP C 902 -1.30 59.57 5.02
C ASP C 902 0.03 59.84 5.62
N TYR C 903 1.07 59.64 4.87
CA TYR C 903 2.42 60.03 5.30
C TYR C 903 3.07 60.78 4.16
N VAL C 904 3.53 62.00 4.44
CA VAL C 904 4.11 62.88 3.44
C VAL C 904 5.59 62.96 3.69
N HIS C 905 6.37 62.69 2.66
CA HIS C 905 7.82 62.70 2.78
C HIS C 905 8.34 64.05 2.34
N PRO C 906 9.23 64.68 3.09
CA PRO C 906 9.88 65.92 2.64
C PRO C 906 10.92 65.59 1.59
N GLY C 907 10.63 65.95 0.34
CA GLY C 907 11.54 65.65 -0.75
C GLY C 907 12.81 66.48 -0.71
N HIS C 908 13.68 66.20 -1.67
CA HIS C 908 14.95 66.93 -1.76
C HIS C 908 14.68 68.37 -2.19
N GLN C 909 14.87 69.31 -1.26
CA GLN C 909 14.49 70.70 -1.50
C GLN C 909 15.58 71.49 -2.20
N SER C 910 16.84 71.11 -2.02
CA SER C 910 17.95 71.86 -2.61
C SER C 910 18.02 71.79 -4.14
N PRO C 911 17.81 70.65 -4.83
CA PRO C 911 17.90 70.71 -6.30
C PRO C 911 16.72 71.36 -6.99
N LYS C 912 15.48 71.07 -6.58
CA LYS C 912 14.33 71.46 -7.38
C LYS C 912 13.54 72.62 -6.80
N GLN C 913 13.35 72.66 -5.48
CA GLN C 913 12.54 73.72 -4.91
C GLN C 913 13.29 75.03 -4.77
N ASP C 914 14.59 75.06 -5.07
CA ASP C 914 15.34 76.31 -5.17
C ASP C 914 15.41 76.81 -6.61
N HIS C 915 15.94 75.99 -7.51
CA HIS C 915 16.01 76.32 -8.93
C HIS C 915 15.03 75.42 -9.68
N LYS C 916 14.17 76.04 -10.49
CA LYS C 916 12.99 75.33 -10.99
C LYS C 916 13.33 74.32 -12.09
N ASN C 917 13.86 74.79 -13.22
CA ASN C 917 14.03 73.96 -14.41
C ASN C 917 15.34 74.27 -15.12
N LYS C 918 16.42 74.42 -14.35
CA LYS C 918 17.74 74.67 -14.92
C LYS C 918 18.76 73.64 -14.46
N ASN C 919 18.32 72.50 -13.98
CA ASN C 919 19.23 71.47 -13.48
C ASN C 919 18.99 70.16 -14.21
N ILE C 920 20.06 69.41 -14.39
CA ILE C 920 20.03 68.11 -15.06
C ILE C 920 20.52 67.06 -14.08
N TYR C 921 19.67 66.07 -13.82
CA TYR C 921 19.96 65.02 -12.85
C TYR C 921 20.25 63.71 -13.57
N TYR C 922 21.11 62.90 -12.97
CA TYR C 922 21.40 61.59 -13.53
C TYR C 922 20.20 60.67 -13.34
N PRO C 923 19.92 59.78 -14.30
CA PRO C 923 18.68 59.00 -14.22
C PRO C 923 18.70 57.88 -13.19
N HIS C 924 19.87 57.35 -12.85
CA HIS C 924 19.94 56.33 -11.81
C HIS C 924 20.90 56.77 -10.73
N TYR C 925 20.54 56.47 -9.49
CA TYR C 925 21.39 56.70 -8.34
C TYR C 925 21.56 55.40 -7.58
N PHE C 926 22.54 55.40 -6.67
CA PHE C 926 22.87 54.21 -5.90
C PHE C 926 22.53 54.41 -4.43
N LEU C 927 22.05 53.35 -3.81
CA LEU C 927 21.72 53.32 -2.38
C LEU C 927 22.79 52.49 -1.69
N ASP C 928 23.41 53.07 -0.67
CA ASP C 928 24.40 52.41 0.15
C ASP C 928 23.86 52.21 1.56
N SER C 929 23.92 50.98 2.05
CA SER C 929 23.48 50.64 3.39
C SER C 929 24.69 50.30 4.27
N GLY C 930 24.40 49.97 5.53
CA GLY C 930 25.46 49.81 6.52
C GLY C 930 26.28 48.55 6.39
N SER C 931 25.94 47.68 5.44
CA SER C 931 26.58 46.38 5.17
C SER C 931 26.53 45.44 6.37
N LYS C 932 25.54 45.60 7.25
CA LYS C 932 25.31 44.69 8.36
C LYS C 932 23.90 44.14 8.23
N VAL C 933 23.79 42.86 7.91
CA VAL C 933 22.51 42.21 7.67
C VAL C 933 22.21 41.26 8.84
N TYR C 934 20.94 41.07 9.11
CA TYR C 934 20.49 40.23 10.22
C TYR C 934 19.93 38.93 9.67
N ARG C 935 20.55 37.82 10.02
CA ARG C 935 20.14 36.50 9.55
C ARG C 935 19.51 35.72 10.69
N GLU C 936 18.35 35.15 10.42
CA GLU C 936 17.58 34.41 11.42
C GLU C 936 17.66 32.93 11.14
N LYS C 937 18.12 32.16 12.12
CA LYS C 937 18.27 30.72 11.96
C LYS C 937 17.03 29.95 12.36
N ASP C 938 16.13 30.55 13.14
CA ASP C 938 14.87 29.92 13.49
C ASP C 938 13.88 30.22 12.35
N ILE C 939 13.95 29.40 11.31
CA ILE C 939 13.20 29.65 10.09
C ILE C 939 11.78 29.15 10.28
N ILE C 940 10.80 29.99 9.90
CA ILE C 940 9.39 29.62 10.00
C ILE C 940 9.08 28.53 8.98
N THR C 941 8.51 27.43 9.45
CA THR C 941 8.27 26.26 8.63
C THR C 941 6.85 26.24 8.11
N HIS C 942 6.66 25.52 7.00
CA HIS C 942 5.39 25.45 6.31
C HIS C 942 4.53 24.27 6.74
N GLU C 943 4.93 23.53 7.78
CA GLU C 943 4.24 22.28 8.09
C GLU C 943 2.89 22.51 8.75
N GLU C 944 2.65 23.70 9.29
CA GLU C 944 1.38 23.98 9.94
C GLU C 944 1.06 25.46 9.85
N PHE C 945 -0.21 25.79 10.08
CA PHE C 945 -0.66 27.16 10.26
C PHE C 945 -0.53 27.49 11.74
N THR C 946 0.52 28.23 12.09
CA THR C 946 0.75 28.58 13.49
C THR C 946 -0.26 29.63 13.96
N GLU C 947 -0.60 29.56 15.24
CA GLU C 947 -1.72 30.34 15.76
C GLU C 947 -1.33 31.80 15.97
N GLU C 948 -0.07 32.07 16.33
CA GLU C 948 0.35 33.45 16.56
C GLU C 948 0.52 34.21 15.26
N LEU C 949 0.81 33.50 14.17
CA LEU C 949 1.16 34.13 12.91
C LEU C 949 -0.10 34.37 12.06
N LEU C 950 0.05 35.22 11.04
CA LEU C 950 -1.08 35.70 10.26
C LEU C 950 -1.06 35.14 8.85
N SER C 951 -2.25 34.90 8.30
CA SER C 951 -2.43 34.37 6.96
C SER C 951 -3.69 34.95 6.33
N GLY C 952 -3.65 35.18 5.03
CA GLY C 952 -4.78 35.76 4.34
C GLY C 952 -4.36 36.37 3.01
N LYS C 953 -5.10 37.39 2.59
CA LYS C 953 -4.87 38.03 1.31
C LYS C 953 -4.98 39.55 1.39
N ILE C 954 -4.26 40.22 0.50
CA ILE C 954 -4.32 41.67 0.33
C ILE C 954 -4.82 41.95 -1.07
N ASN C 955 -5.95 42.63 -1.18
CA ASN C 955 -6.48 43.08 -2.46
C ASN C 955 -6.05 44.52 -2.69
N CYS C 956 -5.32 44.76 -3.78
CA CYS C 956 -4.68 46.03 -4.04
C CYS C 956 -4.98 46.49 -5.45
N LYS C 957 -4.90 47.80 -5.64
CA LYS C 957 -5.13 48.45 -6.92
C LYS C 957 -3.93 49.32 -7.26
N LEU C 958 -3.59 49.35 -8.55
CA LEU C 958 -2.38 49.98 -9.05
C LEU C 958 -2.75 51.04 -10.07
N GLU C 959 -2.28 52.26 -9.86
CA GLU C 959 -2.57 53.37 -10.76
C GLU C 959 -1.29 53.88 -11.38
N THR C 960 -1.33 54.13 -12.69
CA THR C 960 -0.17 54.54 -13.44
C THR C 960 -0.06 56.07 -13.42
N LEU C 961 1.02 56.58 -12.83
CA LEU C 961 1.24 58.02 -12.83
C LEU C 961 1.82 58.48 -14.16
N THR C 962 2.59 57.61 -14.80
CA THR C 962 3.29 57.86 -16.05
C THR C 962 2.90 56.73 -16.99
N PRO C 963 3.09 56.88 -18.31
CA PRO C 963 2.90 55.75 -19.21
C PRO C 963 3.71 54.50 -18.88
N LEU C 964 3.09 53.35 -19.11
CA LEU C 964 3.57 52.05 -18.67
C LEU C 964 3.88 51.19 -19.90
N ILE C 965 5.01 50.51 -19.88
CA ILE C 965 5.43 49.62 -20.97
C ILE C 965 5.67 48.24 -20.38
N ILE C 966 4.72 47.33 -20.56
CA ILE C 966 4.93 45.91 -20.30
C ILE C 966 4.80 45.17 -21.63
N PRO C 967 5.88 44.69 -22.23
CA PRO C 967 5.80 44.15 -23.59
C PRO C 967 5.47 42.67 -23.64
N ASP C 968 4.69 42.28 -24.65
CA ASP C 968 4.39 40.87 -24.91
C ASP C 968 5.45 40.31 -25.84
N THR C 969 6.40 39.55 -25.30
CA THR C 969 7.50 39.03 -26.09
C THR C 969 7.18 37.68 -26.71
N SER C 970 5.93 37.23 -26.62
CA SER C 970 5.53 36.01 -27.32
C SER C 970 5.56 36.23 -28.83
N ASP C 971 5.19 37.43 -29.27
CA ASP C 971 5.19 37.79 -30.68
C ASP C 971 6.23 38.87 -30.91
N GLU C 972 7.32 38.51 -31.59
CA GLU C 972 8.39 39.44 -31.92
C GLU C 972 8.00 40.38 -33.06
N ASN C 973 7.00 40.01 -33.85
CA ASN C 973 6.46 40.88 -34.88
C ASN C 973 5.33 41.75 -34.38
N GLY C 974 4.62 41.31 -33.35
CA GLY C 974 3.63 42.10 -32.64
C GLY C 974 2.52 42.68 -33.49
N LEU C 975 2.50 44.02 -33.60
CA LEU C 975 1.52 44.68 -34.44
C LEU C 975 1.74 44.36 -35.90
N LYS C 976 2.82 44.89 -36.47
CA LYS C 976 3.19 44.89 -37.88
C LYS C 976 4.64 45.31 -37.96
N LEU C 977 5.02 45.94 -39.07
CA LEU C 977 6.14 46.87 -39.27
C LEU C 977 7.48 46.18 -39.54
N GLN C 978 7.54 44.85 -39.63
CA GLN C 978 8.78 44.23 -40.12
C GLN C 978 8.74 43.99 -41.62
N GLY C 979 7.57 44.14 -42.26
CA GLY C 979 7.54 44.11 -43.71
C GLY C 979 8.22 45.33 -44.31
N ASN C 980 8.13 46.47 -43.64
CA ASN C 980 8.76 47.69 -44.15
C ASN C 980 10.27 47.65 -43.97
N LYS C 981 10.74 47.08 -42.86
CA LYS C 981 12.17 47.11 -42.55
C LYS C 981 12.54 45.86 -41.77
N PRO C 982 13.70 45.28 -42.03
CA PRO C 982 14.08 44.05 -41.32
C PRO C 982 14.88 44.31 -40.05
N GLY C 983 14.57 43.55 -39.00
CA GLY C 983 15.29 43.67 -37.75
C GLY C 983 14.68 44.61 -36.73
N HIS C 984 13.53 45.22 -37.03
CA HIS C 984 12.89 46.15 -36.12
C HIS C 984 11.98 45.38 -35.19
N LYS C 985 12.33 45.34 -33.91
CA LYS C 985 11.57 44.62 -32.91
C LYS C 985 10.41 45.48 -32.43
N ASN C 986 9.20 44.98 -32.61
CA ASN C 986 8.00 45.67 -32.14
C ASN C 986 7.09 44.69 -31.43
N TYR C 987 6.33 45.22 -30.48
CA TYR C 987 5.60 44.42 -29.50
C TYR C 987 4.21 44.98 -29.29
N LYS C 988 3.37 44.15 -28.67
CA LYS C 988 2.10 44.58 -28.10
C LYS C 988 2.22 44.55 -26.59
N PHE C 989 1.20 45.07 -25.91
CA PHE C 989 1.13 44.96 -24.47
C PHE C 989 0.91 43.51 -24.06
N PHE C 990 1.33 43.18 -22.84
CA PHE C 990 1.16 41.82 -22.34
C PHE C 990 -0.31 41.52 -22.13
N ASN C 991 -0.77 40.45 -22.78
CA ASN C 991 -2.18 40.10 -22.72
C ASN C 991 -2.33 38.59 -22.86
N ILE C 992 -3.28 38.04 -22.12
CA ILE C 992 -3.68 36.65 -22.25
C ILE C 992 -5.13 36.65 -22.71
N ASN C 993 -5.38 36.07 -23.89
CA ASN C 993 -6.69 35.97 -24.53
C ASN C 993 -7.32 37.33 -24.77
N GLY C 994 -6.50 38.33 -25.09
CA GLY C 994 -6.98 39.66 -25.39
C GLY C 994 -7.20 40.56 -24.19
N GLU C 995 -7.03 40.05 -22.97
CA GLU C 995 -7.22 40.83 -21.77
C GLU C 995 -5.88 41.30 -21.27
N LEU C 996 -5.73 42.62 -21.12
CA LEU C 996 -4.46 43.22 -20.73
C LEU C 996 -4.08 42.82 -19.31
N MET C 997 -2.83 42.43 -19.12
CA MET C 997 -2.38 41.92 -17.83
C MET C 997 -0.94 42.34 -17.58
N ILE C 998 -0.59 42.39 -16.31
CA ILE C 998 0.79 42.53 -15.85
C ILE C 998 1.21 41.19 -15.24
N PRO C 999 2.39 40.66 -15.56
CA PRO C 999 2.82 39.41 -14.94
C PRO C 999 3.08 39.58 -13.46
N GLY C 1000 2.76 38.54 -12.69
CA GLY C 1000 2.98 38.58 -11.26
C GLY C 1000 4.45 38.53 -10.88
N SER C 1001 5.30 38.02 -11.77
CA SER C 1001 6.74 37.98 -11.51
C SER C 1001 7.33 39.38 -11.51
N GLU C 1002 6.78 40.28 -12.34
CA GLU C 1002 7.23 41.67 -12.37
C GLU C 1002 6.91 42.38 -11.05
N LEU C 1003 5.69 42.22 -10.57
CA LEU C 1003 5.30 42.83 -9.31
C LEU C 1003 6.04 42.21 -8.13
N ARG C 1004 6.30 40.90 -8.19
CA ARG C 1004 7.06 40.24 -7.14
C ARG C 1004 8.50 40.73 -7.10
N GLY C 1005 9.14 40.87 -8.28
CA GLY C 1005 10.49 41.37 -8.30
C GLY C 1005 10.60 42.82 -7.89
N MET C 1006 9.60 43.63 -8.25
CA MET C 1006 9.59 45.03 -7.84
C MET C 1006 9.40 45.18 -6.33
N LEU C 1007 8.46 44.41 -5.76
CA LEU C 1007 8.26 44.46 -4.31
C LEU C 1007 9.45 43.88 -3.56
N ARG C 1008 10.13 42.87 -4.14
CA ARG C 1008 11.30 42.32 -3.49
C ARG C 1008 12.48 43.29 -3.54
N THR C 1009 12.64 44.00 -4.65
CA THR C 1009 13.71 44.98 -4.77
C THR C 1009 13.44 46.19 -3.87
N HIS C 1010 12.17 46.48 -3.59
CA HIS C 1010 11.87 47.51 -2.59
C HIS C 1010 12.09 46.98 -1.18
N PHE C 1011 11.70 45.73 -0.91
CA PHE C 1011 11.71 45.19 0.43
C PHE C 1011 13.13 44.93 0.92
N GLU C 1012 14.01 44.46 0.05
CA GLU C 1012 15.38 44.22 0.45
C GLU C 1012 16.14 45.52 0.68
N ALA C 1013 15.79 46.57 -0.06
CA ALA C 1013 16.38 47.87 0.19
C ALA C 1013 15.85 48.48 1.48
N LEU C 1014 14.57 48.25 1.78
CA LEU C 1014 13.99 48.80 3.01
C LEU C 1014 14.48 48.06 4.23
N THR C 1015 14.71 46.76 4.11
CA THR C 1015 14.96 45.90 5.26
C THR C 1015 16.44 45.57 5.43
N LYS C 1016 17.30 46.16 4.61
CA LYS C 1016 18.75 45.96 4.59
C LYS C 1016 19.11 44.49 4.47
N SER C 1017 18.67 43.91 3.36
CA SER C 1017 18.91 42.51 3.06
C SER C 1017 20.12 42.37 2.13
N CYS C 1018 20.57 41.14 1.96
CA CYS C 1018 21.65 40.86 1.05
C CYS C 1018 21.19 41.01 -0.39
N PHE C 1019 22.16 41.17 -1.30
CA PHE C 1019 21.87 41.27 -2.72
C PHE C 1019 21.46 39.88 -3.21
N ALA C 1020 20.18 39.70 -3.52
CA ALA C 1020 19.69 38.36 -3.83
C ALA C 1020 20.16 37.88 -5.19
N ILE C 1021 20.09 38.74 -6.19
CA ILE C 1021 20.53 38.42 -7.54
C ILE C 1021 21.77 39.27 -7.83
N PHE C 1022 22.93 38.63 -7.87
CA PHE C 1022 24.18 39.33 -8.04
C PHE C 1022 25.13 38.45 -8.85
N GLY C 1023 25.88 39.07 -9.76
CA GLY C 1023 26.79 38.34 -10.61
C GLY C 1023 28.24 38.67 -10.36
N GLU C 1024 29.05 37.65 -10.12
CA GLU C 1024 30.49 37.78 -9.92
C GLU C 1024 31.17 37.52 -11.26
N ASP C 1025 31.68 38.58 -11.90
CA ASP C 1025 32.16 38.49 -13.26
C ASP C 1025 33.39 39.39 -13.43
N SER C 1026 33.66 39.73 -14.70
CA SER C 1026 34.95 40.20 -15.28
C SER C 1026 35.64 41.26 -14.43
N THR C 1027 35.08 42.44 -14.25
CA THR C 1027 35.81 43.49 -13.53
C THR C 1027 34.85 44.44 -12.81
N LYS C 1393 40.56 41.59 -10.32
CA LYS C 1393 39.68 40.71 -9.57
C LYS C 1393 38.26 40.74 -10.12
N THR C 1394 37.28 40.40 -9.27
CA THR C 1394 35.89 40.28 -9.68
C THR C 1394 35.04 41.19 -8.79
N LEU C 1395 33.76 41.32 -9.18
CA LEU C 1395 32.83 42.12 -8.37
C LEU C 1395 32.51 41.45 -7.05
N GLY C 1396 32.67 40.12 -6.96
CA GLY C 1396 32.41 39.43 -5.71
C GLY C 1396 33.43 39.77 -4.64
N GLY C 1397 34.66 40.09 -5.03
CA GLY C 1397 35.68 40.44 -4.06
C GLY C 1397 35.46 41.80 -3.45
N LYS C 1398 35.00 42.77 -4.27
CA LYS C 1398 34.76 44.11 -3.76
C LYS C 1398 33.50 44.15 -2.89
N LEU C 1399 32.54 43.28 -3.16
CA LEU C 1399 31.34 43.21 -2.34
C LEU C 1399 31.66 42.55 -1.01
N ASP C 1400 30.96 42.98 0.05
CA ASP C 1400 31.17 42.44 1.38
C ASP C 1400 30.63 41.02 1.48
N LYS C 1401 31.13 40.30 2.49
CA LYS C 1401 30.68 38.93 2.71
C LYS C 1401 29.25 38.88 3.23
N ALA C 1402 28.83 39.93 3.96
CA ALA C 1402 27.49 39.93 4.53
C ALA C 1402 26.43 40.16 3.47
N LEU C 1403 26.76 40.92 2.42
CA LEU C 1403 25.80 41.22 1.37
C LEU C 1403 25.76 40.14 0.30
N HIS C 1404 26.54 39.07 0.44
CA HIS C 1404 26.52 37.97 -0.51
C HIS C 1404 25.19 37.23 -0.42
N PRO C 1405 24.75 36.59 -1.51
CA PRO C 1405 23.47 35.86 -1.49
C PRO C 1405 23.49 34.70 -0.51
N CYS C 1406 22.38 34.53 0.20
CA CYS C 1406 22.26 33.50 1.21
C CYS C 1406 22.19 32.12 0.56
N THR C 1407 23.20 31.30 0.84
CA THR C 1407 23.27 29.93 0.32
C THR C 1407 23.25 28.99 1.51
N GLY C 1408 22.12 28.34 1.73
CA GLY C 1408 22.02 27.36 2.79
C GLY C 1408 21.30 27.92 4.02
N LEU C 1409 20.69 27.02 4.76
CA LEU C 1409 19.96 27.38 5.99
C LEU C 1409 20.83 27.31 7.23
N SER C 1410 22.12 26.99 7.09
CA SER C 1410 22.98 26.89 8.26
C SER C 1410 23.33 28.27 8.81
N ASP C 1411 23.64 29.21 7.93
CA ASP C 1411 24.00 30.57 8.35
C ASP C 1411 22.80 31.50 8.46
N GLY C 1412 21.59 30.99 8.25
CA GLY C 1412 20.40 31.80 8.41
C GLY C 1412 19.95 32.45 7.12
N LEU C 1413 18.84 33.17 7.22
CA LEU C 1413 18.26 33.87 6.09
C LEU C 1413 18.01 35.33 6.45
N CYS C 1414 18.32 36.21 5.51
CA CYS C 1414 18.02 37.63 5.63
C CYS C 1414 16.51 37.82 5.48
N PRO C 1415 15.96 38.96 5.94
CA PRO C 1415 14.48 39.12 5.89
C PRO C 1415 13.86 39.08 4.51
N GLY C 1416 14.56 39.60 3.50
CA GLY C 1416 14.08 39.45 2.13
C GLY C 1416 14.07 38.01 1.68
N CYS C 1417 15.09 37.25 2.05
CA CYS C 1417 15.13 35.83 1.69
C CYS C 1417 14.25 35.00 2.61
N HIS C 1418 13.97 35.51 3.82
CA HIS C 1418 13.03 34.82 4.70
C HIS C 1418 11.60 34.96 4.19
N LEU C 1419 11.26 36.13 3.66
CA LEU C 1419 9.90 36.37 3.20
C LEU C 1419 9.69 35.87 1.78
N PHE C 1420 10.62 36.16 0.86
CA PHE C 1420 10.44 35.83 -0.54
C PHE C 1420 11.09 34.52 -0.94
N GLY C 1421 11.82 33.87 -0.04
CA GLY C 1421 12.31 32.52 -0.26
C GLY C 1421 13.67 32.45 -0.91
N THR C 1422 14.21 31.22 -0.91
CA THR C 1422 15.48 30.90 -1.56
C THR C 1422 15.30 29.58 -2.31
N THR C 1423 16.43 28.99 -2.69
CA THR C 1423 16.40 27.68 -3.35
C THR C 1423 15.92 26.58 -2.39
N ASP C 1424 16.44 26.58 -1.17
CA ASP C 1424 16.10 25.56 -0.20
C ASP C 1424 15.07 26.01 0.82
N TYR C 1425 14.33 27.08 0.51
CA TYR C 1425 13.24 27.52 1.37
C TYR C 1425 12.21 28.26 0.52
N LYS C 1426 10.96 27.82 0.57
CA LYS C 1426 9.91 28.45 -0.23
C LYS C 1426 9.49 29.78 0.40
N GLY C 1427 9.11 30.72 -0.46
CA GLY C 1427 8.65 32.00 0.01
C GLY C 1427 7.25 31.95 0.59
N ARG C 1428 6.93 32.95 1.40
CA ARG C 1428 5.66 33.01 2.09
C ARG C 1428 4.71 34.06 1.55
N VAL C 1429 5.04 34.69 0.42
CA VAL C 1429 4.16 35.64 -0.23
C VAL C 1429 4.03 35.26 -1.70
N LYS C 1430 2.80 35.28 -2.21
CA LYS C 1430 2.50 34.90 -3.58
C LYS C 1430 1.78 36.05 -4.28
N PHE C 1431 2.26 36.43 -5.45
CA PHE C 1431 1.80 37.61 -6.17
C PHE C 1431 1.01 37.20 -7.39
N GLY C 1432 -0.22 37.68 -7.50
CA GLY C 1432 -1.06 37.30 -8.61
C GLY C 1432 -0.91 38.22 -9.81
N PHE C 1433 -1.46 37.75 -10.93
CA PHE C 1433 -1.50 38.57 -12.15
C PHE C 1433 -2.45 39.75 -11.95
N ALA C 1434 -2.00 40.92 -12.36
CA ALA C 1434 -2.85 42.11 -12.30
C ALA C 1434 -3.71 42.20 -13.56
N LYS C 1435 -4.92 42.72 -13.41
CA LYS C 1435 -5.83 42.86 -14.53
C LYS C 1435 -6.28 44.30 -14.67
N TYR C 1436 -6.40 44.75 -15.93
CA TYR C 1436 -6.84 46.11 -16.22
C TYR C 1436 -8.32 46.26 -15.91
N GLU C 1437 -8.68 47.37 -15.27
CA GLU C 1437 -10.07 47.64 -14.92
C GLU C 1437 -10.64 48.88 -15.60
N ASN C 1438 -10.04 50.05 -15.39
CA ASN C 1438 -10.66 51.31 -15.79
C ASN C 1438 -9.61 52.24 -16.35
N GLY C 1439 -10.08 53.34 -16.94
CA GLY C 1439 -9.21 54.40 -17.39
C GLY C 1439 -9.04 54.45 -18.89
N PRO C 1440 -8.32 55.45 -19.38
CA PRO C 1440 -8.02 55.53 -20.82
C PRO C 1440 -6.77 54.78 -21.22
N GLU C 1441 -6.91 53.79 -22.10
CA GLU C 1441 -5.74 53.10 -22.62
C GLU C 1441 -5.11 53.89 -23.74
N TRP C 1442 -3.94 53.42 -24.20
CA TRP C 1442 -3.37 53.74 -25.51
C TRP C 1442 -3.12 55.23 -25.74
N LEU C 1443 -2.07 55.76 -25.11
CA LEU C 1443 -1.58 57.12 -25.32
C LEU C 1443 -1.34 57.36 -26.81
N ILE C 1444 -2.16 58.22 -27.40
CA ILE C 1444 -2.22 58.42 -28.85
C ILE C 1444 -1.19 59.46 -29.26
N THR C 1445 -0.36 59.13 -30.24
CA THR C 1445 0.54 60.06 -30.89
C THR C 1445 0.28 60.00 -32.39
N ARG C 1446 0.24 61.17 -33.04
CA ARG C 1446 -0.25 61.25 -34.41
C ARG C 1446 0.77 60.68 -35.40
N GLY C 1447 2.05 61.01 -35.24
CA GLY C 1447 3.04 60.60 -36.22
C GLY C 1447 3.62 59.23 -36.00
N ASN C 1448 2.76 58.22 -35.84
CA ASN C 1448 3.19 56.84 -35.65
C ASN C 1448 2.33 55.92 -36.49
N ASN C 1449 2.85 54.74 -36.80
CA ASN C 1449 2.15 53.86 -37.72
C ASN C 1449 0.91 53.21 -37.10
N PRO C 1450 0.88 52.85 -35.80
CA PRO C 1450 -0.42 52.80 -35.14
C PRO C 1450 -0.70 54.15 -34.50
N GLU C 1451 -1.93 54.40 -34.08
CA GLU C 1451 -2.23 55.64 -33.37
C GLU C 1451 -1.59 55.64 -31.99
N ARG C 1452 -1.57 54.48 -31.34
CA ARG C 1452 -0.84 54.23 -30.12
C ARG C 1452 0.62 53.92 -30.42
N SER C 1453 1.32 53.39 -29.41
CA SER C 1453 2.60 52.70 -29.56
C SER C 1453 3.73 53.55 -30.10
N LEU C 1454 4.25 54.49 -29.31
CA LEU C 1454 5.36 55.31 -29.74
C LEU C 1454 6.64 54.50 -29.68
N THR C 1455 7.61 54.91 -30.50
CA THR C 1455 8.87 54.20 -30.65
C THR C 1455 9.89 54.73 -29.65
N LEU C 1456 10.51 53.81 -28.90
CA LEU C 1456 11.52 54.15 -27.91
C LEU C 1456 12.87 54.34 -28.58
N GLY C 1457 13.85 54.76 -27.78
CA GLY C 1457 15.19 54.98 -28.27
C GLY C 1457 16.13 53.84 -27.97
N VAL C 1458 17.44 54.03 -28.08
CA VAL C 1458 18.36 52.95 -27.71
C VAL C 1458 18.30 52.61 -26.26
N LEU C 1459 18.70 51.39 -25.89
CA LEU C 1459 18.69 50.96 -24.54
C LEU C 1459 19.82 50.00 -24.49
N GLU C 1460 20.95 50.37 -23.87
CA GLU C 1460 22.13 49.54 -23.86
C GLU C 1460 22.51 49.09 -22.52
N SER C 1461 23.47 48.25 -22.43
CA SER C 1461 23.78 47.58 -21.16
C SER C 1461 24.52 48.52 -20.22
N PRO C 1462 24.27 48.43 -18.92
CA PRO C 1462 24.95 49.32 -17.97
C PRO C 1462 26.39 48.88 -17.73
N ARG C 1463 27.27 49.87 -17.53
CA ARG C 1463 28.67 49.60 -17.32
C ARG C 1463 29.02 49.86 -15.86
N PRO C 1464 29.50 48.86 -15.13
CA PRO C 1464 29.98 49.13 -13.76
C PRO C 1464 31.26 49.95 -13.70
N ALA C 1465 32.01 50.07 -14.80
CA ALA C 1465 33.29 50.77 -14.78
C ALA C 1465 33.12 52.26 -14.51
N PHE C 1466 31.98 52.83 -14.89
CA PHE C 1466 31.67 54.21 -14.51
C PHE C 1466 31.40 54.30 -13.02
N SER C 1467 30.77 53.28 -12.45
CA SER C 1467 30.42 53.31 -11.03
C SER C 1467 31.64 53.07 -10.15
N ILE C 1468 32.46 52.08 -10.50
CA ILE C 1468 33.65 51.77 -9.69
C ILE C 1468 34.92 51.84 -10.53
N PRO C 1469 35.50 53.03 -10.72
CA PRO C 1469 36.82 53.13 -11.36
C PRO C 1469 37.92 52.98 -10.32
N ASP C 1470 39.16 52.76 -10.79
CA ASP C 1470 40.37 52.89 -9.97
C ASP C 1470 40.39 51.98 -8.76
N ASP C 1471 40.73 50.69 -8.98
CA ASP C 1471 40.24 49.51 -8.26
C ASP C 1471 39.93 49.72 -6.78
N GLU C 1472 40.74 50.51 -6.07
CA GLU C 1472 40.46 50.90 -4.69
C GLU C 1472 39.20 51.77 -4.59
N SER C 1473 38.05 51.14 -4.83
CA SER C 1473 36.74 51.77 -4.79
C SER C 1473 35.71 50.64 -4.71
N GLU C 1474 34.91 50.64 -3.65
CA GLU C 1474 33.99 49.54 -3.41
C GLU C 1474 32.65 49.82 -4.07
N ILE C 1475 31.81 48.79 -4.14
CA ILE C 1475 30.53 48.80 -4.85
C ILE C 1475 29.59 49.81 -4.20
N PRO C 1476 28.99 50.73 -4.97
CA PRO C 1476 28.17 51.79 -4.36
C PRO C 1476 26.89 51.30 -3.70
N GLY C 1477 26.15 50.42 -4.35
CA GLY C 1477 24.92 49.90 -3.76
C GLY C 1477 23.89 49.61 -4.83
N ARG C 1478 22.64 49.53 -4.39
CA ARG C 1478 21.56 49.15 -5.28
C ARG C 1478 21.14 50.33 -6.15
N LYS C 1479 20.89 50.06 -7.43
CA LYS C 1479 20.58 51.10 -8.40
C LYS C 1479 19.08 51.34 -8.45
N PHE C 1480 18.69 52.62 -8.38
CA PHE C 1480 17.30 53.02 -8.47
C PHE C 1480 17.16 54.13 -9.50
N TYR C 1481 15.96 54.23 -10.09
CA TYR C 1481 15.67 55.16 -11.17
C TYR C 1481 14.70 56.22 -10.69
N LEU C 1482 14.94 57.47 -11.10
CA LEU C 1482 14.16 58.60 -10.65
C LEU C 1482 12.79 58.66 -11.31
N HIS C 1483 11.92 59.48 -10.75
CA HIS C 1483 10.59 59.74 -11.30
C HIS C 1483 10.62 61.07 -12.03
N HIS C 1484 10.31 61.04 -13.32
CA HIS C 1484 10.34 62.25 -14.15
C HIS C 1484 9.54 62.02 -15.41
N ASN C 1485 9.02 63.10 -15.98
CA ASN C 1485 8.28 63.05 -17.24
C ASN C 1485 9.24 63.32 -18.41
N GLY C 1486 10.21 62.43 -18.55
CA GLY C 1486 11.13 62.48 -19.66
C GLY C 1486 10.63 61.76 -20.89
N TRP C 1487 9.43 61.20 -20.82
CA TRP C 1487 8.85 60.50 -21.96
C TRP C 1487 8.34 61.45 -23.03
N ARG C 1488 8.07 62.70 -22.66
CA ARG C 1488 7.61 63.68 -23.64
C ARG C 1488 8.71 64.04 -24.63
N ILE C 1489 9.96 63.98 -24.18
CA ILE C 1489 11.10 64.19 -25.07
C ILE C 1489 11.17 63.10 -26.13
N ILE C 1490 10.89 61.86 -25.74
CA ILE C 1490 10.81 60.76 -26.69
C ILE C 1490 9.57 60.93 -27.58
N ARG C 1491 8.48 61.44 -27.01
CA ARG C 1491 7.23 61.58 -27.74
C ARG C 1491 7.30 62.65 -28.81
N GLN C 1492 8.14 63.67 -28.63
CA GLN C 1492 8.32 64.70 -29.64
C GLN C 1492 9.55 64.47 -30.51
N LYS C 1493 10.30 63.40 -30.28
CA LYS C 1493 11.46 63.09 -31.10
C LYS C 1493 11.22 61.87 -31.99
N GLN C 1494 9.97 61.57 -32.32
CA GLN C 1494 9.64 60.37 -33.08
C GLN C 1494 10.16 60.47 -34.52
N LEU C 1495 10.14 61.68 -35.09
CA LEU C 1495 10.68 61.86 -36.43
C LEU C 1495 12.19 61.77 -36.45
N GLU C 1496 12.84 62.15 -35.36
CA GLU C 1496 14.29 62.12 -35.26
C GLU C 1496 14.79 60.81 -34.67
N ILE C 1497 13.89 59.87 -34.40
CA ILE C 1497 14.30 58.55 -33.91
C ILE C 1497 14.33 57.53 -35.04
N ARG C 1498 13.35 57.59 -35.94
CA ARG C 1498 13.32 56.69 -37.09
C ARG C 1498 14.48 56.97 -38.05
N GLU C 1499 14.80 58.24 -38.27
CA GLU C 1499 16.05 58.60 -38.91
C GLU C 1499 17.13 58.79 -37.86
N THR C 1500 18.39 58.71 -38.31
CA THR C 1500 19.67 58.84 -37.59
C THR C 1500 19.88 57.74 -36.54
N VAL C 1501 19.02 56.74 -36.46
CA VAL C 1501 19.19 55.59 -35.58
C VAL C 1501 18.84 54.35 -36.41
N GLN C 1502 19.69 53.32 -36.32
CA GLN C 1502 19.47 52.11 -37.09
C GLN C 1502 18.21 51.38 -36.60
N PRO C 1503 17.38 50.85 -37.50
CA PRO C 1503 16.10 50.26 -37.07
C PRO C 1503 16.26 48.94 -36.32
N GLU C 1504 17.43 48.31 -36.39
CA GLU C 1504 17.66 47.12 -35.58
C GLU C 1504 17.87 47.49 -34.12
N ARG C 1505 18.30 48.73 -33.85
CA ARG C 1505 18.67 49.12 -32.49
C ARG C 1505 17.45 49.34 -31.61
N ASN C 1506 16.48 50.11 -32.09
CA ASN C 1506 15.38 50.57 -31.25
C ASN C 1506 14.16 49.69 -31.43
N VAL C 1507 13.26 49.77 -30.46
CA VAL C 1507 12.10 48.89 -30.37
C VAL C 1507 10.84 49.75 -30.35
N THR C 1508 9.79 49.24 -30.98
CA THR C 1508 8.48 49.87 -30.96
C THR C 1508 7.54 49.06 -30.08
N THR C 1509 7.00 49.67 -29.04
CA THR C 1509 6.18 48.99 -28.04
C THR C 1509 4.87 49.73 -27.85
N GLU C 1510 3.81 48.98 -27.55
CA GLU C 1510 2.54 49.58 -27.19
C GLU C 1510 2.59 50.13 -25.76
N VAL C 1511 1.92 51.26 -25.55
CA VAL C 1511 1.96 51.95 -24.27
C VAL C 1511 0.55 52.20 -23.77
N MET C 1512 0.42 52.21 -22.45
CA MET C 1512 -0.84 52.58 -21.80
C MET C 1512 -0.69 53.98 -21.21
N ASP C 1513 -1.79 54.74 -21.24
CA ASP C 1513 -1.74 56.12 -20.77
C ASP C 1513 -1.71 56.15 -19.24
N LYS C 1514 -1.48 57.34 -18.70
CA LYS C 1514 -1.54 57.50 -17.26
C LYS C 1514 -3.00 57.53 -16.80
N GLY C 1515 -3.19 57.21 -15.53
CA GLY C 1515 -4.52 57.13 -14.97
C GLY C 1515 -5.19 55.78 -15.04
N ASN C 1516 -4.56 54.79 -15.67
CA ASN C 1516 -5.15 53.47 -15.79
C ASN C 1516 -5.06 52.73 -14.47
N VAL C 1517 -6.05 51.87 -14.23
CA VAL C 1517 -6.17 51.12 -12.97
C VAL C 1517 -6.01 49.63 -13.26
N PHE C 1518 -5.18 48.97 -12.46
CA PHE C 1518 -5.04 47.53 -12.46
C PHE C 1518 -5.39 47.01 -11.08
N SER C 1519 -5.69 45.73 -11.00
CA SER C 1519 -6.07 45.10 -9.74
C SER C 1519 -5.32 43.79 -9.56
N PHE C 1520 -4.79 43.56 -8.37
CA PHE C 1520 -4.07 42.33 -8.10
C PHE C 1520 -4.12 42.01 -6.61
N ASP C 1521 -3.85 40.76 -6.27
CA ASP C 1521 -3.90 40.29 -4.90
C ASP C 1521 -2.60 39.61 -4.51
N VAL C 1522 -2.25 39.76 -3.24
CA VAL C 1522 -1.06 39.16 -2.65
C VAL C 1522 -1.51 38.23 -1.54
N ARG C 1523 -1.21 36.95 -1.67
CA ARG C 1523 -1.58 35.95 -0.68
C ARG C 1523 -0.41 35.66 0.23
N PHE C 1524 -0.63 35.70 1.54
CA PHE C 1524 0.43 35.45 2.49
C PHE C 1524 -0.01 34.40 3.49
N GLU C 1525 0.96 33.70 4.05
CA GLU C 1525 0.69 32.69 5.07
C GLU C 1525 1.88 32.61 6.02
N ASN C 1526 1.58 32.33 7.29
CA ASN C 1526 2.55 32.26 8.39
C ASN C 1526 3.37 33.54 8.51
N LEU C 1527 2.68 34.67 8.52
CA LEU C 1527 3.36 35.96 8.60
C LEU C 1527 3.32 36.49 10.02
N ARG C 1528 4.47 36.97 10.49
CA ARG C 1528 4.51 37.71 11.75
C ARG C 1528 3.95 39.11 11.53
N GLU C 1529 3.67 39.79 12.65
CA GLU C 1529 2.96 41.07 12.59
C GLU C 1529 3.84 42.16 11.98
N TRP C 1530 5.11 42.19 12.34
CA TRP C 1530 6.00 43.20 11.78
C TRP C 1530 6.31 42.93 10.32
N GLU C 1531 6.31 41.66 9.92
CA GLU C 1531 6.52 41.32 8.51
C GLU C 1531 5.34 41.75 7.65
N LEU C 1532 4.11 41.57 8.15
CA LEU C 1532 2.95 42.05 7.43
C LEU C 1532 2.90 43.57 7.41
N GLY C 1533 3.37 44.20 8.49
CA GLY C 1533 3.45 45.66 8.51
C GLY C 1533 4.44 46.21 7.51
N LEU C 1534 5.61 45.56 7.39
CA LEU C 1534 6.60 46.00 6.43
C LEU C 1534 6.16 45.69 5.01
N LEU C 1535 5.40 44.62 4.81
CA LEU C 1535 4.83 44.34 3.49
C LEU C 1535 3.79 45.40 3.10
N LEU C 1536 2.96 45.80 4.05
CA LEU C 1536 1.97 46.84 3.78
C LEU C 1536 2.62 48.19 3.59
N GLN C 1537 3.78 48.41 4.22
CA GLN C 1537 4.52 49.65 3.99
C GLN C 1537 5.20 49.65 2.63
N SER C 1538 5.75 48.50 2.21
CA SER C 1538 6.41 48.43 0.92
C SER C 1538 5.41 48.47 -0.23
N LEU C 1539 4.18 48.01 0.03
CA LEU C 1539 3.13 48.12 -0.98
C LEU C 1539 2.71 49.57 -1.18
N ASP C 1540 2.61 50.33 -0.10
CA ASP C 1540 2.16 51.73 -0.16
C ASP C 1540 2.94 52.53 0.87
N PRO C 1541 4.05 53.16 0.46
CA PRO C 1541 4.88 53.87 1.44
C PRO C 1541 4.29 55.18 1.92
N GLY C 1542 3.53 55.86 1.08
CA GLY C 1542 2.85 57.06 1.52
C GLY C 1542 2.41 57.89 0.33
N LYS C 1543 1.96 59.09 0.65
CA LYS C 1543 1.72 60.09 -0.38
C LYS C 1543 3.05 60.52 -0.98
N ASN C 1544 3.01 60.98 -2.23
CA ASN C 1544 4.13 61.34 -3.12
C ASN C 1544 5.25 60.30 -3.20
N ILE C 1545 5.00 59.03 -2.89
CA ILE C 1545 5.98 57.97 -3.04
C ILE C 1545 5.38 56.88 -3.92
N ALA C 1546 6.11 56.49 -4.96
CA ALA C 1546 5.62 55.50 -5.91
C ALA C 1546 6.75 54.55 -6.29
N HIS C 1547 6.41 53.56 -7.12
CA HIS C 1547 7.34 52.55 -7.58
C HIS C 1547 7.59 52.71 -9.08
N LYS C 1548 8.64 52.04 -9.55
CA LYS C 1548 8.99 52.00 -10.96
C LYS C 1548 8.82 50.58 -11.47
N LEU C 1549 8.09 50.42 -12.59
CA LEU C 1549 7.78 49.11 -13.13
C LEU C 1549 7.75 49.16 -14.64
N GLY C 1550 8.42 48.23 -15.28
CA GLY C 1550 8.32 48.07 -16.72
C GLY C 1550 9.56 48.55 -17.46
N LYS C 1551 9.38 48.73 -18.76
CA LYS C 1551 10.45 49.15 -19.65
C LYS C 1551 10.58 50.67 -19.65
N GLY C 1552 11.79 51.14 -19.97
CA GLY C 1552 12.04 52.56 -20.09
C GLY C 1552 11.99 53.33 -18.80
N LYS C 1553 12.50 52.76 -17.73
CA LYS C 1553 12.61 53.47 -16.45
C LYS C 1553 13.56 54.66 -16.46
N PRO C 1554 14.75 54.62 -17.11
CA PRO C 1554 15.55 55.87 -17.15
C PRO C 1554 14.96 56.94 -18.04
N TYR C 1555 14.24 56.54 -19.09
CA TYR C 1555 13.58 57.52 -19.95
C TYR C 1555 12.37 58.12 -19.26
N GLY C 1556 11.82 57.43 -18.26
CA GLY C 1556 10.80 58.00 -17.41
C GLY C 1556 9.52 57.20 -17.34
N PHE C 1557 9.38 56.11 -18.09
CA PHE C 1557 8.14 55.35 -18.13
C PHE C 1557 7.99 54.50 -16.88
N GLY C 1558 6.74 54.29 -16.49
CA GLY C 1558 6.40 53.19 -15.61
C GLY C 1558 6.21 53.51 -14.15
N SER C 1559 6.03 54.77 -13.78
CA SER C 1559 5.73 55.08 -12.39
C SER C 1559 4.31 54.64 -12.04
N VAL C 1560 4.21 53.78 -11.04
CA VAL C 1560 2.92 53.24 -10.61
C VAL C 1560 2.78 53.43 -9.10
N LYS C 1561 1.53 53.58 -8.67
CA LYS C 1561 1.20 53.80 -7.27
C LYS C 1561 0.17 52.77 -6.85
N ILE C 1562 0.42 52.09 -5.73
CA ILE C 1562 -0.40 50.97 -5.28
C ILE C 1562 -1.21 51.41 -4.08
N LYS C 1563 -2.52 51.20 -4.14
CA LYS C 1563 -3.45 51.48 -3.05
C LYS C 1563 -3.97 50.16 -2.50
N ILE C 1564 -4.03 50.05 -1.17
CA ILE C 1564 -4.49 48.84 -0.51
C ILE C 1564 -6.00 48.93 -0.38
N ASP C 1565 -6.71 48.18 -1.21
CA ASP C 1565 -8.17 48.21 -1.19
C ASP C 1565 -8.70 47.46 0.03
N SER C 1566 -8.19 46.26 0.28
CA SER C 1566 -8.73 45.46 1.37
C SER C 1566 -7.68 44.49 1.88
N LEU C 1567 -7.88 44.04 3.11
CA LEU C 1567 -7.03 43.06 3.76
C LEU C 1567 -7.93 42.05 4.46
N HIS C 1568 -7.72 40.77 4.19
CA HIS C 1568 -8.44 39.70 4.86
C HIS C 1568 -7.45 38.76 5.54
N THR C 1569 -7.82 38.32 6.74
CA THR C 1569 -7.01 37.40 7.53
C THR C 1569 -7.89 36.30 8.07
N PHE C 1570 -7.46 35.05 7.88
CA PHE C 1570 -8.22 33.90 8.33
C PHE C 1570 -7.44 33.15 9.40
N LYS C 1571 -8.14 32.24 10.08
CA LYS C 1571 -7.58 31.42 11.14
C LYS C 1571 -8.10 30.00 11.01
N ILE C 1572 -7.27 29.04 11.39
CA ILE C 1572 -7.67 27.64 11.43
C ILE C 1572 -7.70 27.14 12.87
N ASP C 1577 -12.60 29.63 11.94
CA ASP C 1577 -12.87 29.13 10.60
C ASP C 1577 -13.72 30.12 9.81
N LYS C 1578 -13.36 31.40 9.89
CA LYS C 1578 -14.11 32.46 9.22
C LYS C 1578 -13.13 33.42 8.55
N ILE C 1579 -13.68 34.32 7.74
CA ILE C 1579 -12.91 35.30 7.00
C ILE C 1579 -13.14 36.67 7.62
N LYS C 1580 -12.07 37.30 8.11
CA LYS C 1580 -12.18 38.59 8.75
C LYS C 1580 -12.10 39.73 7.74
N ARG C 1581 -12.37 40.93 8.22
CA ARG C 1581 -12.29 42.15 7.42
C ARG C 1581 -11.14 43.07 7.85
N VAL C 1582 -10.75 43.03 9.12
CA VAL C 1582 -9.64 43.76 9.77
C VAL C 1582 -9.67 45.27 9.44
N PRO C 1583 -10.47 46.04 10.16
CA PRO C 1583 -10.63 47.46 9.83
C PRO C 1583 -9.36 48.28 10.01
N GLN C 1584 -9.47 49.57 9.68
CA GLN C 1584 -8.32 50.42 9.37
C GLN C 1584 -7.42 50.66 10.59
N SER C 1585 -7.96 50.48 11.80
CA SER C 1585 -7.17 50.72 13.01
C SER C 1585 -6.08 49.68 13.19
N ASP C 1586 -6.34 48.43 12.81
CA ASP C 1586 -5.40 47.36 13.09
C ASP C 1586 -4.24 47.36 12.09
N ILE C 1587 -4.47 47.87 10.88
CA ILE C 1587 -3.39 47.90 9.90
C ILE C 1587 -2.37 48.97 10.27
N ARG C 1588 -2.82 50.03 10.95
CA ARG C 1588 -1.90 51.02 11.47
C ARG C 1588 -1.09 50.45 12.63
N GLU C 1589 -1.71 49.56 13.41
CA GLU C 1589 -0.98 48.84 14.45
C GLU C 1589 0.08 47.91 13.85
N TYR C 1590 -0.24 47.26 12.74
CA TYR C 1590 0.72 46.38 12.07
C TYR C 1590 1.90 47.17 11.50
N ILE C 1591 1.61 48.33 10.87
CA ILE C 1591 2.68 49.16 10.32
C ILE C 1591 3.54 49.77 11.43
N ASN C 1592 2.89 50.14 12.55
CA ASN C 1592 3.63 50.67 13.69
C ASN C 1592 4.51 49.61 14.33
N LYS C 1593 4.04 48.36 14.35
CA LYS C 1593 4.87 47.27 14.86
C LYS C 1593 6.02 46.97 13.91
N GLY C 1594 5.81 47.18 12.60
CA GLY C 1594 6.90 47.00 11.65
C GLY C 1594 7.96 48.07 11.76
N TYR C 1595 7.56 49.30 12.13
CA TYR C 1595 8.52 50.39 12.26
C TYR C 1595 9.49 50.18 13.43
N GLN C 1596 8.99 49.61 14.53
CA GLN C 1596 9.83 49.37 15.71
C GLN C 1596 10.91 48.34 15.42
N LYS C 1597 10.66 47.41 14.49
CA LYS C 1597 11.67 46.41 14.15
C LYS C 1597 12.85 47.04 13.43
N LEU C 1598 12.59 48.00 12.55
CA LEU C 1598 13.68 48.70 11.88
C LEU C 1598 14.41 49.62 12.86
N ILE C 1599 13.69 50.21 13.81
CA ILE C 1599 14.31 51.00 14.87
C ILE C 1599 15.25 50.12 15.71
N GLU C 1600 14.80 48.91 16.03
CA GLU C 1600 15.60 47.98 16.82
C GLU C 1600 16.80 47.47 16.02
N TRP C 1601 16.64 47.29 14.71
CA TRP C 1601 17.74 46.81 13.90
C TRP C 1601 18.79 47.88 13.67
N SER C 1602 18.38 49.16 13.64
CA SER C 1602 19.33 50.23 13.41
C SER C 1602 20.28 50.42 14.58
N GLY C 1603 19.80 50.15 15.79
CA GLY C 1603 20.59 50.34 16.99
C GLY C 1603 20.48 51.71 17.62
N ASN C 1604 19.99 52.70 16.88
CA ASN C 1604 19.83 54.06 17.40
C ASN C 1604 18.41 54.23 17.94
N ASN C 1605 18.21 53.71 19.15
CA ASN C 1605 16.90 53.75 19.79
C ASN C 1605 16.51 55.16 20.22
N VAL C 1612 3.14 57.15 18.18
CA VAL C 1612 3.21 58.20 17.18
C VAL C 1612 2.99 57.58 15.80
N LEU C 1613 2.44 58.36 14.88
CA LEU C 1613 2.44 57.98 13.47
C LEU C 1613 3.89 57.95 12.98
N PRO C 1614 4.33 56.89 12.32
CA PRO C 1614 5.77 56.70 12.10
C PRO C 1614 6.34 57.67 11.06
N GLN C 1615 7.44 58.30 11.42
CA GLN C 1615 8.20 59.15 10.51
C GLN C 1615 9.34 58.30 9.97
N TRP C 1616 9.24 57.90 8.70
CA TRP C 1616 10.17 56.92 8.15
C TRP C 1616 11.51 57.55 7.80
N HIS C 1617 11.54 58.87 7.63
CA HIS C 1617 12.80 59.52 7.26
C HIS C 1617 13.76 59.68 8.44
N VAL C 1618 13.33 59.30 9.65
CA VAL C 1618 14.21 59.37 10.81
C VAL C 1618 15.35 58.37 10.68
N ILE C 1619 15.03 57.15 10.26
CA ILE C 1619 16.04 56.14 9.94
C ILE C 1619 16.84 56.61 8.72
N PRO C 1620 18.17 56.51 8.72
CA PRO C 1620 18.95 57.15 7.65
C PRO C 1620 18.79 56.55 6.26
N HIS C 1621 18.83 55.23 6.12
CA HIS C 1621 18.79 54.64 4.79
C HIS C 1621 17.38 54.70 4.19
N ILE C 1622 16.35 54.77 5.03
CA ILE C 1622 14.99 54.81 4.52
C ILE C 1622 14.67 56.17 3.91
N ASP C 1623 15.27 57.25 4.44
CA ASP C 1623 15.09 58.56 3.83
C ASP C 1623 15.78 58.64 2.48
N LYS C 1624 17.00 58.10 2.39
CA LYS C 1624 17.72 58.03 1.12
C LYS C 1624 17.00 57.15 0.11
N LEU C 1625 16.30 56.12 0.59
CA LEU C 1625 15.47 55.29 -0.28
C LEU C 1625 14.25 56.05 -0.76
N TYR C 1626 13.57 56.75 0.15
CA TYR C 1626 12.28 57.34 -0.18
C TYR C 1626 12.42 58.60 -1.01
N LYS C 1627 13.55 59.31 -0.93
CA LYS C 1627 13.72 60.45 -1.81
C LYS C 1627 13.98 60.00 -3.24
N LEU C 1628 14.51 58.80 -3.42
CA LEU C 1628 14.62 58.21 -4.75
C LEU C 1628 13.25 57.81 -5.28
N LEU C 1629 12.34 57.40 -4.41
CA LEU C 1629 11.01 56.98 -4.79
C LEU C 1629 10.01 58.11 -4.72
N TRP C 1630 10.46 59.34 -4.57
CA TRP C 1630 9.57 60.48 -4.38
C TRP C 1630 9.20 61.08 -5.74
N VAL C 1631 7.90 61.24 -5.97
CA VAL C 1631 7.39 61.79 -7.23
C VAL C 1631 7.29 63.30 -7.10
N PRO C 1632 7.90 64.07 -7.99
CA PRO C 1632 7.94 65.53 -7.84
C PRO C 1632 6.83 66.29 -8.55
N PHE C 1633 5.77 65.63 -9.01
CA PHE C 1633 4.73 66.32 -9.77
C PHE C 1633 3.33 65.86 -9.36
N LEU C 1634 3.16 65.33 -8.16
CA LEU C 1634 1.89 64.72 -7.80
C LEU C 1634 0.90 65.76 -7.28
N ASN C 1635 1.31 66.57 -6.32
CA ASN C 1635 0.44 67.62 -5.80
C ASN C 1635 0.67 68.95 -6.47
N ASP C 1636 0.07 69.17 -7.63
CA ASP C 1636 0.15 70.47 -8.32
C ASP C 1636 1.53 70.96 -8.73
N SER C 1637 2.52 70.88 -7.87
CA SER C 1637 3.81 71.48 -8.17
C SER C 1637 4.17 71.43 -9.61
N LYS C 1638 4.51 72.58 -10.15
CA LYS C 1638 4.96 72.60 -11.52
C LYS C 1638 6.40 72.26 -11.47
N LEU C 1639 6.77 71.39 -10.55
CA LEU C 1639 8.11 70.97 -10.51
C LEU C 1639 8.24 69.91 -11.55
N GLU C 1640 8.99 70.19 -12.60
CA GLU C 1640 9.23 69.21 -13.63
C GLU C 1640 10.70 69.08 -13.93
N PRO C 1641 11.39 68.28 -13.17
CA PRO C 1641 12.81 68.15 -13.37
C PRO C 1641 13.32 67.59 -14.70
N ASP C 1642 14.49 67.95 -15.18
CA ASP C 1642 15.09 67.46 -16.42
C ASP C 1642 16.07 66.36 -16.05
N VAL C 1643 15.80 65.15 -16.53
CA VAL C 1643 16.56 63.96 -16.18
C VAL C 1643 17.02 63.29 -17.47
N ARG C 1644 18.33 63.20 -17.67
CA ARG C 1644 18.89 62.65 -18.91
C ARG C 1644 20.34 62.26 -18.69
N TYR C 1645 20.93 61.63 -19.72
CA TYR C 1645 22.30 61.15 -19.83
C TYR C 1645 23.13 62.10 -20.68
N PRO C 1646 24.42 62.06 -20.35
CA PRO C 1646 25.27 62.84 -21.16
C PRO C 1646 25.31 62.26 -22.53
N VAL C 1647 25.86 62.96 -23.49
CA VAL C 1647 25.92 62.52 -24.84
C VAL C 1647 27.38 62.47 -25.02
N LEU C 1648 27.96 61.31 -25.28
CA LEU C 1648 29.40 61.18 -25.38
C LEU C 1648 29.91 62.05 -26.45
N ASN C 1649 31.08 62.64 -26.28
CA ASN C 1649 31.62 63.58 -27.23
C ASN C 1649 30.65 64.67 -27.52
N GLU C 1650 31.17 65.78 -27.94
CA GLU C 1650 30.30 66.83 -28.34
C GLU C 1650 29.99 66.37 -29.66
N GLU C 1651 29.65 67.25 -30.56
CA GLU C 1651 29.51 66.76 -31.92
C GLU C 1651 28.64 65.56 -32.00
N SER C 1652 27.93 65.31 -30.94
CA SER C 1652 27.08 64.12 -30.92
C SER C 1652 25.65 64.59 -31.05
N LYS C 1653 24.80 63.76 -31.65
CA LYS C 1653 23.40 64.11 -31.83
C LYS C 1653 22.68 64.20 -30.49
N GLY C 1654 21.91 65.27 -30.32
CA GLY C 1654 21.21 65.52 -29.07
C GLY C 1654 21.90 66.49 -28.14
N TYR C 1655 22.92 67.20 -28.62
CA TYR C 1655 23.68 68.10 -27.77
C TYR C 1655 22.87 69.34 -27.41
N ILE C 1656 23.06 69.80 -26.18
CA ILE C 1656 22.44 71.03 -25.68
C ILE C 1656 23.51 72.11 -25.70
N GLU C 1657 23.12 73.30 -26.16
CA GLU C 1657 23.95 74.33 -26.81
C GLU C 1657 25.32 74.60 -26.21
N GLY C 1658 25.37 75.01 -24.95
CA GLY C 1658 26.62 75.31 -24.28
C GLY C 1658 26.71 74.66 -22.93
N SER C 1659 26.25 73.40 -22.85
CA SER C 1659 26.07 72.75 -21.57
C SER C 1659 27.39 72.32 -20.94
N ASP C 1660 28.37 71.94 -21.77
CA ASP C 1660 29.59 71.22 -21.34
C ASP C 1660 29.21 69.97 -20.55
N TYR C 1661 28.27 69.21 -21.11
CA TYR C 1661 27.66 68.07 -20.44
C TYR C 1661 27.81 66.85 -21.35
N THR C 1662 29.00 66.27 -21.33
CA THR C 1662 29.34 65.04 -22.05
C THR C 1662 30.21 64.21 -21.13
N TYR C 1663 30.28 62.89 -21.41
CA TYR C 1663 31.10 62.00 -20.60
C TYR C 1663 32.60 62.28 -20.79
N LYS C 1664 32.98 62.92 -21.90
CA LYS C 1664 34.37 63.28 -22.10
C LYS C 1664 34.82 64.36 -21.10
N LYS C 1665 33.93 65.31 -20.82
CA LYS C 1665 34.23 66.39 -19.89
C LYS C 1665 33.80 66.08 -18.46
N LEU C 1666 33.21 64.91 -18.22
CA LEU C 1666 32.68 64.56 -16.91
C LEU C 1666 33.36 63.34 -16.32
N GLY C 1667 34.36 62.79 -16.99
CA GLY C 1667 34.95 61.55 -16.56
C GLY C 1667 36.45 61.40 -16.71
N ASP C 1668 37.20 62.48 -16.57
CA ASP C 1668 38.61 62.45 -16.97
C ASP C 1668 39.62 62.87 -15.89
N LYS C 1669 39.26 62.59 -14.66
CA LYS C 1669 40.18 62.83 -13.56
C LYS C 1669 40.90 64.17 -13.56
N ASP C 1670 40.26 65.25 -13.98
CA ASP C 1670 40.82 66.58 -13.85
C ASP C 1670 39.61 67.34 -13.45
N ASN C 1671 38.60 67.29 -14.29
CA ASN C 1671 37.34 67.96 -14.03
C ASN C 1671 36.63 67.35 -12.84
N LEU C 1672 36.00 66.20 -12.99
CA LEU C 1672 35.37 65.56 -11.87
C LEU C 1672 36.34 64.61 -11.34
N PRO C 1673 36.79 64.84 -10.13
CA PRO C 1673 37.74 63.97 -9.48
C PRO C 1673 36.94 62.75 -9.08
N TYR C 1674 37.45 61.55 -9.25
CA TYR C 1674 36.67 60.35 -9.03
C TYR C 1674 35.85 60.37 -7.82
N LYS C 1675 36.46 60.48 -6.68
CA LYS C 1675 35.72 60.40 -5.50
C LYS C 1675 34.49 61.28 -5.57
N THR C 1676 34.53 62.45 -6.15
CA THR C 1676 33.39 63.34 -6.33
C THR C 1676 32.33 62.70 -7.22
N ARG C 1677 32.76 61.88 -8.19
CA ARG C 1677 31.80 61.19 -9.04
C ARG C 1677 31.07 60.09 -8.28
N VAL C 1678 31.79 59.36 -7.42
CA VAL C 1678 31.15 58.34 -6.60
C VAL C 1678 30.19 58.98 -5.59
N LYS C 1679 30.55 60.17 -5.09
CA LYS C 1679 29.62 60.93 -4.25
C LYS C 1679 28.41 61.39 -5.04
N GLY C 1680 28.60 61.74 -6.31
CA GLY C 1680 27.48 62.17 -7.13
C GLY C 1680 26.53 61.05 -7.47
N LEU C 1681 27.05 59.82 -7.61
CA LEU C 1681 26.21 58.68 -7.89
C LEU C 1681 25.54 58.09 -6.65
N THR C 1682 25.91 58.53 -5.45
CA THR C 1682 25.41 57.95 -4.21
C THR C 1682 24.42 58.88 -3.48
N THR C 1683 24.40 60.17 -3.79
CA THR C 1683 23.46 61.09 -3.17
C THR C 1683 22.30 61.33 -4.12
N PRO C 1684 21.07 61.00 -3.72
CA PRO C 1684 19.94 61.07 -4.65
C PRO C 1684 19.55 62.49 -5.02
N TRP C 1685 19.14 62.66 -6.28
CA TRP C 1685 18.69 63.91 -6.88
C TRP C 1685 19.74 65.01 -6.81
N SER C 1686 21.02 64.65 -6.81
CA SER C 1686 22.06 65.66 -6.85
C SER C 1686 22.15 66.24 -8.26
N PRO C 1687 22.22 67.56 -8.41
CA PRO C 1687 22.38 68.17 -9.74
C PRO C 1687 23.69 67.81 -10.38
N TRP C 1688 23.69 67.50 -11.67
CA TRP C 1688 24.88 66.99 -12.34
C TRP C 1688 25.44 67.91 -13.41
N ASN C 1689 24.61 68.74 -14.07
CA ASN C 1689 25.18 69.65 -15.06
C ASN C 1689 25.81 70.89 -14.41
N PRO C 1690 25.19 71.56 -13.42
CA PRO C 1690 26.01 72.47 -12.60
C PRO C 1690 26.95 71.73 -11.67
N PHE C 1691 26.63 70.47 -11.36
CA PHE C 1691 27.42 69.53 -10.58
C PHE C 1691 27.72 70.01 -9.17
N GLN C 1692 26.67 70.13 -8.34
CA GLN C 1692 26.88 70.37 -6.92
C GLN C 1692 27.18 69.07 -6.18
ZN ZN E . -13.03 -51.67 -11.27
ZN ZN F . -10.66 -20.93 1.87
ZN ZN G . 0.47 9.09 10.85
ZN ZN H . 19.43 36.65 1.54
#